data_8IH7
#
_entry.id   8IH7
#
_cell.length_a   55.029
_cell.length_b   252.288
_cell.length_c   60.785
_cell.angle_alpha   90.00
_cell.angle_beta   114.94
_cell.angle_gamma   90.00
#
_symmetry.space_group_name_H-M   'P 1 21 1'
#
loop_
_entity.id
_entity.type
_entity.pdbx_description
1 polymer '4-hydroxy-2-oxovalerate aldolase'
2 polymer 'Acetaldehyde dehydrogenase'
3 non-polymer 'ZINC ION'
4 non-polymer 'OXALATE ION'
5 water water
#
loop_
_entity_poly.entity_id
_entity_poly.type
_entity_poly.pdbx_seq_one_letter_code
_entity_poly.pdbx_strand_id
1 'polypeptide(L)'
;HHHHHHLVPRGSMIDQAKKIYISDVTLRDGMHAIRHRYTLNHVSQIARALDEAGVDSIEVAHGDGLKGSSFNYGFGAYSD
LEWISAAAEAVKQAKIATLLLPGIGTVHDLREAYDAGARVVRVATHCTEADVSRQHIEYARGLGMDTVGFLMMSHMQTPV
GLAQQAKLMENYGAQCIYVVDSGGAMNMWDIAERFKALKDVLDPATQTGMHAHHNLSLGVANSLVALENGCDRVDASLTG
MGAGAGNAPLEVFIAAAERMGLNHGCDVKKLINAAEDIVRPLQERPVRVDRETLALGYAGVYSSFLRHAETAAKKYNLSA
FDILVELGKRRMIGGQEDMIVDVALDMAKGRVLPT
;
A,C
2 'polypeptide(L)'
;LNWMSDDRLSVAIIGSGNIGTDLMIKIMRNSKLLKVGAMVGIDPKSDGLARAQRLGVPTTAEGVDGLLDMPAFRDIKIAF
DATSAGAQAIHNQKLQAHGVRVIDLTPAAIGPYVIPVVNFDQHVDAPNINMVTCGGQATIPIVHAVSKVSPVHYAEIVAS
ISSKSAGPGTRANIDEFTETTSKAILEVGGAAQGRAIIILNPAEPPLIMRDTVYCFVSAEANIDAITDSVEQMVKSVQEY
VPGYRLKQKVQFEKIVAGNEQNIPGLGWSTGLKVSVFLEVEGAGHYLPSYAGNLDIMTSAGLTVAERIAGSGVQVGGLK
;
B,D
#
# COMPACT_ATOMS: atom_id res chain seq x y z
N GLY A 11 21.44 -8.38 3.13
CA GLY A 11 20.06 -8.20 3.56
C GLY A 11 19.22 -9.48 3.70
N SER A 12 18.73 -10.00 2.56
CA SER A 12 17.82 -11.12 2.54
C SER A 12 18.52 -12.39 2.03
N MET A 13 17.78 -13.50 2.03
CA MET A 13 18.28 -14.77 1.53
C MET A 13 17.74 -15.11 0.13
N ILE A 14 17.16 -14.12 -0.56
CA ILE A 14 16.73 -14.32 -1.94
C ILE A 14 17.95 -14.44 -2.84
N ASP A 15 17.89 -15.36 -3.80
CA ASP A 15 18.92 -15.44 -4.84
C ASP A 15 18.70 -14.30 -5.82
N GLN A 16 19.55 -13.27 -5.74
CA GLN A 16 19.45 -12.13 -6.64
C GLN A 16 19.64 -12.51 -8.10
N ALA A 17 20.14 -13.70 -8.36
CA ALA A 17 20.35 -14.18 -9.72
C ALA A 17 19.20 -14.99 -10.26
N LYS A 18 18.33 -15.51 -9.39
CA LYS A 18 17.23 -16.32 -9.86
C LYS A 18 16.20 -15.42 -10.57
N LYS A 19 15.84 -15.83 -11.80
CA LYS A 19 14.84 -15.12 -12.56
C LYS A 19 13.50 -15.15 -11.83
N ILE A 20 12.91 -13.98 -11.67
CA ILE A 20 11.54 -13.90 -11.19
C ILE A 20 10.64 -13.92 -12.40
N TYR A 21 9.80 -14.93 -12.51
CA TYR A 21 8.79 -14.94 -13.55
C TYR A 21 7.75 -13.87 -13.20
N ILE A 22 7.51 -12.95 -14.13
CA ILE A 22 6.59 -11.81 -13.86
C ILE A 22 5.27 -12.00 -14.63
N SER A 23 4.21 -12.33 -13.91
CA SER A 23 2.86 -12.54 -14.52
C SER A 23 1.99 -11.32 -14.20
N ASP A 24 1.59 -10.61 -15.24
CA ASP A 24 0.74 -9.43 -15.02
C ASP A 24 -0.73 -9.84 -15.09
N VAL A 25 -1.53 -9.33 -14.18
CA VAL A 25 -2.95 -9.65 -14.16
C VAL A 25 -3.79 -8.40 -14.43
N THR A 26 -3.18 -7.36 -14.98
CA THR A 26 -3.87 -6.09 -15.20
C THR A 26 -5.16 -6.26 -15.98
N LEU A 27 -5.14 -7.12 -16.99
CA LEU A 27 -6.33 -7.30 -17.86
C LEU A 27 -7.12 -8.56 -17.44
N ARG A 28 -7.11 -8.91 -16.16
CA ARG A 28 -7.96 -10.03 -15.68
C ARG A 28 -8.45 -9.68 -14.27
N ASP A 29 -7.57 -9.67 -13.27
CA ASP A 29 -7.99 -9.21 -11.93
C ASP A 29 -8.36 -7.74 -12.06
N GLY A 30 -7.61 -7.00 -12.87
CA GLY A 30 -7.97 -5.62 -13.10
C GLY A 30 -9.32 -5.43 -13.76
N MET A 31 -9.89 -6.49 -14.34
CA MET A 31 -11.25 -6.38 -14.86
C MET A 31 -12.19 -5.93 -13.74
N HIS A 32 -11.99 -6.47 -12.52
CA HIS A 32 -12.87 -6.14 -11.42
C HIS A 32 -12.87 -4.66 -11.10
N ALA A 33 -11.75 -3.96 -11.33
CA ALA A 33 -11.70 -2.53 -11.04
C ALA A 33 -12.53 -1.74 -12.03
N ILE A 34 -12.69 -2.27 -13.25
CA ILE A 34 -13.35 -1.57 -14.34
C ILE A 34 -14.68 -2.26 -14.75
N ARG A 35 -15.30 -3.01 -13.82
CA ARG A 35 -16.54 -3.77 -14.07
C ARG A 35 -16.51 -4.55 -15.38
N HIS A 36 -15.34 -5.08 -15.71
CA HIS A 36 -15.16 -5.95 -16.87
C HIS A 36 -15.49 -5.23 -18.18
N ARG A 37 -15.29 -3.91 -18.21
CA ARG A 37 -15.62 -3.10 -19.37
C ARG A 37 -14.38 -2.67 -20.16
N TYR A 38 -13.23 -3.30 -19.92
CA TYR A 38 -12.06 -3.09 -20.77
C TYR A 38 -12.45 -3.27 -22.24
N THR A 39 -12.05 -2.31 -23.07
CA THR A 39 -12.32 -2.44 -24.49
C THR A 39 -11.21 -3.25 -25.15
N LEU A 40 -11.46 -3.64 -26.40
CA LEU A 40 -10.42 -4.34 -27.15
C LEU A 40 -9.20 -3.45 -27.31
N ASN A 41 -9.40 -2.15 -27.27
CA ASN A 41 -8.31 -1.19 -27.42
C ASN A 41 -7.53 -1.03 -26.13
N HIS A 42 -8.20 -1.07 -24.99
CA HIS A 42 -7.45 -1.12 -23.73
C HIS A 42 -6.55 -2.34 -23.72
N VAL A 43 -7.09 -3.50 -24.10
CA VAL A 43 -6.32 -4.74 -24.06
C VAL A 43 -5.07 -4.61 -24.93
N SER A 44 -5.24 -4.11 -26.15
CA SER A 44 -4.13 -4.07 -27.10
C SER A 44 -3.04 -3.11 -26.64
N GLN A 45 -3.46 -1.96 -26.12
CA GLN A 45 -2.50 -0.95 -25.70
C GLN A 45 -1.77 -1.39 -24.44
N ILE A 46 -2.50 -1.96 -23.49
CA ILE A 46 -1.93 -2.35 -22.21
C ILE A 46 -1.07 -3.61 -22.37
N ALA A 47 -1.54 -4.57 -23.17
CA ALA A 47 -0.76 -5.76 -23.44
C ALA A 47 0.55 -5.39 -24.15
N ARG A 48 0.48 -4.50 -25.14
CA ARG A 48 1.70 -4.07 -25.83
C ARG A 48 2.66 -3.34 -24.90
N ALA A 49 2.12 -2.44 -24.07
CA ALA A 49 3.00 -1.76 -23.11
C ALA A 49 3.63 -2.76 -22.16
N LEU A 50 2.82 -3.65 -21.59
CA LEU A 50 3.36 -4.66 -20.68
C LEU A 50 4.38 -5.54 -21.38
N ASP A 51 4.07 -5.96 -22.61
CA ASP A 51 4.95 -6.84 -23.37
C ASP A 51 6.29 -6.16 -23.64
N GLU A 52 6.25 -4.89 -24.09
CA GLU A 52 7.48 -4.16 -24.38
C GLU A 52 8.27 -3.78 -23.14
N ALA A 53 7.70 -3.93 -21.94
CA ALA A 53 8.45 -3.70 -20.71
C ALA A 53 9.12 -4.96 -20.16
N GLY A 54 8.92 -6.12 -20.77
CA GLY A 54 9.65 -7.32 -20.40
C GLY A 54 8.95 -8.36 -19.53
N VAL A 55 7.66 -8.18 -19.27
CA VAL A 55 6.87 -9.17 -18.48
C VAL A 55 6.88 -10.53 -19.18
N ASP A 56 6.74 -11.61 -18.41
CA ASP A 56 6.77 -12.98 -18.96
C ASP A 56 5.37 -13.39 -19.41
N SER A 57 4.35 -12.93 -18.69
CA SER A 57 2.96 -13.27 -19.07
C SER A 57 1.98 -12.12 -18.83
N ILE A 58 0.93 -12.05 -19.64
CA ILE A 58 -0.14 -11.05 -19.44
C ILE A 58 -1.45 -11.84 -19.36
N GLU A 59 -2.16 -11.76 -18.24
CA GLU A 59 -3.40 -12.56 -18.04
C GLU A 59 -4.61 -11.83 -18.60
N VAL A 60 -5.35 -12.49 -19.49
CA VAL A 60 -6.53 -11.91 -20.11
C VAL A 60 -7.70 -12.84 -19.90
N ALA A 61 -8.76 -12.31 -19.25
CA ALA A 61 -10.04 -12.99 -19.02
C ALA A 61 -10.98 -12.03 -18.28
N HIS A 62 -12.25 -12.38 -18.25
CA HIS A 62 -13.19 -11.70 -17.34
C HIS A 62 -12.63 -11.79 -15.92
N GLY A 63 -13.03 -10.86 -15.05
CA GLY A 63 -12.56 -10.85 -13.66
C GLY A 63 -12.56 -12.22 -13.01
N ASP A 64 -13.66 -12.97 -13.19
CA ASP A 64 -13.87 -14.29 -12.62
C ASP A 64 -13.44 -15.41 -13.57
N GLY A 65 -12.56 -15.13 -14.52
CA GLY A 65 -12.02 -16.17 -15.36
C GLY A 65 -12.91 -16.42 -16.56
N LEU A 66 -12.54 -17.43 -17.33
CA LEU A 66 -13.30 -17.75 -18.53
C LEU A 66 -14.77 -17.93 -18.22
N LYS A 67 -15.63 -17.29 -19.03
CA LYS A 67 -17.08 -17.22 -18.81
C LYS A 67 -17.43 -16.69 -17.43
N GLY A 68 -16.58 -15.83 -16.88
CA GLY A 68 -16.99 -15.05 -15.73
C GLY A 68 -18.23 -14.21 -15.99
N SER A 69 -18.45 -13.82 -17.24
CA SER A 69 -19.54 -12.92 -17.60
C SER A 69 -20.89 -13.52 -17.24
N SER A 70 -21.66 -12.77 -16.46
CA SER A 70 -22.86 -13.30 -15.84
C SER A 70 -23.55 -12.17 -15.08
N PHE A 71 -24.81 -12.41 -14.71
CA PHE A 71 -25.47 -11.54 -13.73
C PHE A 71 -24.72 -11.56 -12.41
N ASN A 72 -24.11 -12.70 -12.09
CA ASN A 72 -23.54 -12.88 -10.77
C ASN A 72 -22.32 -11.99 -10.56
N TYR A 73 -21.47 -11.86 -11.57
CA TYR A 73 -20.22 -11.16 -11.39
C TYR A 73 -20.19 -9.86 -12.17
N GLY A 74 -21.14 -9.67 -13.09
CA GLY A 74 -21.10 -8.57 -14.02
C GLY A 74 -20.80 -9.02 -15.42
N PHE A 75 -21.60 -8.56 -16.38
CA PHE A 75 -21.31 -8.89 -17.76
C PHE A 75 -20.12 -8.09 -18.28
N GLY A 76 -19.41 -8.68 -19.25
CA GLY A 76 -18.20 -8.08 -19.79
C GLY A 76 -18.48 -7.37 -21.10
N ALA A 77 -17.82 -6.23 -21.31
CA ALA A 77 -18.03 -5.47 -22.54
C ALA A 77 -17.73 -6.29 -23.80
N TYR A 78 -16.86 -7.31 -23.70
CA TYR A 78 -16.49 -8.17 -24.81
C TYR A 78 -16.35 -9.58 -24.27
N SER A 79 -16.27 -10.55 -25.19
CA SER A 79 -16.11 -11.93 -24.73
C SER A 79 -14.64 -12.24 -24.48
N ASP A 80 -14.40 -13.28 -23.69
CA ASP A 80 -13.04 -13.76 -23.46
C ASP A 80 -12.29 -13.96 -24.77
N LEU A 81 -12.95 -14.56 -25.76
CA LEU A 81 -12.34 -14.83 -27.06
C LEU A 81 -11.82 -13.55 -27.71
N GLU A 82 -12.61 -12.47 -27.67
CA GLU A 82 -12.19 -11.24 -28.32
C GLU A 82 -11.07 -10.54 -27.55
N TRP A 83 -11.17 -10.56 -26.22
CA TRP A 83 -10.14 -10.00 -25.36
C TRP A 83 -8.81 -10.74 -25.52
N ILE A 84 -8.85 -12.08 -25.40
CA ILE A 84 -7.63 -12.88 -25.51
C ILE A 84 -7.01 -12.73 -26.89
N SER A 85 -7.84 -12.78 -27.94
CA SER A 85 -7.35 -12.56 -29.30
C SER A 85 -6.64 -11.23 -29.41
N ALA A 86 -7.24 -10.17 -28.83
CA ALA A 86 -6.67 -8.85 -28.94
C ALA A 86 -5.30 -8.78 -28.29
N ALA A 87 -5.14 -9.50 -27.18
CA ALA A 87 -3.85 -9.47 -26.49
C ALA A 87 -2.82 -10.34 -27.21
N ALA A 88 -3.19 -11.59 -27.49
CA ALA A 88 -2.42 -12.52 -28.29
C ALA A 88 -1.83 -11.82 -29.50
N GLU A 89 -2.65 -11.02 -30.20
CA GLU A 89 -2.20 -10.33 -31.41
C GLU A 89 -1.21 -9.21 -31.09
N ALA A 90 -1.39 -8.51 -29.96
CA ALA A 90 -0.58 -7.33 -29.68
C ALA A 90 0.74 -7.62 -28.98
N VAL A 91 1.03 -8.85 -28.56
CA VAL A 91 2.27 -9.13 -27.85
C VAL A 91 3.20 -9.92 -28.77
N LYS A 92 4.50 -9.75 -28.54
CA LYS A 92 5.48 -10.43 -29.36
C LYS A 92 6.42 -11.36 -28.60
N GLN A 93 6.57 -11.19 -27.27
CA GLN A 93 7.38 -12.10 -26.47
C GLN A 93 6.63 -12.70 -25.28
N ALA A 94 5.78 -11.93 -24.60
CA ALA A 94 5.10 -12.46 -23.43
C ALA A 94 4.12 -13.58 -23.81
N LYS A 95 3.89 -14.47 -22.86
CA LYS A 95 2.83 -15.47 -23.02
C LYS A 95 1.50 -14.85 -22.59
N ILE A 96 0.45 -15.17 -23.31
CA ILE A 96 -0.89 -14.79 -22.90
C ILE A 96 -1.39 -15.85 -21.93
N ALA A 97 -1.61 -15.44 -20.68
CA ALA A 97 -2.20 -16.32 -19.67
C ALA A 97 -3.70 -16.09 -19.61
N THR A 98 -4.41 -17.03 -18.98
CA THR A 98 -5.82 -16.82 -18.66
C THR A 98 -6.17 -17.59 -17.39
N LEU A 99 -7.39 -17.41 -16.90
CA LEU A 99 -7.79 -17.92 -15.61
C LEU A 99 -9.09 -18.70 -15.73
N LEU A 100 -9.19 -19.82 -15.04
CA LEU A 100 -10.33 -20.71 -15.19
C LEU A 100 -10.78 -21.20 -13.83
N LEU A 101 -12.06 -20.99 -13.50
CA LEU A 101 -12.61 -21.40 -12.20
C LEU A 101 -13.57 -22.56 -12.41
N PRO A 102 -13.24 -23.79 -12.03
CA PRO A 102 -14.21 -24.88 -12.19
C PRO A 102 -15.50 -24.51 -11.47
N GLY A 103 -16.63 -24.87 -12.07
CA GLY A 103 -17.93 -24.40 -11.64
C GLY A 103 -18.43 -23.20 -12.40
N ILE A 104 -17.54 -22.46 -13.05
CA ILE A 104 -17.84 -21.24 -13.80
C ILE A 104 -17.39 -21.47 -15.25
N GLY A 105 -16.08 -21.57 -15.46
CA GLY A 105 -15.55 -21.95 -16.76
C GLY A 105 -15.35 -23.45 -16.92
N THR A 106 -15.39 -23.92 -18.18
CA THR A 106 -15.31 -25.33 -18.47
C THR A 106 -14.19 -25.61 -19.47
N VAL A 107 -13.93 -26.91 -19.66
CA VAL A 107 -12.89 -27.39 -20.58
C VAL A 107 -13.16 -26.86 -21.98
N HIS A 108 -14.43 -26.81 -22.37
CA HIS A 108 -14.77 -26.22 -23.66
C HIS A 108 -14.38 -24.74 -23.71
N ASP A 109 -14.57 -24.02 -22.59
CA ASP A 109 -14.12 -22.63 -22.58
C ASP A 109 -12.59 -22.54 -22.64
N LEU A 110 -11.90 -23.54 -22.06
CA LEU A 110 -10.44 -23.58 -22.11
C LEU A 110 -9.95 -23.81 -23.52
N ARG A 111 -10.54 -24.77 -24.24
CA ARG A 111 -10.23 -24.98 -25.64
C ARG A 111 -10.35 -23.68 -26.43
N GLU A 112 -11.47 -22.97 -26.26
CA GLU A 112 -11.67 -21.71 -26.97
C GLU A 112 -10.54 -20.73 -26.68
N ALA A 113 -10.22 -20.54 -25.40
CA ALA A 113 -9.17 -19.60 -25.04
C ALA A 113 -7.83 -20.01 -25.62
N TYR A 114 -7.59 -21.32 -25.74
CA TYR A 114 -6.35 -21.80 -26.34
C TYR A 114 -6.31 -21.47 -27.82
N ASP A 115 -7.40 -21.77 -28.53
CA ASP A 115 -7.50 -21.39 -29.94
C ASP A 115 -7.33 -19.89 -30.11
N ALA A 116 -7.67 -19.09 -29.11
CA ALA A 116 -7.54 -17.64 -29.24
C ALA A 116 -6.15 -17.10 -28.90
N GLY A 117 -5.24 -17.94 -28.41
CA GLY A 117 -3.86 -17.52 -28.20
C GLY A 117 -3.33 -17.67 -26.78
N ALA A 118 -4.10 -18.15 -25.82
CA ALA A 118 -3.58 -18.34 -24.48
C ALA A 118 -2.75 -19.62 -24.42
N ARG A 119 -1.59 -19.52 -23.76
CA ARG A 119 -0.71 -20.67 -23.60
C ARG A 119 -0.44 -20.98 -22.14
N VAL A 120 -0.83 -20.10 -21.21
CA VAL A 120 -0.86 -20.40 -19.79
C VAL A 120 -2.32 -20.39 -19.34
N VAL A 121 -2.70 -21.37 -18.54
CA VAL A 121 -3.99 -21.34 -17.87
C VAL A 121 -3.78 -21.66 -16.40
N ARG A 122 -4.39 -20.85 -15.54
CA ARG A 122 -4.36 -21.04 -14.09
C ARG A 122 -5.74 -21.55 -13.68
N VAL A 123 -5.81 -22.79 -13.24
CA VAL A 123 -7.08 -23.40 -12.86
C VAL A 123 -7.28 -23.14 -11.37
N ALA A 124 -8.31 -22.37 -11.05
CA ALA A 124 -8.50 -21.84 -9.70
C ALA A 124 -9.66 -22.54 -9.01
N THR A 125 -9.38 -23.09 -7.84
CA THR A 125 -10.45 -23.61 -6.99
C THR A 125 -10.27 -23.03 -5.61
N HIS A 126 -11.33 -23.14 -4.81
CA HIS A 126 -11.19 -22.85 -3.41
C HIS A 126 -10.07 -23.71 -2.83
N CYS A 127 -9.46 -23.21 -1.76
CA CYS A 127 -8.23 -23.84 -1.28
C CYS A 127 -8.47 -25.14 -0.54
N THR A 128 -9.71 -25.65 -0.56
CA THR A 128 -10.06 -26.98 -0.07
C THR A 128 -10.69 -27.86 -1.15
N GLU A 129 -10.78 -27.40 -2.39
CA GLU A 129 -11.51 -28.15 -3.41
C GLU A 129 -10.65 -28.40 -4.64
N ALA A 130 -9.34 -28.60 -4.43
CA ALA A 130 -8.47 -28.92 -5.57
C ALA A 130 -9.02 -30.08 -6.41
N ASP A 131 -9.76 -31.00 -5.79
CA ASP A 131 -10.09 -32.19 -6.54
C ASP A 131 -11.11 -31.93 -7.65
N VAL A 132 -11.77 -30.76 -7.68
CA VAL A 132 -12.65 -30.49 -8.82
C VAL A 132 -11.88 -30.03 -10.05
N SER A 133 -10.55 -29.92 -9.99
CA SER A 133 -9.79 -29.34 -11.09
C SER A 133 -9.12 -30.36 -12.00
N ARG A 134 -9.24 -31.66 -11.71
CA ARG A 134 -8.53 -32.68 -12.49
C ARG A 134 -8.80 -32.51 -13.98
N GLN A 135 -10.06 -32.49 -14.38
CA GLN A 135 -10.35 -32.48 -15.81
C GLN A 135 -9.74 -31.27 -16.48
N HIS A 136 -9.74 -30.12 -15.81
CA HIS A 136 -9.21 -28.91 -16.44
C HIS A 136 -7.69 -28.97 -16.52
N ILE A 137 -7.05 -29.27 -15.40
CA ILE A 137 -5.60 -29.41 -15.39
C ILE A 137 -5.15 -30.50 -16.38
N GLU A 138 -5.87 -31.63 -16.42
CA GLU A 138 -5.47 -32.72 -17.32
C GLU A 138 -5.67 -32.31 -18.78
N TYR A 139 -6.79 -31.66 -19.08
CA TYR A 139 -7.06 -31.26 -20.45
C TYR A 139 -6.04 -30.25 -20.92
N ALA A 140 -5.64 -29.34 -20.04
CA ALA A 140 -4.68 -28.28 -20.42
C ALA A 140 -3.30 -28.87 -20.70
N ARG A 141 -2.90 -29.87 -19.93
CA ARG A 141 -1.60 -30.54 -20.19
C ARG A 141 -1.63 -31.17 -21.59
N GLY A 142 -2.76 -31.76 -21.96
CA GLY A 142 -2.89 -32.41 -23.27
C GLY A 142 -2.82 -31.41 -24.39
N LEU A 143 -3.10 -30.14 -24.10
CA LEU A 143 -3.00 -29.09 -25.13
C LEU A 143 -1.57 -28.53 -25.13
N GLY A 144 -0.71 -29.04 -24.24
CA GLY A 144 0.59 -28.40 -24.12
C GLY A 144 0.52 -26.95 -23.68
N MET A 145 -0.35 -26.64 -22.72
CA MET A 145 -0.36 -25.34 -22.07
C MET A 145 0.46 -25.41 -20.80
N ASP A 146 1.13 -24.33 -20.47
CA ASP A 146 1.65 -24.19 -19.12
C ASP A 146 0.45 -24.21 -18.18
N THR A 147 0.38 -25.27 -17.38
CA THR A 147 -0.80 -25.48 -16.54
C THR A 147 -0.46 -25.15 -15.11
N VAL A 148 -1.21 -24.24 -14.53
CA VAL A 148 -0.93 -23.77 -13.15
C VAL A 148 -2.17 -24.00 -12.29
N GLY A 149 -1.96 -24.28 -11.01
CA GLY A 149 -3.09 -24.47 -10.08
C GLY A 149 -3.19 -23.30 -9.13
N PHE A 150 -4.39 -22.75 -9.01
CA PHE A 150 -4.62 -21.60 -8.10
C PHE A 150 -5.47 -22.08 -6.94
N LEU A 151 -4.99 -21.86 -5.72
CA LEU A 151 -5.74 -22.26 -4.51
C LEU A 151 -6.23 -20.97 -3.86
N MET A 152 -7.47 -20.61 -4.15
CA MET A 152 -8.01 -19.31 -3.70
C MET A 152 -8.34 -19.26 -2.20
N MET A 153 -8.38 -18.05 -1.65
CA MET A 153 -8.67 -17.83 -0.22
C MET A 153 -7.67 -18.66 0.61
N SER A 154 -6.41 -18.64 0.18
CA SER A 154 -5.39 -19.43 0.89
C SER A 154 -5.26 -19.06 2.36
N HIS A 155 -5.89 -17.97 2.83
CA HIS A 155 -5.81 -17.69 4.25
C HIS A 155 -6.72 -18.63 5.05
N MET A 156 -7.74 -19.18 4.40
CA MET A 156 -8.73 -20.02 5.12
C MET A 156 -8.18 -21.44 5.32
N GLN A 157 -7.01 -21.73 4.77
CA GLN A 157 -6.42 -23.08 4.91
C GLN A 157 -5.18 -23.02 5.81
N THR A 158 -4.78 -24.16 6.37
CA THR A 158 -3.55 -24.25 7.18
C THR A 158 -2.40 -24.49 6.22
N PRO A 159 -1.18 -24.00 6.49
CA PRO A 159 -0.03 -24.33 5.63
C PRO A 159 -0.04 -25.76 5.15
N VAL A 160 -0.19 -26.69 6.07
CA VAL A 160 -0.08 -28.10 5.70
C VAL A 160 -1.24 -28.53 4.81
N GLY A 161 -2.47 -28.10 5.13
CA GLY A 161 -3.60 -28.48 4.29
C GLY A 161 -3.48 -27.91 2.90
N LEU A 162 -3.05 -26.65 2.80
CA LEU A 162 -2.89 -25.99 1.52
C LEU A 162 -1.90 -26.74 0.65
N ALA A 163 -0.77 -27.13 1.24
CA ALA A 163 0.21 -27.94 0.54
C ALA A 163 -0.39 -29.28 0.09
N GLN A 164 -1.21 -29.92 0.94
CA GLN A 164 -1.90 -31.15 0.52
C GLN A 164 -2.81 -30.91 -0.69
N GLN A 165 -3.52 -29.76 -0.74
CA GLN A 165 -4.32 -29.46 -1.94
C GLN A 165 -3.41 -29.20 -3.14
N ALA A 166 -2.31 -28.46 -2.92
CA ALA A 166 -1.34 -28.23 -3.98
C ALA A 166 -0.80 -29.54 -4.54
N LYS A 167 -0.53 -30.51 -3.67
CA LYS A 167 -0.03 -31.79 -4.16
C LYS A 167 -1.05 -32.47 -5.08
N LEU A 168 -2.34 -32.41 -4.73
CA LEU A 168 -3.37 -33.00 -5.57
C LEU A 168 -3.29 -32.42 -6.98
N MET A 169 -3.15 -31.10 -7.06
CA MET A 169 -3.11 -30.40 -8.33
C MET A 169 -1.87 -30.75 -9.12
N GLU A 170 -0.72 -30.85 -8.44
CA GLU A 170 0.47 -31.43 -9.04
C GLU A 170 0.21 -32.84 -9.57
N ASN A 171 -0.45 -33.67 -8.75
CA ASN A 171 -0.81 -35.01 -9.20
C ASN A 171 -1.54 -34.97 -10.52
N TYR A 172 -2.49 -34.05 -10.67
CA TYR A 172 -3.29 -34.03 -11.89
C TYR A 172 -2.51 -33.50 -13.09
N GLY A 173 -1.36 -32.84 -12.87
CA GLY A 173 -0.58 -32.30 -13.97
C GLY A 173 -0.16 -30.84 -13.87
N ALA A 174 -0.37 -30.18 -12.73
CA ALA A 174 0.04 -28.79 -12.60
C ALA A 174 1.55 -28.69 -12.58
N GLN A 175 2.08 -27.79 -13.39
CA GLN A 175 3.49 -27.47 -13.45
C GLN A 175 3.89 -26.38 -12.48
N CYS A 176 2.91 -25.75 -11.82
CA CYS A 176 3.14 -24.63 -10.93
C CYS A 176 1.91 -24.46 -10.05
N ILE A 177 2.12 -24.06 -8.80
CA ILE A 177 1.04 -23.81 -7.86
C ILE A 177 1.24 -22.48 -7.18
N TYR A 178 0.17 -21.69 -7.05
CA TYR A 178 0.22 -20.34 -6.49
C TYR A 178 -0.48 -20.29 -5.13
N VAL A 179 0.17 -19.68 -4.14
CA VAL A 179 -0.51 -19.22 -2.94
C VAL A 179 -1.35 -18.00 -3.33
N VAL A 180 -2.66 -18.04 -3.07
CA VAL A 180 -3.57 -16.99 -3.53
C VAL A 180 -4.19 -16.29 -2.31
N ASP A 181 -3.78 -15.04 -2.03
CA ASP A 181 -4.41 -14.27 -0.96
C ASP A 181 -5.58 -13.48 -1.56
N SER A 182 -6.63 -14.24 -1.93
CA SER A 182 -7.77 -13.64 -2.61
C SER A 182 -8.42 -12.56 -1.75
N GLY A 183 -8.41 -12.77 -0.43
CA GLY A 183 -8.91 -11.80 0.50
C GLY A 183 -7.95 -10.70 0.85
N GLY A 184 -6.68 -10.78 0.44
CA GLY A 184 -5.68 -9.80 0.89
C GLY A 184 -5.58 -9.77 2.40
N ALA A 185 -5.63 -10.95 3.04
CA ALA A 185 -5.81 -11.07 4.47
C ALA A 185 -4.56 -11.54 5.20
N MET A 186 -3.50 -11.91 4.50
CA MET A 186 -2.35 -12.56 5.09
C MET A 186 -1.16 -11.61 5.18
N ASN A 187 -0.41 -11.74 6.25
CA ASN A 187 0.81 -10.96 6.40
C ASN A 187 2.00 -11.78 5.92
N MET A 188 3.22 -11.25 6.08
CA MET A 188 4.39 -11.87 5.48
C MET A 188 4.70 -13.24 6.10
N TRP A 189 4.47 -13.37 7.41
CA TRP A 189 4.72 -14.66 8.04
C TRP A 189 3.78 -15.74 7.53
N ASP A 190 2.49 -15.42 7.37
CA ASP A 190 1.55 -16.36 6.76
C ASP A 190 2.04 -16.80 5.39
N ILE A 191 2.55 -15.85 4.59
CA ILE A 191 3.02 -16.20 3.25
C ILE A 191 4.19 -17.18 3.35
N ALA A 192 5.12 -16.91 4.25
CA ALA A 192 6.31 -17.74 4.36
C ALA A 192 5.95 -19.16 4.79
N GLU A 193 5.15 -19.29 5.85
CA GLU A 193 4.76 -20.61 6.32
C GLU A 193 4.12 -21.42 5.21
N ARG A 194 3.43 -20.76 4.28
CA ARG A 194 2.74 -21.51 3.26
C ARG A 194 3.69 -21.99 2.17
N PHE A 195 4.69 -21.17 1.83
CA PHE A 195 5.65 -21.61 0.82
C PHE A 195 6.54 -22.73 1.37
N LYS A 196 6.91 -22.65 2.65
CA LYS A 196 7.67 -23.73 3.26
C LYS A 196 6.90 -25.03 3.16
N ALA A 197 5.63 -25.00 3.57
CA ALA A 197 4.78 -26.19 3.47
C ALA A 197 4.65 -26.66 2.03
N LEU A 198 4.52 -25.73 1.08
CA LEU A 198 4.46 -26.12 -0.32
C LEU A 198 5.75 -26.80 -0.74
N LYS A 199 6.90 -26.24 -0.37
CA LYS A 199 8.16 -26.78 -0.83
C LYS A 199 8.45 -28.16 -0.22
N ASP A 200 7.91 -28.45 0.97
CA ASP A 200 8.14 -29.76 1.57
C ASP A 200 7.49 -30.87 0.74
N VAL A 201 6.35 -30.60 0.11
CA VAL A 201 5.63 -31.71 -0.48
C VAL A 201 5.72 -31.70 -2.00
N LEU A 202 5.89 -30.52 -2.59
CA LEU A 202 5.91 -30.45 -4.05
C LEU A 202 7.18 -31.11 -4.58
N ASP A 203 7.03 -31.82 -5.70
CA ASP A 203 8.14 -32.19 -6.55
C ASP A 203 9.06 -30.98 -6.74
N PRO A 204 10.38 -31.15 -6.62
CA PRO A 204 11.29 -30.00 -6.79
C PRO A 204 11.10 -29.28 -8.11
N ALA A 205 10.62 -29.95 -9.15
CA ALA A 205 10.47 -29.32 -10.45
C ALA A 205 9.17 -28.53 -10.55
N THR A 206 8.23 -28.73 -9.63
CA THR A 206 6.98 -27.98 -9.67
C THR A 206 7.24 -26.55 -9.25
N GLN A 207 6.85 -25.60 -10.08
CA GLN A 207 7.08 -24.22 -9.74
C GLN A 207 6.05 -23.73 -8.74
N THR A 208 6.29 -22.53 -8.24
CA THR A 208 5.50 -21.99 -7.16
C THR A 208 5.36 -20.49 -7.39
N GLY A 209 4.20 -19.94 -7.01
CA GLY A 209 3.90 -18.56 -7.34
C GLY A 209 3.08 -17.85 -6.29
N MET A 210 3.11 -16.51 -6.36
CA MET A 210 2.43 -15.67 -5.37
C MET A 210 1.40 -14.78 -6.04
N HIS A 211 0.20 -14.78 -5.50
CA HIS A 211 -0.85 -13.86 -5.97
C HIS A 211 -1.35 -13.12 -4.76
N ALA A 212 -0.68 -12.01 -4.44
CA ALA A 212 -1.05 -11.22 -3.29
C ALA A 212 -2.10 -10.20 -3.70
N HIS A 213 -2.98 -9.88 -2.76
CA HIS A 213 -3.81 -8.68 -2.84
C HIS A 213 -3.38 -7.67 -1.79
N HIS A 214 -3.68 -6.41 -2.08
CA HIS A 214 -3.06 -5.28 -1.40
C HIS A 214 -3.88 -4.77 -0.21
N ASN A 215 -4.92 -5.51 0.21
CA ASN A 215 -5.93 -5.00 1.12
C ASN A 215 -5.36 -4.62 2.48
N LEU A 216 -4.20 -5.15 2.88
CA LEU A 216 -3.53 -4.63 4.06
C LEU A 216 -2.25 -3.90 3.70
N SER A 217 -2.06 -3.56 2.41
CA SER A 217 -0.87 -2.90 1.86
C SER A 217 0.36 -3.79 1.91
N LEU A 218 0.14 -5.12 1.96
CA LEU A 218 1.23 -6.09 1.95
C LEU A 218 1.39 -6.76 0.59
N GLY A 219 0.77 -6.23 -0.46
CA GLY A 219 0.94 -6.82 -1.78
C GLY A 219 2.40 -6.95 -2.17
N VAL A 220 3.16 -5.86 -2.04
CA VAL A 220 4.56 -5.92 -2.44
C VAL A 220 5.38 -6.71 -1.42
N ALA A 221 5.19 -6.42 -0.12
CA ALA A 221 5.94 -7.14 0.91
C ALA A 221 5.69 -8.66 0.83
N ASN A 222 4.43 -9.06 0.62
CA ASN A 222 4.15 -10.50 0.56
C ASN A 222 4.79 -11.14 -0.66
N SER A 223 4.89 -10.42 -1.80
CA SER A 223 5.51 -10.99 -2.98
C SER A 223 7.03 -11.13 -2.80
N LEU A 224 7.64 -10.21 -2.06
CA LEU A 224 9.08 -10.31 -1.82
C LEU A 224 9.38 -11.45 -0.86
N VAL A 225 8.65 -11.50 0.25
CA VAL A 225 8.88 -12.59 1.20
C VAL A 225 8.60 -13.94 0.56
N ALA A 226 7.65 -14.02 -0.38
CA ALA A 226 7.48 -15.27 -1.09
C ALA A 226 8.76 -15.66 -1.82
N LEU A 227 9.43 -14.69 -2.44
CA LEU A 227 10.68 -15.00 -3.15
C LEU A 227 11.77 -15.47 -2.19
N GLU A 228 11.86 -14.86 -1.01
CA GLU A 228 12.79 -15.36 -0.02
C GLU A 228 12.52 -16.80 0.36
N ASN A 229 11.29 -17.28 0.13
CA ASN A 229 10.93 -18.62 0.53
C ASN A 229 10.82 -19.57 -0.65
N GLY A 230 11.39 -19.21 -1.80
CA GLY A 230 11.43 -20.16 -2.91
C GLY A 230 10.47 -19.88 -4.06
N CYS A 231 9.66 -18.83 -3.95
CA CYS A 231 8.64 -18.59 -5.00
C CYS A 231 9.32 -18.30 -6.34
N ASP A 232 8.73 -18.77 -7.43
CA ASP A 232 9.29 -18.55 -8.78
C ASP A 232 8.46 -17.51 -9.52
N ARG A 233 7.14 -17.46 -9.29
CA ARG A 233 6.32 -16.53 -10.06
C ARG A 233 5.68 -15.51 -9.14
N VAL A 234 5.60 -14.26 -9.59
CA VAL A 234 4.88 -13.23 -8.88
C VAL A 234 3.79 -12.69 -9.80
N ASP A 235 2.53 -12.78 -9.35
CA ASP A 235 1.42 -12.06 -9.98
C ASP A 235 1.45 -10.62 -9.51
N ALA A 236 1.24 -9.68 -10.44
CA ALA A 236 1.04 -8.26 -10.09
C ALA A 236 0.30 -7.55 -11.23
N SER A 237 -0.11 -6.31 -10.97
CA SER A 237 -0.73 -5.51 -12.02
C SER A 237 -0.37 -4.04 -11.85
N LEU A 238 -0.42 -3.31 -12.97
CA LEU A 238 -0.11 -1.89 -12.97
C LEU A 238 -1.05 -1.11 -12.04
N THR A 239 -0.47 -0.27 -11.19
CA THR A 239 -1.17 0.50 -10.16
C THR A 239 -1.82 -0.42 -9.14
N GLY A 240 -1.69 -1.72 -9.33
CA GLY A 240 -2.45 -2.69 -8.57
C GLY A 240 -3.81 -3.02 -9.16
N MET A 241 -4.17 -2.42 -10.31
CA MET A 241 -5.46 -2.64 -10.99
C MET A 241 -5.96 -4.05 -10.79
N GLY A 242 -7.07 -4.17 -10.06
CA GLY A 242 -7.52 -5.48 -9.60
C GLY A 242 -8.61 -5.33 -8.59
N ALA A 243 -9.12 -6.49 -8.19
CA ALA A 243 -10.17 -6.58 -7.18
C ALA A 243 -9.69 -5.98 -5.86
N GLY A 244 -10.64 -5.45 -5.09
CA GLY A 244 -10.31 -4.92 -3.78
C GLY A 244 -9.42 -3.69 -3.89
N ALA A 245 -8.47 -3.56 -2.95
CA ALA A 245 -7.39 -2.57 -2.99
C ALA A 245 -6.36 -2.86 -4.06
N GLY A 246 -6.55 -3.95 -4.81
CA GLY A 246 -5.70 -4.25 -5.94
C GLY A 246 -4.76 -5.41 -5.68
N ASN A 247 -4.10 -5.83 -6.75
CA ASN A 247 -3.05 -6.82 -6.66
C ASN A 247 -1.76 -6.18 -6.17
N ALA A 248 -0.71 -6.97 -6.04
CA ALA A 248 0.61 -6.38 -5.88
C ALA A 248 0.78 -5.34 -6.97
N PRO A 249 1.09 -4.08 -6.62
CA PRO A 249 1.34 -3.07 -7.65
C PRO A 249 2.59 -3.40 -8.46
N LEU A 250 2.42 -3.73 -9.74
CA LEU A 250 3.51 -4.28 -10.55
C LEU A 250 4.72 -3.36 -10.57
N GLU A 251 4.50 -2.10 -10.93
CA GLU A 251 5.60 -1.13 -11.05
C GLU A 251 6.26 -0.83 -9.71
N VAL A 252 5.52 -0.92 -8.61
CA VAL A 252 6.14 -0.76 -7.29
C VAL A 252 6.99 -1.97 -6.97
N PHE A 253 6.42 -3.17 -7.17
CA PHE A 253 7.14 -4.40 -6.88
C PHE A 253 8.45 -4.45 -7.65
N ILE A 254 8.41 -4.15 -8.96
CA ILE A 254 9.62 -4.19 -9.76
C ILE A 254 10.62 -3.15 -9.27
N ALA A 255 10.14 -2.00 -8.81
CA ALA A 255 11.06 -0.96 -8.36
C ALA A 255 11.72 -1.34 -7.05
N ALA A 256 11.01 -2.07 -6.19
CA ALA A 256 11.61 -2.55 -4.95
C ALA A 256 12.56 -3.69 -5.24
N ALA A 257 12.15 -4.60 -6.11
CA ALA A 257 13.02 -5.70 -6.50
C ALA A 257 14.30 -5.16 -7.12
N GLU A 258 14.16 -4.09 -7.91
CA GLU A 258 15.34 -3.49 -8.52
C GLU A 258 16.27 -2.92 -7.47
N ARG A 259 15.72 -2.27 -6.43
CA ARG A 259 16.61 -1.80 -5.36
C ARG A 259 17.33 -2.94 -4.67
N MET A 260 16.76 -4.15 -4.73
CA MET A 260 17.34 -5.34 -4.12
C MET A 260 18.30 -6.09 -5.04
N GLY A 261 18.42 -5.64 -6.29
CA GLY A 261 19.27 -6.31 -7.26
C GLY A 261 18.72 -7.63 -7.75
N LEU A 262 17.40 -7.79 -7.73
CA LEU A 262 16.77 -9.05 -8.12
C LEU A 262 16.63 -9.13 -9.63
N ASN A 263 16.80 -10.34 -10.15
CA ASN A 263 16.70 -10.62 -11.58
C ASN A 263 15.21 -10.70 -11.95
N HIS A 264 14.62 -9.54 -12.24
CA HIS A 264 13.23 -9.50 -12.71
C HIS A 264 13.13 -9.35 -14.23
N GLY A 265 14.14 -8.79 -14.87
CA GLY A 265 14.15 -8.65 -16.32
C GLY A 265 13.11 -7.71 -16.87
N CYS A 266 12.67 -6.71 -16.09
CA CYS A 266 11.69 -5.75 -16.56
C CYS A 266 12.29 -4.36 -16.66
N ASP A 267 11.65 -3.51 -17.47
CA ASP A 267 12.04 -2.10 -17.57
C ASP A 267 11.24 -1.31 -16.54
N VAL A 268 11.91 -0.95 -15.44
CA VAL A 268 11.28 -0.22 -14.34
C VAL A 268 10.49 0.99 -14.85
N LYS A 269 11.14 1.88 -15.60
CA LYS A 269 10.53 3.15 -15.99
C LYS A 269 9.33 2.93 -16.93
N LYS A 270 9.44 1.95 -17.83
CA LYS A 270 8.31 1.65 -18.71
C LYS A 270 7.12 1.12 -17.92
N LEU A 271 7.35 0.23 -16.96
CA LEU A 271 6.25 -0.20 -16.10
C LEU A 271 5.72 0.98 -15.29
N ILE A 272 6.61 1.86 -14.84
CA ILE A 272 6.19 3.00 -14.03
C ILE A 272 5.34 3.96 -14.86
N ASN A 273 5.72 4.17 -16.12
CA ASN A 273 4.99 5.13 -16.96
C ASN A 273 3.70 4.55 -17.49
N ALA A 274 3.66 3.25 -17.80
CA ALA A 274 2.42 2.64 -18.26
C ALA A 274 1.37 2.65 -17.15
N ALA A 275 1.80 2.36 -15.92
CA ALA A 275 0.96 2.50 -14.73
C ALA A 275 0.32 3.89 -14.67
N GLU A 276 1.13 4.94 -14.69
CA GLU A 276 0.54 6.27 -14.56
C GLU A 276 -0.22 6.69 -15.81
N ASP A 277 0.35 6.46 -16.98
CA ASP A 277 -0.14 7.11 -18.18
C ASP A 277 -1.25 6.34 -18.87
N ILE A 278 -1.23 5.01 -18.82
CA ILE A 278 -2.29 4.26 -19.49
C ILE A 278 -3.35 3.86 -18.48
N VAL A 279 -2.94 3.16 -17.42
CA VAL A 279 -3.87 2.34 -16.65
C VAL A 279 -4.62 3.18 -15.62
N ARG A 280 -3.93 3.86 -14.72
CA ARG A 280 -4.63 4.62 -13.65
C ARG A 280 -5.77 5.49 -14.24
N PRO A 281 -5.58 6.27 -15.33
CA PRO A 281 -6.68 7.03 -15.90
C PRO A 281 -7.97 6.25 -16.12
N LEU A 282 -7.89 4.93 -16.30
CA LEU A 282 -9.08 4.10 -16.61
C LEU A 282 -9.77 3.70 -15.31
N GLN A 283 -9.17 4.03 -14.17
CA GLN A 283 -9.75 3.65 -12.86
C GLN A 283 -11.00 4.48 -12.57
N GLU A 284 -12.09 3.82 -12.21
CA GLU A 284 -13.31 4.55 -11.79
C GLU A 284 -13.25 4.61 -10.26
N ARG A 285 -13.71 3.56 -9.59
CA ARG A 285 -13.55 3.52 -8.12
C ARG A 285 -12.05 3.38 -7.86
N PRO A 286 -11.45 4.21 -6.99
CA PRO A 286 -10.00 4.18 -6.81
C PRO A 286 -9.46 2.85 -6.29
N VAL A 287 -8.46 2.30 -6.98
CA VAL A 287 -7.87 1.06 -6.49
C VAL A 287 -6.85 1.39 -5.40
N ARG A 288 -7.32 1.42 -4.16
CA ARG A 288 -6.49 1.85 -3.04
C ARG A 288 -6.98 1.14 -1.79
N VAL A 289 -6.20 1.27 -0.72
CA VAL A 289 -6.61 0.83 0.60
C VAL A 289 -7.42 1.95 1.28
N ASP A 290 -8.70 1.69 1.51
CA ASP A 290 -9.54 2.59 2.30
C ASP A 290 -10.48 1.73 3.13
N ARG A 291 -11.50 2.36 3.73
CA ARG A 291 -12.32 1.63 4.69
C ARG A 291 -12.95 0.39 4.07
N GLU A 292 -13.43 0.49 2.83
CA GLU A 292 -14.13 -0.65 2.23
C GLU A 292 -13.14 -1.73 1.78
N THR A 293 -12.04 -1.35 1.13
CA THR A 293 -11.09 -2.40 0.74
C THR A 293 -10.36 -2.96 1.95
N LEU A 294 -10.08 -2.14 2.96
CA LEU A 294 -9.48 -2.66 4.18
C LEU A 294 -10.32 -3.79 4.75
N ALA A 295 -11.65 -3.60 4.77
CA ALA A 295 -12.58 -4.62 5.26
C ALA A 295 -12.31 -5.99 4.66
N LEU A 296 -12.00 -6.05 3.35
CA LEU A 296 -11.73 -7.31 2.68
C LEU A 296 -10.62 -8.10 3.36
N GLY A 297 -9.52 -7.42 3.69
CA GLY A 297 -8.38 -8.06 4.33
C GLY A 297 -8.58 -8.27 5.80
N TYR A 298 -9.20 -7.29 6.46
CA TYR A 298 -9.51 -7.41 7.88
C TYR A 298 -10.45 -8.58 8.17
N ALA A 299 -11.46 -8.78 7.33
CA ALA A 299 -12.47 -9.81 7.55
C ALA A 299 -12.23 -11.08 6.73
N GLY A 300 -11.21 -11.10 5.87
CA GLY A 300 -10.91 -12.25 5.04
C GLY A 300 -11.94 -12.55 3.96
N VAL A 301 -12.32 -11.54 3.18
CA VAL A 301 -13.42 -11.63 2.22
C VAL A 301 -12.87 -11.51 0.80
N TYR A 302 -13.33 -12.43 -0.07
CA TYR A 302 -12.93 -12.43 -1.49
C TYR A 302 -13.01 -11.03 -2.08
N SER A 303 -11.92 -10.60 -2.73
CA SER A 303 -11.74 -9.18 -3.10
C SER A 303 -12.67 -8.73 -4.22
N SER A 304 -13.08 -9.65 -5.12
CA SER A 304 -14.00 -9.23 -6.17
C SER A 304 -15.35 -8.75 -5.63
N PHE A 305 -15.63 -9.01 -4.34
CA PHE A 305 -16.89 -8.60 -3.73
C PHE A 305 -17.00 -7.07 -3.64
N LEU A 306 -15.89 -6.35 -3.80
CA LEU A 306 -15.80 -4.98 -3.32
C LEU A 306 -16.85 -4.09 -3.98
N ARG A 307 -16.90 -4.04 -5.30
CA ARG A 307 -17.78 -3.07 -5.93
C ARG A 307 -19.25 -3.53 -5.89
N HIS A 308 -19.52 -4.84 -5.92
CA HIS A 308 -20.89 -5.32 -5.70
C HIS A 308 -21.38 -5.00 -4.30
N ALA A 309 -20.52 -5.23 -3.29
CA ALA A 309 -20.86 -4.82 -1.93
C ALA A 309 -21.19 -3.35 -1.87
N GLU A 310 -20.39 -2.51 -2.55
CA GLU A 310 -20.62 -1.07 -2.49
C GLU A 310 -21.89 -0.71 -3.25
N THR A 311 -22.25 -1.52 -4.25
CA THR A 311 -23.48 -1.28 -5.00
C THR A 311 -24.69 -1.66 -4.16
N ALA A 312 -24.63 -2.80 -3.46
CA ALA A 312 -25.68 -3.13 -2.50
C ALA A 312 -25.77 -2.06 -1.42
N ALA A 313 -24.62 -1.59 -0.94
CA ALA A 313 -24.61 -0.62 0.15
C ALA A 313 -25.35 0.66 -0.25
N LYS A 314 -25.06 1.18 -1.45
CA LYS A 314 -25.78 2.35 -1.95
C LYS A 314 -27.27 2.02 -2.11
N LYS A 315 -27.56 0.83 -2.65
CA LYS A 315 -28.94 0.46 -2.97
C LYS A 315 -29.82 0.36 -1.72
N TYR A 316 -29.39 -0.40 -0.72
CA TYR A 316 -30.19 -0.57 0.48
C TYR A 316 -29.75 0.34 1.63
N ASN A 317 -28.88 1.32 1.35
CA ASN A 317 -28.53 2.33 2.35
C ASN A 317 -27.86 1.70 3.57
N LEU A 318 -26.84 0.90 3.31
CA LEU A 318 -26.06 0.22 4.34
C LEU A 318 -24.60 0.61 4.22
N SER A 319 -23.84 0.31 5.28
CA SER A 319 -22.40 0.44 5.19
C SER A 319 -21.84 -0.72 4.36
N ALA A 320 -21.07 -0.41 3.32
CA ALA A 320 -20.36 -1.45 2.58
C ALA A 320 -19.42 -2.24 3.50
N PHE A 321 -18.81 -1.55 4.46
CA PHE A 321 -17.95 -2.21 5.44
C PHE A 321 -18.70 -3.32 6.17
N ASP A 322 -19.92 -3.03 6.65
CA ASP A 322 -20.69 -4.00 7.41
C ASP A 322 -21.06 -5.20 6.56
N ILE A 323 -21.51 -4.94 5.32
CA ILE A 323 -21.84 -6.01 4.38
C ILE A 323 -20.65 -6.96 4.23
N LEU A 324 -19.46 -6.39 4.06
CA LEU A 324 -18.26 -7.20 3.85
C LEU A 324 -17.89 -7.97 5.12
N VAL A 325 -17.93 -7.31 6.27
CA VAL A 325 -17.64 -8.02 7.53
C VAL A 325 -18.61 -9.18 7.73
N GLU A 326 -19.90 -8.91 7.57
CA GLU A 326 -20.88 -9.98 7.70
C GLU A 326 -20.62 -11.10 6.70
N LEU A 327 -20.17 -10.75 5.50
CA LEU A 327 -19.86 -11.78 4.51
C LEU A 327 -18.70 -12.66 4.98
N GLY A 328 -17.75 -12.05 5.72
CA GLY A 328 -16.68 -12.84 6.30
C GLY A 328 -17.19 -13.75 7.40
N LYS A 329 -18.00 -13.20 8.30
CA LYS A 329 -18.59 -14.00 9.37
C LYS A 329 -19.30 -15.23 8.82
N ARG A 330 -20.05 -15.07 7.72
CA ARG A 330 -20.71 -16.21 7.07
C ARG A 330 -19.74 -17.08 6.28
N ARG A 331 -18.49 -16.66 6.12
CA ARG A 331 -17.46 -17.49 5.51
C ARG A 331 -17.79 -17.79 4.04
N MET A 332 -18.33 -16.79 3.33
CA MET A 332 -18.45 -16.89 1.89
C MET A 332 -17.08 -16.78 1.23
N ILE A 333 -16.97 -17.43 0.08
CA ILE A 333 -15.72 -17.63 -0.62
C ILE A 333 -15.89 -17.13 -2.06
N GLY A 334 -14.92 -17.40 -2.93
CA GLY A 334 -14.96 -16.87 -4.28
C GLY A 334 -16.23 -17.24 -5.02
N GLY A 335 -16.62 -16.38 -5.95
CA GLY A 335 -17.75 -16.69 -6.81
C GLY A 335 -19.12 -16.55 -6.19
N GLN A 336 -19.22 -16.20 -4.91
CA GLN A 336 -20.50 -16.15 -4.19
C GLN A 336 -21.07 -14.72 -4.13
N GLU A 337 -21.04 -13.99 -5.24
CA GLU A 337 -21.57 -12.64 -5.24
C GLU A 337 -23.06 -12.60 -4.93
N ASP A 338 -23.80 -13.66 -5.28
CA ASP A 338 -25.23 -13.65 -5.00
C ASP A 338 -25.50 -13.51 -3.50
N MET A 339 -24.54 -13.93 -2.66
CA MET A 339 -24.68 -13.82 -1.21
C MET A 339 -24.53 -12.38 -0.72
N ILE A 340 -23.87 -11.51 -1.49
CA ILE A 340 -23.77 -10.10 -1.14
C ILE A 340 -25.16 -9.47 -1.05
N VAL A 341 -25.99 -9.69 -2.08
CA VAL A 341 -27.37 -9.24 -2.01
C VAL A 341 -28.10 -9.96 -0.88
N ASP A 342 -27.84 -11.26 -0.72
CA ASP A 342 -28.47 -12.02 0.35
C ASP A 342 -28.19 -11.38 1.72
N VAL A 343 -26.93 -10.98 1.96
CA VAL A 343 -26.57 -10.35 3.22
C VAL A 343 -27.22 -8.97 3.34
N ALA A 344 -27.17 -8.20 2.26
CA ALA A 344 -27.77 -6.87 2.27
C ALA A 344 -29.26 -6.93 2.53
N LEU A 345 -29.96 -7.90 1.93
CA LEU A 345 -31.40 -7.98 2.18
C LEU A 345 -31.66 -8.30 3.64
N ASP A 346 -30.86 -9.19 4.23
CA ASP A 346 -31.04 -9.55 5.64
C ASP A 346 -30.77 -8.35 6.54
N MET A 347 -29.74 -7.56 6.24
CA MET A 347 -29.41 -6.42 7.08
C MET A 347 -30.46 -5.34 7.00
N ALA A 348 -30.99 -5.08 5.80
CA ALA A 348 -32.03 -4.08 5.64
C ALA A 348 -33.28 -4.44 6.45
N LYS A 349 -33.52 -5.74 6.70
CA LYS A 349 -34.59 -6.16 7.61
C LYS A 349 -34.21 -5.86 9.06
N GLY A 350 -34.11 -4.58 9.41
CA GLY A 350 -33.69 -4.16 10.75
C GLY A 350 -34.27 -2.84 11.22
N LEU B 1 -61.83 -50.82 0.96
CA LEU B 1 -60.55 -50.39 1.52
C LEU B 1 -60.10 -51.32 2.67
N ASN B 2 -59.84 -52.58 2.32
CA ASN B 2 -59.60 -53.66 3.27
C ASN B 2 -58.19 -53.60 3.86
N TRP B 3 -57.98 -54.39 4.91
CA TRP B 3 -56.73 -54.31 5.67
C TRP B 3 -55.54 -54.75 4.83
N MET B 4 -55.76 -55.70 3.93
CA MET B 4 -54.66 -56.32 3.21
C MET B 4 -54.46 -55.72 1.82
N SER B 5 -55.28 -54.74 1.44
CA SER B 5 -55.28 -54.26 0.08
C SER B 5 -53.97 -53.53 -0.22
N ASP B 6 -53.20 -54.10 -1.15
CA ASP B 6 -51.92 -53.54 -1.58
C ASP B 6 -52.02 -53.22 -3.07
N ASP B 7 -52.13 -51.93 -3.38
CA ASP B 7 -52.17 -51.48 -4.76
C ASP B 7 -50.95 -50.66 -5.14
N ARG B 8 -49.85 -50.82 -4.41
CA ARG B 8 -48.67 -50.02 -4.68
C ARG B 8 -47.83 -50.62 -5.80
N LEU B 9 -47.25 -49.75 -6.62
CA LEU B 9 -46.33 -50.18 -7.66
C LEU B 9 -45.01 -50.56 -7.04
N SER B 10 -44.57 -51.80 -7.25
CA SER B 10 -43.27 -52.22 -6.77
C SER B 10 -42.17 -51.58 -7.63
N VAL B 11 -41.22 -50.94 -6.96
CA VAL B 11 -40.11 -50.31 -7.65
C VAL B 11 -38.83 -50.96 -7.15
N ALA B 12 -37.81 -50.88 -7.99
CA ALA B 12 -36.48 -51.39 -7.69
C ALA B 12 -35.54 -50.21 -7.61
N ILE B 13 -34.66 -50.21 -6.61
CA ILE B 13 -33.68 -49.14 -6.44
C ILE B 13 -32.31 -49.72 -6.71
N ILE B 14 -31.65 -49.21 -7.74
CA ILE B 14 -30.35 -49.72 -8.16
C ILE B 14 -29.32 -48.72 -7.68
N GLY B 15 -28.44 -49.16 -6.80
CA GLY B 15 -27.51 -48.26 -6.13
C GLY B 15 -27.91 -48.31 -4.68
N SER B 16 -26.92 -48.59 -3.82
CA SER B 16 -27.15 -48.76 -2.39
C SER B 16 -26.35 -47.77 -1.55
N GLY B 17 -25.81 -46.74 -2.16
CA GLY B 17 -25.17 -45.68 -1.43
C GLY B 17 -26.18 -44.65 -0.98
N ASN B 18 -25.72 -43.40 -0.91
CA ASN B 18 -26.49 -42.33 -0.31
C ASN B 18 -27.82 -42.12 -1.01
N ILE B 19 -27.77 -41.92 -2.33
CA ILE B 19 -28.98 -41.60 -3.08
C ILE B 19 -29.97 -42.73 -2.98
N GLY B 20 -29.56 -43.95 -3.36
CA GLY B 20 -30.46 -45.09 -3.30
C GLY B 20 -31.09 -45.26 -1.93
N THR B 21 -30.28 -45.11 -0.87
CA THR B 21 -30.77 -45.42 0.48
C THR B 21 -31.74 -44.35 0.96
N ASP B 22 -31.42 -43.09 0.72
CA ASP B 22 -32.36 -42.02 1.06
C ASP B 22 -33.65 -42.18 0.27
N LEU B 23 -33.54 -42.53 -1.00
CA LEU B 23 -34.72 -42.81 -1.82
C LEU B 23 -35.53 -43.97 -1.25
N MET B 24 -34.88 -45.06 -0.87
CA MET B 24 -35.58 -46.17 -0.20
C MET B 24 -36.36 -45.66 0.99
N ILE B 25 -35.68 -44.94 1.88
CA ILE B 25 -36.31 -44.55 3.14
C ILE B 25 -37.44 -43.57 2.88
N LYS B 26 -37.24 -42.68 1.91
CA LYS B 26 -38.26 -41.68 1.58
C LYS B 26 -39.51 -42.32 1.00
N ILE B 27 -39.35 -43.35 0.17
CA ILE B 27 -40.52 -44.06 -0.35
C ILE B 27 -41.29 -44.70 0.79
N MET B 28 -40.60 -45.41 1.68
CA MET B 28 -41.34 -46.10 2.74
C MET B 28 -42.00 -45.11 3.69
N ARG B 29 -41.34 -43.99 3.96
CA ARG B 29 -41.90 -43.03 4.90
C ARG B 29 -43.08 -42.29 4.32
N ASN B 30 -43.10 -42.05 3.01
CA ASN B 30 -44.05 -41.08 2.47
C ASN B 30 -44.99 -41.65 1.42
N SER B 31 -44.51 -42.51 0.52
CA SER B 31 -45.34 -42.87 -0.61
C SER B 31 -46.52 -43.74 -0.18
N LYS B 32 -47.69 -43.43 -0.73
CA LYS B 32 -48.82 -44.32 -0.65
C LYS B 32 -48.99 -45.17 -1.91
N LEU B 33 -48.34 -44.81 -3.00
CA LEU B 33 -48.53 -45.53 -4.25
C LEU B 33 -47.39 -46.48 -4.60
N LEU B 34 -46.26 -46.41 -3.91
CA LEU B 34 -45.09 -47.20 -4.25
C LEU B 34 -44.66 -48.06 -3.07
N LYS B 35 -44.11 -49.23 -3.38
CA LYS B 35 -43.37 -50.02 -2.41
C LYS B 35 -42.01 -50.40 -2.99
N VAL B 36 -41.02 -50.52 -2.11
CA VAL B 36 -39.67 -50.87 -2.52
C VAL B 36 -39.61 -52.39 -2.61
N GLY B 37 -39.55 -52.92 -3.84
CA GLY B 37 -39.51 -54.35 -4.02
C GLY B 37 -38.12 -54.95 -3.94
N ALA B 38 -37.08 -54.17 -4.22
CA ALA B 38 -35.73 -54.69 -4.22
C ALA B 38 -34.77 -53.52 -4.19
N MET B 39 -33.65 -53.71 -3.50
CA MET B 39 -32.52 -52.79 -3.59
C MET B 39 -31.36 -53.55 -4.22
N VAL B 40 -30.87 -53.03 -5.34
CA VAL B 40 -29.83 -53.68 -6.12
C VAL B 40 -28.51 -52.99 -5.86
N GLY B 41 -27.52 -53.75 -5.37
CA GLY B 41 -26.20 -53.21 -5.11
C GLY B 41 -25.10 -54.07 -5.67
N ILE B 42 -23.87 -53.81 -5.25
CA ILE B 42 -22.71 -54.35 -5.95
C ILE B 42 -21.74 -54.93 -4.93
N ASP B 43 -22.00 -54.67 -3.65
CA ASP B 43 -21.09 -55.01 -2.58
C ASP B 43 -21.91 -55.52 -1.39
N PRO B 44 -21.69 -56.76 -0.94
CA PRO B 44 -22.48 -57.29 0.18
C PRO B 44 -22.36 -56.48 1.46
N LYS B 45 -21.31 -55.65 1.59
CA LYS B 45 -20.96 -54.89 2.79
C LYS B 45 -21.58 -53.49 2.82
N SER B 46 -22.24 -53.07 1.74
CA SER B 46 -22.85 -51.76 1.68
C SER B 46 -23.80 -51.54 2.86
N ASP B 47 -23.71 -50.37 3.50
CA ASP B 47 -24.65 -50.07 4.57
C ASP B 47 -26.06 -49.92 4.03
N GLY B 48 -26.20 -49.54 2.75
CA GLY B 48 -27.52 -49.47 2.15
C GLY B 48 -28.21 -50.83 2.10
N LEU B 49 -27.47 -51.87 1.73
CA LEU B 49 -28.06 -53.20 1.71
C LEU B 49 -28.36 -53.66 3.13
N ALA B 50 -27.46 -53.37 4.07
CA ALA B 50 -27.74 -53.72 5.46
C ALA B 50 -29.05 -53.09 5.92
N ARG B 51 -29.22 -51.78 5.64
CA ARG B 51 -30.45 -51.09 6.01
C ARG B 51 -31.66 -51.70 5.31
N ALA B 52 -31.53 -52.00 4.03
CA ALA B 52 -32.64 -52.60 3.29
C ALA B 52 -33.06 -53.93 3.88
N GLN B 53 -32.10 -54.86 4.07
CA GLN B 53 -32.47 -56.15 4.65
C GLN B 53 -33.02 -55.97 6.05
N ARG B 54 -32.62 -54.90 6.74
CA ARG B 54 -33.18 -54.62 8.05
C ARG B 54 -34.64 -54.23 7.94
N LEU B 55 -34.97 -53.43 6.92
CA LEU B 55 -36.36 -52.99 6.69
C LEU B 55 -37.13 -54.06 5.93
N GLY B 56 -36.49 -55.20 5.65
CA GLY B 56 -37.20 -56.31 4.99
C GLY B 56 -37.35 -56.15 3.50
N VAL B 57 -36.49 -55.36 2.87
CA VAL B 57 -36.55 -55.23 1.39
C VAL B 57 -35.58 -56.24 0.78
N PRO B 58 -36.03 -57.04 -0.20
CA PRO B 58 -35.15 -57.99 -0.86
C PRO B 58 -33.91 -57.32 -1.44
N THR B 59 -32.76 -57.96 -1.31
CA THR B 59 -31.51 -57.32 -1.76
C THR B 59 -30.65 -58.25 -2.58
N THR B 60 -29.80 -57.68 -3.44
CA THR B 60 -28.79 -58.44 -4.16
C THR B 60 -27.52 -57.60 -4.27
N ALA B 61 -26.37 -58.25 -4.05
CA ALA B 61 -25.06 -57.62 -4.24
C ALA B 61 -24.45 -57.97 -5.61
N GLU B 62 -25.29 -58.37 -6.56
CA GLU B 62 -24.85 -58.89 -7.85
C GLU B 62 -25.39 -58.07 -9.00
N GLY B 63 -25.54 -56.76 -8.80
CA GLY B 63 -25.94 -55.89 -9.89
C GLY B 63 -27.32 -56.24 -10.44
N VAL B 64 -27.59 -55.75 -11.65
CA VAL B 64 -28.90 -55.91 -12.25
C VAL B 64 -29.11 -57.36 -12.70
N ASP B 65 -28.03 -58.08 -13.01
CA ASP B 65 -28.18 -59.51 -13.25
C ASP B 65 -28.75 -60.19 -12.02
N GLY B 66 -28.24 -59.82 -10.84
CA GLY B 66 -28.80 -60.37 -9.61
C GLY B 66 -30.27 -60.06 -9.47
N LEU B 67 -30.66 -58.83 -9.85
CA LEU B 67 -32.07 -58.43 -9.75
C LEU B 67 -32.95 -59.27 -10.65
N LEU B 68 -32.51 -59.51 -11.90
CA LEU B 68 -33.31 -60.22 -12.88
C LEU B 68 -33.66 -61.64 -12.44
N ASP B 69 -32.89 -62.22 -11.53
CA ASP B 69 -33.15 -63.56 -11.04
C ASP B 69 -34.01 -63.57 -9.78
N MET B 70 -34.19 -62.42 -9.13
CA MET B 70 -34.93 -62.38 -7.88
C MET B 70 -36.40 -62.71 -8.12
N PRO B 71 -37.04 -63.45 -7.21
CA PRO B 71 -38.50 -63.52 -7.24
C PRO B 71 -39.16 -62.17 -7.22
N ALA B 72 -38.50 -61.15 -6.67
CA ALA B 72 -39.15 -59.83 -6.56
C ALA B 72 -39.26 -59.12 -7.91
N PHE B 73 -38.46 -59.53 -8.89
CA PHE B 73 -38.42 -58.80 -10.19
C PHE B 73 -39.76 -58.91 -10.92
N ARG B 74 -40.45 -60.02 -10.74
CA ARG B 74 -41.72 -60.26 -11.46
C ARG B 74 -42.67 -59.05 -11.36
N ASP B 75 -42.65 -58.35 -10.23
CA ASP B 75 -43.64 -57.25 -10.04
C ASP B 75 -42.95 -55.88 -10.09
N ILE B 76 -41.65 -55.84 -10.33
CA ILE B 76 -40.96 -54.52 -10.46
C ILE B 76 -41.46 -53.86 -11.76
N LYS B 77 -42.07 -52.69 -11.63
CA LYS B 77 -42.61 -51.99 -12.80
C LYS B 77 -41.78 -50.74 -13.06
N ILE B 78 -41.07 -50.27 -12.04
CA ILE B 78 -40.23 -49.04 -12.17
C ILE B 78 -38.87 -49.30 -11.51
N ALA B 79 -37.79 -48.99 -12.20
CA ALA B 79 -36.46 -49.07 -11.61
C ALA B 79 -35.87 -47.67 -11.46
N PHE B 80 -35.37 -47.37 -10.27
CA PHE B 80 -34.54 -46.18 -10.07
C PHE B 80 -33.07 -46.56 -10.27
N ASP B 81 -32.36 -45.77 -11.07
CA ASP B 81 -30.90 -45.99 -11.20
C ASP B 81 -30.14 -44.82 -10.60
N ALA B 82 -29.40 -45.10 -9.52
CA ALA B 82 -28.60 -44.06 -8.86
C ALA B 82 -27.15 -44.53 -8.81
N THR B 83 -26.67 -45.06 -9.94
CA THR B 83 -25.31 -45.59 -10.00
C THR B 83 -24.47 -44.70 -10.87
N SER B 84 -24.12 -45.17 -12.07
CA SER B 84 -23.23 -44.40 -12.97
C SER B 84 -23.88 -44.26 -14.34
N ALA B 85 -23.42 -43.29 -15.11
CA ALA B 85 -23.98 -43.04 -16.45
C ALA B 85 -23.71 -44.24 -17.35
N GLY B 86 -22.48 -44.74 -17.34
CA GLY B 86 -22.11 -45.91 -18.16
C GLY B 86 -22.88 -47.13 -17.71
N ALA B 87 -22.98 -47.32 -16.41
CA ALA B 87 -23.73 -48.48 -15.87
C ALA B 87 -25.20 -48.36 -16.28
N GLN B 88 -25.75 -47.15 -16.25
CA GLN B 88 -27.19 -46.99 -16.56
C GLN B 88 -27.41 -47.33 -18.04
N ALA B 89 -26.45 -47.00 -18.89
CA ALA B 89 -26.65 -47.41 -20.28
C ALA B 89 -26.92 -48.91 -20.35
N ILE B 90 -26.12 -49.70 -19.63
CA ILE B 90 -26.29 -51.16 -19.59
C ILE B 90 -27.53 -51.54 -18.80
N HIS B 91 -27.74 -50.89 -17.65
CA HIS B 91 -28.89 -51.20 -16.81
C HIS B 91 -30.18 -50.98 -17.59
N ASN B 92 -30.28 -49.85 -18.28
CA ASN B 92 -31.48 -49.52 -19.04
C ASN B 92 -31.75 -50.55 -20.14
N GLN B 93 -30.70 -50.97 -20.87
CA GLN B 93 -30.88 -51.98 -21.90
C GLN B 93 -31.53 -53.24 -21.31
N LYS B 94 -31.00 -53.72 -20.21
CA LYS B 94 -31.56 -54.89 -19.56
C LYS B 94 -32.99 -54.65 -19.12
N LEU B 95 -33.24 -53.50 -18.50
CA LEU B 95 -34.55 -53.24 -17.91
C LEU B 95 -35.63 -53.04 -18.98
N GLN B 96 -35.31 -52.26 -20.02
CA GLN B 96 -36.26 -52.10 -21.12
C GLN B 96 -36.59 -53.43 -21.76
N ALA B 97 -35.60 -54.33 -21.86
CA ALA B 97 -35.84 -55.64 -22.46
C ALA B 97 -36.88 -56.41 -21.66
N HIS B 98 -37.07 -56.08 -20.38
CA HIS B 98 -38.11 -56.68 -19.56
C HIS B 98 -39.29 -55.74 -19.38
N GLY B 99 -39.38 -54.68 -20.17
CA GLY B 99 -40.49 -53.74 -20.10
C GLY B 99 -40.59 -52.95 -18.81
N VAL B 100 -39.49 -52.83 -18.07
CA VAL B 100 -39.50 -52.08 -16.82
C VAL B 100 -39.12 -50.64 -17.11
N ARG B 101 -39.97 -49.71 -16.64
CA ARG B 101 -39.68 -48.27 -16.71
C ARG B 101 -38.46 -47.90 -15.87
N VAL B 102 -37.73 -46.91 -16.35
CA VAL B 102 -36.50 -46.49 -15.70
C VAL B 102 -36.59 -45.01 -15.39
N ILE B 103 -36.34 -44.66 -14.14
CA ILE B 103 -36.09 -43.30 -13.72
C ILE B 103 -34.61 -43.21 -13.35
N ASP B 104 -33.88 -42.40 -14.11
CA ASP B 104 -32.43 -42.36 -14.07
C ASP B 104 -31.98 -41.12 -13.30
N LEU B 105 -31.32 -41.34 -12.17
CA LEU B 105 -30.75 -40.25 -11.40
C LEU B 105 -29.27 -40.00 -11.73
N THR B 106 -28.75 -40.54 -12.82
CA THR B 106 -27.37 -40.34 -13.23
C THR B 106 -27.32 -39.32 -14.37
N PRO B 107 -26.13 -38.93 -14.82
CA PRO B 107 -26.05 -38.06 -16.00
C PRO B 107 -26.19 -38.79 -17.33
N ALA B 108 -26.62 -40.04 -17.37
CA ALA B 108 -26.66 -40.77 -18.63
C ALA B 108 -27.52 -40.05 -19.68
N ALA B 109 -28.63 -39.44 -19.25
CA ALA B 109 -29.47 -38.63 -20.12
C ALA B 109 -29.84 -39.41 -21.38
N ILE B 110 -30.24 -40.65 -21.17
CA ILE B 110 -30.82 -41.46 -22.24
C ILE B 110 -32.20 -40.93 -22.62
N GLY B 111 -33.07 -40.75 -21.63
CA GLY B 111 -34.40 -40.25 -21.85
C GLY B 111 -34.51 -38.77 -21.50
N PRO B 112 -35.68 -38.20 -21.77
CA PRO B 112 -35.84 -36.75 -21.64
C PRO B 112 -35.56 -36.26 -20.24
N TYR B 113 -34.98 -35.05 -20.14
CA TYR B 113 -34.94 -34.34 -18.87
C TYR B 113 -36.36 -34.09 -18.38
N VAL B 114 -36.62 -34.40 -17.11
CA VAL B 114 -37.91 -34.10 -16.52
C VAL B 114 -37.72 -33.31 -15.21
N ILE B 115 -38.32 -32.14 -15.16
CA ILE B 115 -38.55 -31.43 -13.91
C ILE B 115 -40.02 -31.57 -13.58
N PRO B 116 -40.39 -32.34 -12.55
CA PRO B 116 -41.79 -32.82 -12.46
C PRO B 116 -42.82 -31.70 -12.43
N VAL B 117 -42.60 -30.61 -11.68
CA VAL B 117 -43.57 -29.52 -11.65
C VAL B 117 -43.68 -28.74 -12.95
N VAL B 118 -42.77 -28.96 -13.90
CA VAL B 118 -42.75 -28.22 -15.17
C VAL B 118 -43.27 -29.10 -16.32
N ASN B 119 -42.64 -30.25 -16.54
CA ASN B 119 -42.92 -30.95 -17.78
C ASN B 119 -43.16 -32.43 -17.58
N PHE B 120 -43.62 -32.85 -16.40
CA PHE B 120 -43.89 -34.28 -16.22
C PHE B 120 -44.93 -34.77 -17.21
N ASP B 121 -46.06 -34.06 -17.33
CA ASP B 121 -47.17 -34.56 -18.12
C ASP B 121 -46.74 -34.85 -19.54
N GLN B 122 -45.84 -34.03 -20.07
CA GLN B 122 -45.36 -34.23 -21.42
C GLN B 122 -44.65 -35.57 -21.59
N HIS B 123 -44.18 -36.16 -20.49
CA HIS B 123 -43.37 -37.37 -20.57
C HIS B 123 -43.95 -38.51 -19.74
N VAL B 124 -45.27 -38.53 -19.59
CA VAL B 124 -45.91 -39.49 -18.70
C VAL B 124 -45.64 -40.94 -19.15
N ASP B 125 -45.52 -41.18 -20.45
CA ASP B 125 -45.26 -42.53 -20.94
C ASP B 125 -43.80 -42.82 -21.22
N ALA B 126 -42.87 -41.91 -20.89
CA ALA B 126 -41.48 -42.08 -21.29
C ALA B 126 -40.88 -43.31 -20.62
N PRO B 127 -40.43 -44.32 -21.37
CA PRO B 127 -39.85 -45.52 -20.74
C PRO B 127 -38.55 -45.26 -19.99
N ASN B 128 -37.83 -44.18 -20.31
CA ASN B 128 -36.67 -43.78 -19.53
C ASN B 128 -36.79 -42.28 -19.28
N ILE B 129 -36.67 -41.88 -18.02
CA ILE B 129 -36.78 -40.48 -17.62
C ILE B 129 -35.48 -40.10 -16.92
N ASN B 130 -34.87 -38.97 -17.33
CA ASN B 130 -33.66 -38.46 -16.65
C ASN B 130 -34.06 -37.37 -15.66
N MET B 131 -33.40 -37.32 -14.51
CA MET B 131 -33.78 -36.38 -13.43
C MET B 131 -32.87 -35.14 -13.43
N VAL B 132 -32.12 -34.92 -14.50
CA VAL B 132 -31.28 -33.70 -14.65
C VAL B 132 -30.31 -33.55 -13.47
N THR B 133 -30.20 -32.35 -12.93
CA THR B 133 -29.25 -32.07 -11.83
C THR B 133 -29.99 -31.59 -10.63
N CYS B 134 -29.31 -31.56 -9.49
CA CYS B 134 -29.91 -31.00 -8.25
C CYS B 134 -30.18 -29.52 -8.52
N GLY B 135 -29.22 -28.84 -9.12
CA GLY B 135 -29.49 -27.44 -9.47
C GLY B 135 -30.68 -27.27 -10.39
N GLY B 136 -30.76 -28.11 -11.43
CA GLY B 136 -31.88 -28.02 -12.34
C GLY B 136 -33.21 -28.29 -11.65
N GLN B 137 -33.25 -29.32 -10.80
CA GLN B 137 -34.48 -29.56 -10.04
C GLN B 137 -34.81 -28.37 -9.14
N ALA B 138 -33.79 -27.69 -8.61
CA ALA B 138 -34.01 -26.57 -7.70
C ALA B 138 -34.47 -25.31 -8.43
N THR B 139 -33.90 -25.02 -9.59
CA THR B 139 -34.03 -23.70 -10.17
C THR B 139 -34.93 -23.67 -11.39
N ILE B 140 -35.00 -24.73 -12.18
CA ILE B 140 -35.84 -24.70 -13.37
C ILE B 140 -37.29 -24.46 -13.00
N PRO B 141 -37.82 -24.97 -11.87
CA PRO B 141 -39.17 -24.54 -11.48
C PRO B 141 -39.30 -23.04 -11.45
N ILE B 142 -38.29 -22.33 -10.92
CA ILE B 142 -38.40 -20.89 -10.84
C ILE B 142 -38.34 -20.27 -12.23
N VAL B 143 -37.41 -20.75 -13.06
CA VAL B 143 -37.33 -20.23 -14.43
C VAL B 143 -38.67 -20.40 -15.13
N HIS B 144 -39.31 -21.56 -14.93
CA HIS B 144 -40.58 -21.82 -15.62
C HIS B 144 -41.70 -20.92 -15.09
N ALA B 145 -41.75 -20.72 -13.77
CA ALA B 145 -42.74 -19.85 -13.17
C ALA B 145 -42.64 -18.45 -13.76
N VAL B 146 -41.42 -17.95 -13.94
CA VAL B 146 -41.26 -16.64 -14.58
C VAL B 146 -41.66 -16.71 -16.04
N SER B 147 -41.16 -17.71 -16.75
CA SER B 147 -41.43 -17.81 -18.17
C SER B 147 -42.93 -17.82 -18.48
N LYS B 148 -43.75 -18.28 -17.52
CA LYS B 148 -45.19 -18.38 -17.74
C LYS B 148 -45.79 -17.00 -17.87
N VAL B 149 -45.28 -16.05 -17.10
CA VAL B 149 -45.81 -14.70 -17.09
C VAL B 149 -45.17 -13.84 -18.17
N SER B 150 -43.93 -14.13 -18.53
CA SER B 150 -43.21 -13.28 -19.47
C SER B 150 -41.98 -14.01 -19.98
N PRO B 151 -41.71 -13.94 -21.28
CA PRO B 151 -40.58 -14.69 -21.86
C PRO B 151 -39.27 -14.38 -21.12
N VAL B 152 -38.54 -15.44 -20.79
CA VAL B 152 -37.24 -15.33 -20.13
C VAL B 152 -36.16 -15.34 -21.19
N HIS B 153 -35.57 -14.17 -21.48
CA HIS B 153 -34.54 -14.10 -22.52
C HIS B 153 -33.23 -14.72 -22.05
N TYR B 154 -33.00 -14.73 -20.74
CA TYR B 154 -31.74 -15.23 -20.20
C TYR B 154 -31.99 -15.66 -18.77
N ALA B 155 -31.69 -16.90 -18.44
CA ALA B 155 -31.78 -17.40 -17.08
C ALA B 155 -30.42 -17.90 -16.64
N GLU B 156 -30.08 -17.65 -15.39
CA GLU B 156 -28.77 -18.00 -14.86
C GLU B 156 -28.97 -18.42 -13.42
N ILE B 157 -28.36 -19.53 -13.01
CA ILE B 157 -28.58 -20.08 -11.69
C ILE B 157 -27.25 -20.29 -11.00
N VAL B 158 -27.19 -19.99 -9.71
CA VAL B 158 -25.99 -20.15 -8.93
C VAL B 158 -26.33 -21.12 -7.82
N ALA B 159 -25.79 -22.33 -7.93
CA ALA B 159 -25.96 -23.36 -6.91
C ALA B 159 -24.78 -23.27 -5.95
N SER B 160 -25.06 -23.12 -4.65
CA SER B 160 -24.04 -23.13 -3.61
C SER B 160 -24.34 -24.31 -2.69
N ILE B 161 -23.44 -25.27 -2.66
CA ILE B 161 -23.64 -26.55 -2.02
C ILE B 161 -22.50 -26.78 -1.05
N SER B 162 -22.81 -27.28 0.13
CA SER B 162 -21.76 -27.59 1.09
C SER B 162 -20.79 -28.61 0.53
N SER B 163 -19.50 -28.39 0.78
CA SER B 163 -18.48 -29.33 0.32
C SER B 163 -18.80 -30.76 0.76
N LYS B 164 -19.11 -30.95 2.05
CA LYS B 164 -19.37 -32.27 2.60
C LYS B 164 -20.38 -33.05 1.77
N SER B 165 -21.44 -32.38 1.35
CA SER B 165 -22.57 -33.05 0.71
C SER B 165 -22.45 -33.17 -0.79
N ALA B 166 -21.45 -32.56 -1.42
CA ALA B 166 -21.38 -32.60 -2.88
C ALA B 166 -21.04 -34.00 -3.34
N GLY B 167 -21.84 -34.52 -4.29
CA GLY B 167 -21.68 -35.87 -4.79
C GLY B 167 -20.31 -36.15 -5.40
N PRO B 168 -19.82 -37.38 -5.21
CA PRO B 168 -18.54 -37.76 -5.85
C PRO B 168 -18.57 -37.55 -7.36
N GLY B 169 -19.73 -37.74 -7.98
CA GLY B 169 -19.81 -37.59 -9.41
C GLY B 169 -19.75 -36.14 -9.83
N THR B 170 -20.41 -35.26 -9.06
CA THR B 170 -20.30 -33.83 -9.32
C THR B 170 -18.84 -33.36 -9.20
N ARG B 171 -18.13 -33.82 -8.17
CA ARG B 171 -16.72 -33.47 -8.02
C ARG B 171 -15.92 -33.94 -9.23
N ALA B 172 -16.19 -35.14 -9.71
CA ALA B 172 -15.40 -35.69 -10.79
C ALA B 172 -15.69 -35.02 -12.12
N ASN B 173 -16.87 -34.41 -12.28
CA ASN B 173 -17.28 -33.87 -13.57
C ASN B 173 -18.07 -32.59 -13.32
N ILE B 174 -17.36 -31.57 -12.82
CA ILE B 174 -18.05 -30.35 -12.43
C ILE B 174 -18.55 -29.60 -13.67
N ASP B 175 -17.80 -29.66 -14.78
CA ASP B 175 -18.30 -29.10 -16.02
C ASP B 175 -19.69 -29.64 -16.37
N GLU B 176 -19.84 -30.96 -16.34
CA GLU B 176 -21.11 -31.57 -16.72
C GLU B 176 -22.30 -31.01 -15.95
N PHE B 177 -22.11 -30.66 -14.67
CA PHE B 177 -23.17 -30.02 -13.91
C PHE B 177 -23.65 -28.74 -14.59
N THR B 178 -22.70 -27.83 -14.88
CA THR B 178 -23.10 -26.56 -15.49
C THR B 178 -23.70 -26.78 -16.87
N GLU B 179 -23.21 -27.76 -17.61
CA GLU B 179 -23.71 -27.96 -18.96
C GLU B 179 -25.09 -28.60 -18.97
N THR B 180 -25.27 -29.69 -18.20
CA THR B 180 -26.57 -30.34 -18.16
C THR B 180 -27.64 -29.38 -17.64
N THR B 181 -27.31 -28.60 -16.61
CA THR B 181 -28.30 -27.72 -16.00
C THR B 181 -28.69 -26.61 -16.95
N SER B 182 -27.71 -25.96 -17.60
CA SER B 182 -28.08 -24.88 -18.50
C SER B 182 -28.79 -25.41 -19.72
N LYS B 183 -28.42 -26.61 -20.19
CA LYS B 183 -29.18 -27.26 -21.26
C LYS B 183 -30.65 -27.40 -20.88
N ALA B 184 -30.90 -27.91 -19.67
CA ALA B 184 -32.27 -28.16 -19.22
C ALA B 184 -32.95 -26.87 -18.84
N ILE B 185 -32.20 -25.81 -18.55
CA ILE B 185 -32.79 -24.48 -18.35
C ILE B 185 -33.46 -24.00 -19.63
N LEU B 186 -32.86 -24.29 -20.78
CA LEU B 186 -33.52 -24.03 -22.06
C LEU B 186 -34.68 -24.98 -22.36
N GLU B 187 -34.38 -26.26 -22.52
CA GLU B 187 -35.39 -27.23 -22.96
C GLU B 187 -36.63 -27.22 -22.08
N VAL B 188 -36.44 -27.22 -20.76
CA VAL B 188 -37.52 -27.40 -19.80
C VAL B 188 -37.89 -26.10 -19.11
N GLY B 189 -36.89 -25.28 -18.74
CA GLY B 189 -37.19 -23.99 -18.16
C GLY B 189 -37.79 -23.00 -19.13
N GLY B 190 -37.45 -23.11 -20.40
CA GLY B 190 -38.03 -22.26 -21.41
C GLY B 190 -37.26 -21.01 -21.75
N ALA B 191 -36.13 -20.76 -21.08
CA ALA B 191 -35.31 -19.59 -21.37
C ALA B 191 -34.66 -19.68 -22.76
N ALA B 192 -34.49 -18.53 -23.40
CA ALA B 192 -33.76 -18.49 -24.66
C ALA B 192 -32.26 -18.69 -24.49
N GLN B 193 -31.71 -18.38 -23.32
CA GLN B 193 -30.30 -18.58 -23.06
C GLN B 193 -30.12 -19.01 -21.61
N GLY B 194 -29.19 -19.93 -21.38
CA GLY B 194 -29.07 -20.57 -20.08
C GLY B 194 -27.67 -20.60 -19.53
N ARG B 195 -27.56 -20.35 -18.22
CA ARG B 195 -26.29 -20.34 -17.53
C ARG B 195 -26.46 -21.03 -16.18
N ALA B 196 -25.54 -21.92 -15.84
CA ALA B 196 -25.50 -22.49 -14.51
C ALA B 196 -24.10 -22.41 -13.93
N ILE B 197 -24.01 -22.01 -12.67
CA ILE B 197 -22.77 -21.84 -11.94
C ILE B 197 -22.89 -22.65 -10.66
N ILE B 198 -21.81 -23.29 -10.24
CA ILE B 198 -21.87 -24.08 -9.01
C ILE B 198 -20.67 -23.75 -8.15
N ILE B 199 -20.93 -23.56 -6.86
CA ILE B 199 -19.88 -23.28 -5.89
C ILE B 199 -19.98 -24.28 -4.78
N LEU B 200 -18.83 -24.83 -4.40
CA LEU B 200 -18.73 -25.74 -3.27
C LEU B 200 -18.09 -24.97 -2.13
N ASN B 201 -18.77 -24.88 -1.00
CA ASN B 201 -18.25 -24.12 0.17
C ASN B 201 -18.06 -25.06 1.36
N PRO B 202 -16.85 -25.11 1.96
CA PRO B 202 -16.58 -26.03 3.06
C PRO B 202 -16.87 -25.55 4.47
N ALA B 203 -17.64 -24.49 4.63
CA ALA B 203 -17.90 -23.91 5.97
C ALA B 203 -18.20 -24.99 7.00
N GLU B 204 -17.54 -24.88 8.15
CA GLU B 204 -17.96 -25.67 9.34
C GLU B 204 -19.34 -25.14 9.70
N PRO B 205 -20.16 -25.98 10.33
CA PRO B 205 -21.59 -25.66 10.42
C PRO B 205 -21.94 -25.74 8.93
N PRO B 206 -22.04 -26.97 8.36
CA PRO B 206 -22.24 -27.13 6.95
C PRO B 206 -23.42 -26.31 6.47
N LEU B 207 -23.32 -25.76 5.27
CA LEU B 207 -24.31 -24.81 4.77
C LEU B 207 -25.50 -25.52 4.15
N ILE B 208 -26.68 -25.01 4.46
CA ILE B 208 -27.88 -25.43 3.74
C ILE B 208 -27.73 -24.98 2.29
N MET B 209 -28.04 -25.87 1.35
CA MET B 209 -27.95 -25.52 -0.06
C MET B 209 -28.68 -24.20 -0.37
N ARG B 210 -27.99 -23.32 -1.11
CA ARG B 210 -28.61 -22.11 -1.66
C ARG B 210 -28.64 -22.20 -3.19
N ASP B 211 -29.71 -21.67 -3.77
CA ASP B 211 -29.83 -21.53 -5.21
C ASP B 211 -30.37 -20.14 -5.50
N THR B 212 -29.67 -19.41 -6.33
CA THR B 212 -30.11 -18.09 -6.79
C THR B 212 -30.48 -18.19 -8.25
N VAL B 213 -31.67 -17.69 -8.61
CA VAL B 213 -32.15 -17.72 -9.98
C VAL B 213 -32.25 -16.31 -10.50
N TYR B 214 -31.64 -16.03 -11.64
CA TYR B 214 -31.73 -14.75 -12.31
C TYR B 214 -32.48 -14.94 -13.60
N CYS B 215 -33.52 -14.15 -13.80
CA CYS B 215 -34.24 -14.14 -15.07
C CYS B 215 -34.21 -12.72 -15.62
N PHE B 216 -33.81 -12.59 -16.87
CA PHE B 216 -33.91 -11.35 -17.59
C PHE B 216 -35.17 -11.39 -18.46
N VAL B 217 -36.09 -10.45 -18.22
CA VAL B 217 -37.33 -10.35 -18.96
C VAL B 217 -37.50 -8.91 -19.44
N SER B 218 -38.48 -8.70 -20.32
CA SER B 218 -38.69 -7.38 -20.86
C SER B 218 -39.15 -6.42 -19.78
N ALA B 219 -38.93 -5.13 -20.04
CA ALA B 219 -39.27 -4.07 -19.08
C ALA B 219 -40.75 -4.04 -18.69
N GLU B 220 -41.63 -4.53 -19.56
CA GLU B 220 -43.07 -4.46 -19.29
C GLU B 220 -43.61 -5.77 -18.71
N ALA B 221 -42.76 -6.61 -18.13
CA ALA B 221 -43.27 -7.78 -17.47
C ALA B 221 -44.16 -7.39 -16.29
N ASN B 222 -45.13 -8.23 -15.98
CA ASN B 222 -46.03 -7.99 -14.82
C ASN B 222 -45.30 -8.43 -13.56
N ILE B 223 -44.85 -7.48 -12.76
CA ILE B 223 -44.04 -7.79 -11.54
C ILE B 223 -44.88 -8.61 -10.55
N ASP B 224 -46.14 -8.24 -10.35
CA ASP B 224 -47.01 -8.92 -9.36
C ASP B 224 -47.32 -10.34 -9.81
N ALA B 225 -47.49 -10.53 -11.12
CA ALA B 225 -47.82 -11.86 -11.66
C ALA B 225 -46.61 -12.79 -11.54
N ILE B 226 -45.42 -12.26 -11.83
CA ILE B 226 -44.19 -13.07 -11.67
C ILE B 226 -44.09 -13.46 -10.19
N THR B 227 -44.24 -12.50 -9.30
CA THR B 227 -44.13 -12.79 -7.86
C THR B 227 -45.10 -13.91 -7.53
N ASP B 228 -46.33 -13.81 -8.03
CA ASP B 228 -47.32 -14.82 -7.69
C ASP B 228 -47.05 -16.17 -8.35
N SER B 229 -46.65 -16.17 -9.63
CA SER B 229 -46.20 -17.39 -10.27
C SER B 229 -45.08 -18.08 -9.47
N VAL B 230 -44.07 -17.31 -9.05
CA VAL B 230 -42.93 -17.89 -8.33
C VAL B 230 -43.38 -18.42 -6.97
N GLU B 231 -44.13 -17.61 -6.21
CA GLU B 231 -44.60 -18.04 -4.90
C GLU B 231 -45.48 -19.28 -5.01
N GLN B 232 -46.20 -19.42 -6.11
CA GLN B 232 -47.07 -20.57 -6.28
C GLN B 232 -46.28 -21.81 -6.68
N MET B 233 -45.36 -21.64 -7.64
CA MET B 233 -44.34 -22.64 -7.93
C MET B 233 -43.67 -23.15 -6.67
N VAL B 234 -43.25 -22.24 -5.79
CA VAL B 234 -42.60 -22.68 -4.56
C VAL B 234 -43.50 -23.60 -3.77
N LYS B 235 -44.79 -23.23 -3.65
CA LYS B 235 -45.77 -24.09 -2.99
C LYS B 235 -45.88 -25.46 -3.66
N SER B 236 -45.73 -25.52 -5.00
CA SER B 236 -45.83 -26.81 -5.68
C SER B 236 -44.60 -27.67 -5.40
N VAL B 237 -43.41 -27.08 -5.50
CA VAL B 237 -42.22 -27.84 -5.16
C VAL B 237 -42.28 -28.33 -3.72
N GLN B 238 -42.89 -27.55 -2.83
CA GLN B 238 -42.90 -27.93 -1.42
C GLN B 238 -43.70 -29.19 -1.17
N GLU B 239 -44.62 -29.53 -2.08
CA GLU B 239 -45.37 -30.79 -1.95
C GLU B 239 -44.43 -32.01 -1.95
N TYR B 240 -43.31 -31.95 -2.67
CA TYR B 240 -42.33 -33.03 -2.58
C TYR B 240 -40.98 -32.63 -2.00
N VAL B 241 -40.68 -31.34 -1.88
CA VAL B 241 -39.48 -30.89 -1.16
C VAL B 241 -39.92 -29.93 -0.06
N PRO B 242 -40.15 -30.42 1.17
CA PRO B 242 -40.67 -29.51 2.20
C PRO B 242 -39.71 -28.40 2.58
N GLY B 243 -38.40 -28.66 2.59
CA GLY B 243 -37.43 -27.64 2.95
C GLY B 243 -37.07 -26.67 1.86
N TYR B 244 -37.84 -26.64 0.78
CA TYR B 244 -37.60 -25.75 -0.35
C TYR B 244 -38.34 -24.45 -0.10
N ARG B 245 -37.61 -23.34 0.00
CA ARG B 245 -38.31 -22.09 0.32
C ARG B 245 -37.57 -20.89 -0.23
N LEU B 246 -38.32 -19.79 -0.41
CA LEU B 246 -37.69 -18.51 -0.69
C LEU B 246 -36.98 -18.04 0.56
N LYS B 247 -35.68 -17.73 0.43
CA LYS B 247 -34.95 -17.12 1.52
C LYS B 247 -35.24 -15.62 1.60
N GLN B 248 -35.60 -15.02 0.48
CA GLN B 248 -35.80 -13.59 0.31
C GLN B 248 -37.05 -13.44 -0.55
N LYS B 249 -37.69 -12.28 -0.46
CA LYS B 249 -38.75 -11.95 -1.40
C LYS B 249 -38.19 -11.91 -2.81
N VAL B 250 -39.06 -12.19 -3.78
CA VAL B 250 -38.64 -12.07 -5.18
C VAL B 250 -38.16 -10.64 -5.42
N GLN B 251 -36.98 -10.51 -6.00
CA GLN B 251 -36.39 -9.21 -6.23
C GLN B 251 -36.44 -8.82 -7.70
N PHE B 252 -36.58 -7.52 -7.93
CA PHE B 252 -36.71 -6.96 -9.26
C PHE B 252 -35.77 -5.78 -9.38
N GLU B 253 -35.15 -5.63 -10.54
CA GLU B 253 -34.22 -4.54 -10.75
C GLU B 253 -34.38 -4.03 -12.17
N LYS B 254 -34.65 -2.75 -12.32
CA LYS B 254 -34.80 -2.18 -13.64
C LYS B 254 -33.42 -1.99 -14.26
N ILE B 255 -33.26 -2.43 -15.49
CA ILE B 255 -32.07 -2.13 -16.25
C ILE B 255 -32.51 -1.20 -17.36
N VAL B 256 -32.08 0.05 -17.25
CA VAL B 256 -32.64 1.13 -18.05
C VAL B 256 -31.52 1.74 -18.89
N ALA B 257 -31.91 2.30 -20.03
CA ALA B 257 -30.98 2.93 -20.96
C ALA B 257 -29.99 3.81 -20.22
N GLY B 258 -28.73 3.75 -20.65
CA GLY B 258 -27.65 4.35 -19.92
C GLY B 258 -27.00 3.42 -18.93
N ASN B 259 -27.61 2.26 -18.67
CA ASN B 259 -27.02 1.16 -17.89
C ASN B 259 -27.33 -0.17 -18.56
N GLU B 260 -27.21 -0.22 -19.87
CA GLU B 260 -27.42 -1.47 -20.58
C GLU B 260 -26.44 -2.53 -20.08
N GLN B 261 -26.90 -3.77 -20.16
CA GLN B 261 -26.05 -4.90 -19.76
C GLN B 261 -25.86 -5.78 -20.99
N ASN B 262 -24.66 -6.32 -21.15
CA ASN B 262 -24.32 -7.14 -22.31
C ASN B 262 -24.84 -8.55 -22.08
N ILE B 263 -26.14 -8.70 -22.23
CA ILE B 263 -26.78 -9.98 -21.93
C ILE B 263 -26.57 -10.91 -23.11
N PRO B 264 -25.90 -12.05 -22.93
CA PRO B 264 -25.64 -12.93 -24.08
C PRO B 264 -26.93 -13.36 -24.77
N GLY B 265 -26.82 -13.60 -26.07
CA GLY B 265 -27.99 -13.92 -26.84
C GLY B 265 -28.64 -12.67 -27.39
N LEU B 266 -29.00 -11.75 -26.51
CA LEU B 266 -29.22 -10.38 -26.92
C LEU B 266 -27.87 -9.70 -27.01
N GLY B 267 -27.84 -8.44 -27.37
CA GLY B 267 -26.57 -7.75 -27.19
C GLY B 267 -26.66 -6.92 -25.93
N TRP B 268 -26.34 -5.64 -26.06
CA TRP B 268 -26.63 -4.71 -24.98
C TRP B 268 -28.13 -4.55 -24.85
N SER B 269 -28.63 -4.54 -23.62
CA SER B 269 -30.07 -4.65 -23.43
C SER B 269 -30.52 -3.83 -22.23
N THR B 270 -31.77 -3.38 -22.30
CA THR B 270 -32.52 -2.87 -21.17
C THR B 270 -33.67 -3.82 -20.86
N GLY B 271 -34.14 -3.79 -19.63
CA GLY B 271 -35.24 -4.65 -19.26
C GLY B 271 -35.38 -4.78 -17.75
N LEU B 272 -35.65 -5.99 -17.31
CA LEU B 272 -35.96 -6.27 -15.92
C LEU B 272 -35.25 -7.53 -15.50
N LYS B 273 -34.49 -7.44 -14.43
CA LYS B 273 -33.80 -8.59 -13.86
C LYS B 273 -34.58 -9.07 -12.64
N VAL B 274 -35.07 -10.31 -12.71
CA VAL B 274 -35.73 -11.00 -11.61
C VAL B 274 -34.69 -11.87 -10.90
N SER B 275 -34.60 -11.72 -9.57
CA SER B 275 -33.72 -12.52 -8.75
C SER B 275 -34.55 -13.27 -7.73
N VAL B 276 -34.41 -14.59 -7.68
CA VAL B 276 -35.15 -15.42 -6.74
C VAL B 276 -34.14 -16.18 -5.91
N PHE B 277 -34.14 -15.93 -4.62
CA PHE B 277 -33.17 -16.50 -3.70
C PHE B 277 -33.82 -17.66 -2.97
N LEU B 278 -33.40 -18.87 -3.27
CA LEU B 278 -33.96 -20.08 -2.67
C LEU B 278 -33.01 -20.62 -1.62
N GLU B 279 -33.60 -21.23 -0.60
CA GLU B 279 -32.90 -22.09 0.33
C GLU B 279 -33.56 -23.45 0.23
N VAL B 280 -32.77 -24.52 0.22
CA VAL B 280 -33.30 -25.86 0.00
C VAL B 280 -32.74 -26.77 1.09
N GLU B 281 -33.50 -26.98 2.15
CA GLU B 281 -33.09 -27.83 3.24
C GLU B 281 -33.58 -29.26 3.01
N GLY B 282 -32.69 -30.22 3.19
CA GLY B 282 -33.07 -31.61 3.07
C GLY B 282 -33.90 -32.06 4.25
N ALA B 283 -34.68 -33.12 4.01
CA ALA B 283 -35.57 -33.66 5.03
C ALA B 283 -34.83 -34.00 6.31
N GLY B 284 -33.52 -34.26 6.24
CA GLY B 284 -32.77 -34.52 7.45
C GLY B 284 -33.09 -35.82 8.14
N HIS B 285 -33.80 -36.73 7.50
CA HIS B 285 -34.14 -37.95 8.21
C HIS B 285 -33.11 -39.06 7.97
N TYR B 286 -32.71 -39.30 6.71
CA TYR B 286 -31.54 -40.14 6.51
C TYR B 286 -30.32 -39.33 6.08
N LEU B 287 -30.46 -38.50 5.08
CA LEU B 287 -29.43 -37.57 4.70
C LEU B 287 -29.56 -36.27 5.52
N PRO B 288 -28.47 -35.63 5.92
CA PRO B 288 -28.58 -34.47 6.82
C PRO B 288 -29.22 -33.27 6.15
N SER B 289 -29.55 -32.28 6.99
CA SER B 289 -30.13 -31.01 6.57
C SER B 289 -29.38 -30.38 5.41
N TYR B 290 -28.05 -30.34 5.51
CA TYR B 290 -27.25 -29.64 4.51
C TYR B 290 -27.10 -30.43 3.21
N ALA B 291 -27.64 -31.63 3.11
CA ALA B 291 -27.53 -32.40 1.87
C ALA B 291 -28.70 -32.15 0.93
N GLY B 292 -29.22 -30.94 0.93
CA GLY B 292 -30.33 -30.62 0.04
C GLY B 292 -30.07 -30.99 -1.40
N ASN B 293 -28.80 -30.99 -1.81
CA ASN B 293 -28.50 -31.33 -3.21
C ASN B 293 -28.83 -32.78 -3.52
N LEU B 294 -28.62 -33.68 -2.56
CA LEU B 294 -29.04 -35.05 -2.74
C LEU B 294 -30.52 -35.21 -2.49
N ASP B 295 -31.03 -34.55 -1.46
CA ASP B 295 -32.40 -34.79 -1.03
C ASP B 295 -33.39 -34.37 -2.10
N ILE B 296 -33.05 -33.34 -2.89
CA ILE B 296 -33.98 -32.89 -3.90
C ILE B 296 -34.00 -33.86 -5.07
N MET B 297 -32.89 -34.57 -5.31
CA MET B 297 -32.87 -35.60 -6.34
C MET B 297 -33.81 -36.77 -6.00
N THR B 298 -33.73 -37.27 -4.76
CA THR B 298 -34.59 -38.39 -4.40
C THR B 298 -36.04 -37.94 -4.26
N SER B 299 -36.25 -36.73 -3.71
CA SER B 299 -37.59 -36.15 -3.69
C SER B 299 -38.16 -36.07 -5.10
N ALA B 300 -37.38 -35.55 -6.05
CA ALA B 300 -37.88 -35.40 -7.40
C ALA B 300 -38.14 -36.76 -8.06
N GLY B 301 -37.25 -37.74 -7.84
CA GLY B 301 -37.46 -39.05 -8.42
C GLY B 301 -38.64 -39.77 -7.81
N LEU B 302 -38.80 -39.67 -6.50
CA LEU B 302 -39.97 -40.25 -5.87
C LEU B 302 -41.26 -39.69 -6.49
N THR B 303 -41.33 -38.36 -6.66
CA THR B 303 -42.57 -37.76 -7.14
C THR B 303 -42.82 -38.09 -8.61
N VAL B 304 -41.78 -38.31 -9.42
CA VAL B 304 -42.01 -38.76 -10.78
C VAL B 304 -42.61 -40.15 -10.77
N ALA B 305 -42.03 -41.06 -9.98
CA ALA B 305 -42.59 -42.40 -9.89
C ALA B 305 -44.03 -42.35 -9.38
N GLU B 306 -44.31 -41.50 -8.39
CA GLU B 306 -45.66 -41.39 -7.84
C GLU B 306 -46.65 -40.93 -8.90
N ARG B 307 -46.24 -40.00 -9.76
CA ARG B 307 -47.14 -39.52 -10.80
C ARG B 307 -47.30 -40.56 -11.90
N ILE B 308 -46.25 -41.31 -12.20
CA ILE B 308 -46.38 -42.47 -13.08
C ILE B 308 -47.44 -43.41 -12.51
N ALA B 309 -47.35 -43.66 -11.21
CA ALA B 309 -48.25 -44.62 -10.59
C ALA B 309 -49.68 -44.12 -10.60
N GLY B 310 -49.87 -42.81 -10.52
CA GLY B 310 -51.19 -42.23 -10.56
C GLY B 310 -51.82 -42.08 -11.92
N SER B 311 -51.13 -42.52 -12.99
CA SER B 311 -51.71 -42.50 -14.32
C SER B 311 -52.59 -43.73 -14.57
N GLY B 312 -52.04 -44.92 -14.39
CA GLY B 312 -52.78 -46.14 -14.67
C GLY B 312 -51.86 -47.34 -14.68
N VAL B 313 -52.27 -48.35 -15.46
CA VAL B 313 -51.73 -49.71 -15.34
C VAL B 313 -50.24 -49.74 -15.69
N GLN B 314 -49.48 -50.55 -14.94
CA GLN B 314 -48.07 -50.83 -15.23
C GLN B 314 -47.99 -52.18 -15.93
N VAL B 315 -47.61 -52.15 -17.22
CA VAL B 315 -47.49 -53.36 -18.04
C VAL B 315 -46.02 -53.53 -18.45
N GLY B 316 -45.36 -54.56 -17.89
CA GLY B 316 -44.00 -54.87 -18.27
C GLY B 316 -43.90 -55.79 -19.48
N GLY B 317 -43.78 -55.20 -20.67
CA GLY B 317 -43.62 -55.97 -21.90
C GLY B 317 -42.16 -56.14 -22.32
N SER C 12 5.77 -15.94 13.41
CA SER C 12 6.21 -14.61 13.86
C SER C 12 6.58 -14.59 15.33
N MET C 13 7.83 -14.25 15.63
CA MET C 13 8.29 -14.27 17.01
C MET C 13 7.92 -13.02 17.78
N ILE C 14 7.03 -12.19 17.25
CA ILE C 14 6.56 -11.02 17.99
C ILE C 14 5.77 -11.47 19.20
N ASP C 15 6.02 -10.82 20.32
CA ASP C 15 5.37 -11.11 21.60
C ASP C 15 4.00 -10.45 21.57
N GLN C 16 2.94 -11.26 21.39
CA GLN C 16 1.62 -10.67 21.23
C GLN C 16 1.20 -9.85 22.44
N ALA C 17 1.79 -10.09 23.61
CA ALA C 17 1.37 -9.37 24.79
C ALA C 17 2.05 -8.00 24.91
N LYS C 18 3.22 -7.84 24.31
CA LYS C 18 3.97 -6.61 24.50
C LYS C 18 3.20 -5.44 23.89
N LYS C 19 3.03 -4.37 24.67
CA LYS C 19 2.27 -3.21 24.21
C LYS C 19 3.08 -2.43 23.17
N ILE C 20 2.44 -2.16 22.04
CA ILE C 20 3.01 -1.34 20.99
C ILE C 20 2.63 0.12 21.27
N TYR C 21 3.62 0.94 21.57
CA TYR C 21 3.40 2.37 21.66
C TYR C 21 2.96 2.88 20.31
N ILE C 22 1.75 3.46 20.26
CA ILE C 22 1.17 3.95 19.01
C ILE C 22 1.29 5.47 19.00
N SER C 23 2.07 5.98 18.04
CA SER C 23 2.44 7.38 17.96
C SER C 23 1.98 7.90 16.62
N ASP C 24 0.95 8.74 16.64
CA ASP C 24 0.38 9.27 15.41
C ASP C 24 1.11 10.54 14.96
N VAL C 25 1.19 10.74 13.65
CA VAL C 25 1.91 11.86 13.09
C VAL C 25 1.04 12.52 12.01
N THR C 26 -0.27 12.21 12.05
CA THR C 26 -1.24 12.84 11.15
C THR C 26 -1.12 14.35 11.13
N LEU C 27 -0.88 14.97 12.30
CA LEU C 27 -0.84 16.41 12.46
C LEU C 27 0.59 16.97 12.50
N ARG C 28 1.58 16.22 12.03
CA ARG C 28 2.90 16.76 11.88
C ARG C 28 3.42 16.34 10.51
N ASP C 29 3.74 15.06 10.34
CA ASP C 29 4.07 14.59 9.01
C ASP C 29 2.95 14.91 8.02
N GLY C 30 1.70 14.87 8.46
CA GLY C 30 0.57 15.14 7.58
C GLY C 30 0.51 16.58 7.12
N MET C 31 1.09 17.50 7.89
CA MET C 31 1.27 18.87 7.44
C MET C 31 1.84 18.94 6.02
N HIS C 32 2.80 18.07 5.70
CA HIS C 32 3.38 18.09 4.35
C HIS C 32 2.33 17.82 3.30
N ALA C 33 1.39 16.91 3.60
CA ALA C 33 0.38 16.56 2.63
C ALA C 33 -0.60 17.69 2.39
N ILE C 34 -0.72 18.62 3.33
CA ILE C 34 -1.70 19.70 3.22
C ILE C 34 -0.99 21.06 3.29
N ARG C 35 0.24 21.11 2.78
CA ARG C 35 1.09 22.30 2.74
C ARG C 35 1.01 23.09 4.04
N HIS C 36 1.04 22.38 5.18
CA HIS C 36 1.13 23.00 6.51
C HIS C 36 -0.06 23.91 6.80
N ARG C 37 -1.23 23.61 6.21
CA ARG C 37 -2.39 24.48 6.29
C ARG C 37 -3.53 23.83 7.09
N TYR C 38 -3.18 22.98 8.05
CA TYR C 38 -4.17 22.53 9.02
C TYR C 38 -4.70 23.72 9.78
N THR C 39 -6.03 23.77 9.93
CA THR C 39 -6.62 24.79 10.79
C THR C 39 -6.62 24.32 12.24
N LEU C 40 -6.90 25.24 13.16
CA LEU C 40 -7.03 24.86 14.56
C LEU C 40 -8.18 23.89 14.77
N ASN C 41 -9.25 24.03 13.99
CA ASN C 41 -10.36 23.11 14.14
C ASN C 41 -10.03 21.73 13.55
N HIS C 42 -9.26 21.71 12.46
CA HIS C 42 -8.70 20.44 11.99
C HIS C 42 -7.94 19.75 13.11
N VAL C 43 -7.12 20.51 13.84
CA VAL C 43 -6.24 19.91 14.85
C VAL C 43 -7.05 19.42 16.05
N SER C 44 -8.02 20.23 16.53
CA SER C 44 -8.88 19.77 17.62
C SER C 44 -9.64 18.52 17.23
N GLN C 45 -10.31 18.55 16.07
CA GLN C 45 -11.14 17.42 15.66
C GLN C 45 -10.30 16.15 15.49
N ILE C 46 -9.14 16.25 14.85
CA ILE C 46 -8.34 15.05 14.59
C ILE C 46 -7.67 14.55 15.87
N ALA C 47 -7.15 15.46 16.69
CA ALA C 47 -6.59 15.04 17.96
C ALA C 47 -7.64 14.39 18.84
N ARG C 48 -8.89 14.87 18.79
CA ARG C 48 -9.98 14.26 19.58
C ARG C 48 -10.28 12.83 19.10
N ALA C 49 -10.45 12.65 17.80
CA ALA C 49 -10.73 11.31 17.27
C ALA C 49 -9.60 10.34 17.63
N LEU C 50 -8.35 10.74 17.37
CA LEU C 50 -7.21 9.88 17.67
C LEU C 50 -7.09 9.63 19.18
N ASP C 51 -7.41 10.65 19.99
CA ASP C 51 -7.40 10.49 21.43
C ASP C 51 -8.42 9.45 21.88
N GLU C 52 -9.63 9.54 21.35
CA GLU C 52 -10.68 8.60 21.74
C GLU C 52 -10.47 7.22 21.14
N ALA C 53 -9.60 7.08 20.14
CA ALA C 53 -9.27 5.78 19.59
C ALA C 53 -8.11 5.07 20.30
N GLY C 54 -7.50 5.70 21.31
CA GLY C 54 -6.58 5.01 22.19
C GLY C 54 -5.09 5.16 21.91
N VAL C 55 -4.69 5.96 20.92
CA VAL C 55 -3.27 6.14 20.62
C VAL C 55 -2.56 6.74 21.83
N ASP C 56 -1.25 6.43 21.94
CA ASP C 56 -0.45 6.91 23.07
C ASP C 56 0.05 8.34 22.86
N SER C 57 0.30 8.75 21.63
CA SER C 57 0.80 10.09 21.39
C SER C 57 0.23 10.64 20.10
N ILE C 58 -0.02 11.95 20.08
CA ILE C 58 -0.39 12.69 18.89
C ILE C 58 0.67 13.75 18.64
N GLU C 59 1.31 13.72 17.47
CA GLU C 59 2.42 14.62 17.17
C GLU C 59 1.93 15.83 16.38
N VAL C 60 2.33 17.00 16.87
CA VAL C 60 1.82 18.26 16.26
C VAL C 60 2.97 19.26 16.12
N ALA C 61 3.21 19.72 14.90
CA ALA C 61 4.21 20.77 14.61
C ALA C 61 4.15 20.99 13.11
N HIS C 62 4.90 21.96 12.61
CA HIS C 62 4.99 22.09 11.14
C HIS C 62 5.65 20.79 10.67
N GLY C 63 5.39 20.40 9.44
CA GLY C 63 5.99 19.15 8.92
C GLY C 63 7.49 19.08 9.11
N ASP C 64 8.19 20.18 8.85
CA ASP C 64 9.68 20.22 9.01
C ASP C 64 9.98 20.50 10.48
N GLY C 65 8.98 20.37 11.35
CA GLY C 65 9.23 20.50 12.79
C GLY C 65 8.94 21.86 13.38
N LEU C 66 9.44 22.08 14.59
CA LEU C 66 9.27 23.39 15.26
C LEU C 66 9.91 24.47 14.40
N LYS C 67 9.15 25.50 14.07
CA LYS C 67 9.60 26.60 13.19
C LYS C 67 9.96 26.12 11.78
N GLY C 68 9.39 24.99 11.35
CA GLY C 68 9.45 24.67 9.93
C GLY C 68 8.84 25.74 9.05
N SER C 69 7.90 26.52 9.58
CA SER C 69 7.27 27.57 8.79
C SER C 69 8.31 28.56 8.27
N SER C 70 8.33 28.75 6.96
CA SER C 70 9.45 29.35 6.24
C SER C 70 9.11 29.39 4.76
N PHE C 71 9.90 30.16 4.01
CA PHE C 71 9.84 30.04 2.55
C PHE C 71 10.34 28.69 2.09
N ASN C 72 11.28 28.09 2.83
CA ASN C 72 11.95 26.90 2.34
C ASN C 72 10.98 25.72 2.30
N TYR C 73 10.29 25.48 3.42
CA TYR C 73 9.43 24.32 3.59
C TYR C 73 7.95 24.64 3.42
N GLY C 74 7.58 25.92 3.55
CA GLY C 74 6.19 26.36 3.49
C GLY C 74 5.80 27.10 4.75
N PHE C 75 5.00 28.15 4.63
CA PHE C 75 4.56 28.86 5.83
C PHE C 75 3.36 28.15 6.45
N GLY C 76 3.39 28.02 7.78
CA GLY C 76 2.28 27.38 8.50
C GLY C 76 1.07 28.30 8.57
N ALA C 77 -0.12 27.69 8.56
CA ALA C 77 -1.36 28.48 8.60
C ALA C 77 -1.61 29.06 9.99
N TYR C 78 -1.09 28.38 11.01
CA TYR C 78 -1.00 28.89 12.37
C TYR C 78 0.38 28.55 12.89
N SER C 79 0.78 29.17 13.98
CA SER C 79 2.06 28.82 14.56
C SER C 79 1.97 27.46 15.26
N ASP C 80 3.13 26.89 15.58
CA ASP C 80 3.16 25.66 16.38
C ASP C 80 2.44 25.85 17.71
N LEU C 81 2.65 27.01 18.34
CA LEU C 81 2.03 27.33 19.63
C LEU C 81 0.51 27.17 19.55
N GLU C 82 -0.11 27.84 18.58
CA GLU C 82 -1.54 27.69 18.37
C GLU C 82 -1.91 26.23 18.07
N TRP C 83 -1.11 25.55 17.26
CA TRP C 83 -1.38 24.16 16.93
C TRP C 83 -1.28 23.26 18.16
N ILE C 84 -0.17 23.36 18.90
CA ILE C 84 0.03 22.46 20.04
C ILE C 84 -0.99 22.74 21.13
N SER C 85 -1.33 24.02 21.35
CA SER C 85 -2.37 24.37 22.33
C SER C 85 -3.71 23.78 21.96
N ALA C 86 -4.08 23.84 20.67
CA ALA C 86 -5.33 23.24 20.22
C ALA C 86 -5.34 21.74 20.47
N ALA C 87 -4.24 21.06 20.14
CA ALA C 87 -4.15 19.62 20.36
C ALA C 87 -4.14 19.29 21.84
N ALA C 88 -3.29 19.98 22.61
CA ALA C 88 -3.19 19.71 24.05
C ALA C 88 -4.55 19.84 24.73
N GLU C 89 -5.35 20.84 24.30
CA GLU C 89 -6.66 21.05 24.87
C GLU C 89 -7.66 19.96 24.50
N ALA C 90 -7.51 19.34 23.31
CA ALA C 90 -8.50 18.43 22.78
C ALA C 90 -8.35 16.99 23.27
N VAL C 91 -7.17 16.61 23.77
CA VAL C 91 -6.86 15.22 24.13
C VAL C 91 -6.90 15.08 25.64
N LYS C 92 -7.39 13.93 26.11
CA LYS C 92 -7.50 13.66 27.53
C LYS C 92 -6.58 12.56 28.03
N GLN C 93 -6.11 11.67 27.17
CA GLN C 93 -5.24 10.61 27.62
C GLN C 93 -3.90 10.58 26.90
N ALA C 94 -3.88 10.87 25.60
CA ALA C 94 -2.64 10.81 24.83
C ALA C 94 -1.73 11.98 25.18
N LYS C 95 -0.42 11.73 25.06
CA LYS C 95 0.54 12.81 25.14
C LYS C 95 0.62 13.52 23.80
N ILE C 96 0.95 14.80 23.83
CA ILE C 96 1.18 15.57 22.61
C ILE C 96 2.68 15.54 22.33
N ALA C 97 3.05 14.99 21.19
CA ALA C 97 4.43 14.95 20.80
C ALA C 97 4.71 16.07 19.80
N THR C 98 5.99 16.39 19.63
CA THR C 98 6.38 17.39 18.66
C THR C 98 7.74 16.99 18.12
N LEU C 99 8.12 17.63 17.03
CA LEU C 99 9.33 17.29 16.28
C LEU C 99 10.20 18.53 16.19
N LEU C 100 11.50 18.33 16.41
CA LEU C 100 12.46 19.44 16.37
C LEU C 100 13.67 18.99 15.56
N LEU C 101 14.04 19.77 14.54
CA LEU C 101 15.23 19.51 13.75
C LEU C 101 16.28 20.54 14.10
N PRO C 102 17.37 20.17 14.78
CA PRO C 102 18.46 21.12 15.02
C PRO C 102 18.92 21.75 13.71
N GLY C 103 19.13 23.06 13.73
CA GLY C 103 19.37 23.84 12.53
C GLY C 103 18.13 24.49 11.97
N ILE C 104 16.96 23.95 12.30
CA ILE C 104 15.68 24.56 11.97
C ILE C 104 15.04 25.15 13.21
N GLY C 105 14.69 24.30 14.18
CA GLY C 105 14.18 24.74 15.45
C GLY C 105 15.26 24.70 16.52
N THR C 106 15.01 25.41 17.61
CA THR C 106 15.96 25.64 18.68
C THR C 106 15.38 25.23 20.03
N VAL C 107 16.21 25.25 21.08
CA VAL C 107 15.67 24.95 22.40
C VAL C 107 14.65 26.00 22.82
N HIS C 108 14.85 27.26 22.41
CA HIS C 108 13.83 28.27 22.66
C HIS C 108 12.49 27.82 22.11
N ASP C 109 12.47 27.27 20.88
CA ASP C 109 11.22 26.81 20.28
C ASP C 109 10.63 25.65 21.06
N LEU C 110 11.49 24.71 21.50
CA LEU C 110 11.09 23.64 22.39
C LEU C 110 10.39 24.19 23.63
N ARG C 111 11.06 25.10 24.35
CA ARG C 111 10.47 25.68 25.55
C ARG C 111 9.08 26.22 25.27
N GLU C 112 8.91 26.91 24.11
CA GLU C 112 7.57 27.31 23.69
C GLU C 112 6.63 26.11 23.54
N ALA C 113 7.10 25.01 22.94
CA ALA C 113 6.21 23.88 22.68
C ALA C 113 5.80 23.18 23.96
N TYR C 114 6.76 22.95 24.86
CA TYR C 114 6.43 22.36 26.16
C TYR C 114 5.37 23.19 26.88
N ASP C 115 5.50 24.53 26.82
CA ASP C 115 4.56 25.41 27.51
C ASP C 115 3.21 25.47 26.83
N ALA C 116 3.11 25.04 25.58
CA ALA C 116 1.82 24.89 24.94
C ALA C 116 1.22 23.50 25.09
N GLY C 117 1.93 22.57 25.75
CA GLY C 117 1.38 21.27 26.11
C GLY C 117 2.12 20.04 25.62
N ALA C 118 3.13 20.17 24.77
CA ALA C 118 3.86 18.99 24.31
C ALA C 118 4.68 18.38 25.45
N ARG C 119 4.60 17.06 25.61
CA ARG C 119 5.40 16.35 26.60
C ARG C 119 6.31 15.30 25.97
N VAL C 120 6.25 15.13 24.65
CA VAL C 120 7.17 14.28 23.92
C VAL C 120 7.83 15.10 22.82
N VAL C 121 9.15 15.02 22.70
CA VAL C 121 9.87 15.71 21.64
C VAL C 121 10.80 14.70 20.98
N ARG C 122 10.77 14.67 19.67
CA ARG C 122 11.68 13.86 18.87
C ARG C 122 12.67 14.82 18.22
N VAL C 123 13.93 14.72 18.62
CA VAL C 123 15.01 15.52 18.07
C VAL C 123 15.56 14.79 16.85
N ALA C 124 15.36 15.35 15.67
CA ALA C 124 15.70 14.69 14.41
C ALA C 124 16.89 15.37 13.76
N THR C 125 17.96 14.61 13.57
CA THR C 125 19.11 15.00 12.77
C THR C 125 19.21 14.06 11.59
N HIS C 126 20.00 14.46 10.61
CA HIS C 126 20.45 13.47 9.62
C HIS C 126 21.27 12.39 10.31
N CYS C 127 21.32 11.20 9.68
CA CYS C 127 21.79 10.00 10.38
C CYS C 127 23.30 9.93 10.55
N THR C 128 24.06 10.89 10.03
CA THR C 128 25.47 11.01 10.32
C THR C 128 25.78 12.18 11.24
N GLU C 129 24.76 12.93 11.69
CA GLU C 129 24.97 14.21 12.36
C GLU C 129 24.37 14.26 13.76
N ALA C 130 24.28 13.12 14.44
CA ALA C 130 23.66 13.08 15.75
C ALA C 130 24.33 14.01 16.74
N ASP C 131 25.61 14.33 16.55
CA ASP C 131 26.32 15.09 17.58
C ASP C 131 25.88 16.56 17.65
N VAL C 132 25.04 17.02 16.72
CA VAL C 132 24.50 18.37 16.83
C VAL C 132 23.26 18.43 17.70
N SER C 133 22.77 17.29 18.20
CA SER C 133 21.50 17.25 18.91
C SER C 133 21.66 17.30 20.42
N ARG C 134 22.88 17.41 20.93
CA ARG C 134 23.09 17.29 22.37
C ARG C 134 22.31 18.32 23.14
N GLN C 135 22.46 19.59 22.79
CA GLN C 135 21.81 20.63 23.59
C GLN C 135 20.29 20.49 23.58
N HIS C 136 19.71 19.97 22.49
CA HIS C 136 18.26 19.76 22.49
C HIS C 136 17.87 18.55 23.33
N ILE C 137 18.60 17.44 23.20
CA ILE C 137 18.25 16.26 23.99
C ILE C 137 18.40 16.57 25.47
N GLU C 138 19.51 17.22 25.85
CA GLU C 138 19.71 17.59 27.24
C GLU C 138 18.61 18.54 27.72
N TYR C 139 18.32 19.58 26.96
CA TYR C 139 17.32 20.54 27.40
C TYR C 139 15.95 19.89 27.54
N ALA C 140 15.61 18.99 26.61
CA ALA C 140 14.34 18.29 26.73
C ALA C 140 14.29 17.42 27.97
N ARG C 141 15.40 16.75 28.30
CA ARG C 141 15.50 16.02 29.56
C ARG C 141 15.28 16.96 30.74
N GLY C 142 15.96 18.12 30.72
CA GLY C 142 15.80 19.08 31.80
C GLY C 142 14.34 19.50 32.01
N LEU C 143 13.60 19.67 30.91
CA LEU C 143 12.19 20.00 31.00
C LEU C 143 11.35 18.88 31.61
N GLY C 144 11.90 17.69 31.74
CA GLY C 144 11.11 16.54 32.15
C GLY C 144 10.40 15.83 31.03
N MET C 145 10.75 16.11 29.78
CA MET C 145 10.01 15.52 28.67
C MET C 145 10.47 14.10 28.38
N ASP C 146 9.62 13.38 27.66
CA ASP C 146 10.05 12.17 27.00
C ASP C 146 10.86 12.59 25.80
N THR C 147 12.14 12.24 25.82
CA THR C 147 13.14 12.72 24.88
C THR C 147 13.48 11.58 23.93
N VAL C 148 13.22 11.80 22.65
CA VAL C 148 13.44 10.80 21.62
C VAL C 148 14.40 11.35 20.58
N GLY C 149 15.32 10.50 20.11
CA GLY C 149 16.21 10.85 19.04
C GLY C 149 15.70 10.25 17.74
N PHE C 150 15.78 11.03 16.68
CA PHE C 150 15.32 10.66 15.35
C PHE C 150 16.52 10.71 14.41
N LEU C 151 16.79 9.61 13.73
CA LEU C 151 17.90 9.53 12.79
C LEU C 151 17.30 9.49 11.39
N MET C 152 17.25 10.66 10.78
CA MET C 152 16.54 10.83 9.52
C MET C 152 17.33 10.18 8.40
N MET C 153 16.60 9.71 7.38
CA MET C 153 17.23 9.18 6.17
C MET C 153 18.09 7.94 6.47
N SER C 154 17.58 7.07 7.34
CA SER C 154 18.34 5.93 7.82
C SER C 154 18.79 4.98 6.70
N HIS C 155 18.23 5.08 5.50
CA HIS C 155 18.72 4.19 4.45
C HIS C 155 20.14 4.55 4.03
N MET C 156 20.59 5.76 4.33
CA MET C 156 21.88 6.25 3.87
C MET C 156 23.02 5.80 4.76
N GLN C 157 22.75 4.98 5.75
CA GLN C 157 23.71 4.71 6.80
C GLN C 157 23.72 3.20 7.03
N THR C 158 24.90 2.63 7.23
CA THR C 158 25.01 1.21 7.54
C THR C 158 24.36 0.94 8.90
N PRO C 159 23.92 -0.30 9.14
CA PRO C 159 23.37 -0.61 10.49
C PRO C 159 24.35 -0.25 11.62
N VAL C 160 25.61 -0.67 11.53
CA VAL C 160 26.55 -0.38 12.62
C VAL C 160 26.80 1.12 12.71
N GLY C 161 26.89 1.80 11.57
CA GLY C 161 27.03 3.25 11.61
C GLY C 161 25.83 3.93 12.22
N LEU C 162 24.61 3.47 11.86
CA LEU C 162 23.38 4.05 12.40
C LEU C 162 23.25 3.81 13.89
N ALA C 163 23.72 2.65 14.36
CA ALA C 163 23.64 2.31 15.77
C ALA C 163 24.58 3.17 16.60
N GLN C 164 25.79 3.45 16.10
CA GLN C 164 26.70 4.30 16.86
C GLN C 164 26.13 5.70 17.03
N GLN C 165 25.47 6.22 15.98
CA GLN C 165 24.79 7.51 16.08
C GLN C 165 23.65 7.45 17.09
N ALA C 166 22.92 6.32 17.12
CA ALA C 166 21.90 6.14 18.17
C ALA C 166 22.56 6.16 19.55
N LYS C 167 23.75 5.58 19.67
CA LYS C 167 24.44 5.57 20.96
C LYS C 167 24.76 6.99 21.41
N LEU C 168 25.19 7.85 20.47
CA LEU C 168 25.47 9.24 20.82
C LEU C 168 24.23 9.91 21.41
N MET C 169 23.10 9.80 20.71
CA MET C 169 21.90 10.46 21.23
C MET C 169 21.49 9.85 22.55
N GLU C 170 21.81 8.57 22.75
CA GLU C 170 21.56 7.94 24.04
C GLU C 170 22.48 8.53 25.11
N ASN C 171 23.77 8.67 24.80
CA ASN C 171 24.67 9.33 25.73
C ASN C 171 24.14 10.69 26.15
N TYR C 172 23.54 11.43 25.22
CA TYR C 172 23.02 12.75 25.54
C TYR C 172 21.79 12.69 26.43
N GLY C 173 21.09 11.56 26.47
CA GLY C 173 20.00 11.43 27.41
C GLY C 173 18.70 11.07 26.76
N ALA C 174 18.75 10.74 25.47
CA ALA C 174 17.55 10.31 24.79
C ALA C 174 17.14 8.93 25.27
N GLN C 175 15.84 8.73 25.47
CA GLN C 175 15.32 7.49 26.05
C GLN C 175 14.71 6.57 24.99
N CYS C 176 14.93 6.86 23.72
CA CYS C 176 14.29 6.13 22.64
C CYS C 176 14.86 6.66 21.34
N ILE C 177 15.36 5.76 20.50
CA ILE C 177 15.87 6.15 19.19
C ILE C 177 14.99 5.53 18.13
N TYR C 178 14.66 6.31 17.13
CA TYR C 178 13.81 5.84 16.03
C TYR C 178 14.67 5.57 14.81
N VAL C 179 14.46 4.43 14.19
CA VAL C 179 14.91 4.23 12.82
C VAL C 179 13.93 4.98 11.93
N VAL C 180 14.44 5.94 11.16
CA VAL C 180 13.55 6.83 10.40
C VAL C 180 13.84 6.65 8.93
N ASP C 181 12.89 6.05 8.21
CA ASP C 181 13.04 5.86 6.78
C ASP C 181 12.41 7.06 6.06
N SER C 182 13.11 8.20 6.18
CA SER C 182 12.61 9.47 5.65
C SER C 182 12.30 9.39 4.16
N GLY C 183 13.08 8.61 3.41
CA GLY C 183 12.79 8.51 2.00
C GLY C 183 11.88 7.36 1.63
N GLY C 184 11.35 6.65 2.62
CA GLY C 184 10.55 5.47 2.32
C GLY C 184 11.28 4.52 1.39
N ALA C 185 12.58 4.34 1.62
CA ALA C 185 13.44 3.68 0.66
C ALA C 185 13.81 2.25 1.06
N MET C 186 13.50 1.84 2.28
CA MET C 186 14.01 0.59 2.83
C MET C 186 12.96 -0.52 2.80
N ASN C 187 13.43 -1.77 2.71
CA ASN C 187 12.55 -2.93 2.78
C ASN C 187 12.69 -3.55 4.16
N MET C 188 11.90 -4.60 4.41
CA MET C 188 11.84 -5.21 5.73
C MET C 188 13.21 -5.71 6.19
N TRP C 189 14.05 -6.18 5.27
CA TRP C 189 15.36 -6.69 5.66
C TRP C 189 16.29 -5.55 6.05
N ASP C 190 16.29 -4.46 5.28
CA ASP C 190 16.93 -3.22 5.72
C ASP C 190 16.47 -2.83 7.12
N ILE C 191 15.17 -2.92 7.38
CA ILE C 191 14.65 -2.52 8.69
C ILE C 191 15.18 -3.43 9.79
N ALA C 192 15.05 -4.75 9.58
CA ALA C 192 15.47 -5.72 10.59
C ALA C 192 16.96 -5.58 10.91
N GLU C 193 17.79 -5.46 9.88
CA GLU C 193 19.22 -5.32 10.13
C GLU C 193 19.49 -4.15 11.05
N ARG C 194 18.70 -3.07 10.90
CA ARG C 194 19.00 -1.84 11.64
C ARG C 194 18.50 -1.92 13.08
N PHE C 195 17.40 -2.62 13.33
CA PHE C 195 17.01 -2.84 14.72
C PHE C 195 17.98 -3.80 15.43
N LYS C 196 18.38 -4.89 14.77
CA LYS C 196 19.44 -5.73 15.33
C LYS C 196 20.61 -4.88 15.80
N ALA C 197 21.17 -4.07 14.90
CA ALA C 197 22.33 -3.24 15.24
C ALA C 197 22.07 -2.34 16.43
N LEU C 198 20.87 -1.76 16.53
CA LEU C 198 20.54 -0.86 17.63
C LEU C 198 20.42 -1.60 18.95
N LYS C 199 19.64 -2.68 18.99
CA LYS C 199 19.53 -3.45 20.23
C LYS C 199 20.88 -4.04 20.65
N ASP C 200 21.88 -4.05 19.76
CA ASP C 200 23.20 -4.57 20.11
C ASP C 200 23.95 -3.62 21.03
N VAL C 201 23.82 -2.31 20.81
CA VAL C 201 24.63 -1.34 21.51
C VAL C 201 23.84 -0.49 22.50
N LEU C 202 22.55 -0.26 22.24
CA LEU C 202 21.75 0.53 23.14
C LEU C 202 21.59 -0.20 24.46
N ASP C 203 21.50 0.57 25.54
CA ASP C 203 21.12 0.00 26.81
C ASP C 203 19.78 -0.70 26.66
N PRO C 204 19.59 -1.87 27.26
CA PRO C 204 18.35 -2.63 27.03
C PRO C 204 17.10 -1.83 27.36
N ALA C 205 17.20 -0.93 28.35
CA ALA C 205 16.08 -0.09 28.73
C ALA C 205 15.78 0.98 27.67
N THR C 206 16.77 1.42 26.91
CA THR C 206 16.48 2.41 25.88
C THR C 206 15.53 1.84 24.86
N GLN C 207 14.44 2.54 24.61
CA GLN C 207 13.46 2.04 23.68
C GLN C 207 13.85 2.40 22.23
N THR C 208 13.16 1.76 21.29
CA THR C 208 13.35 1.99 19.87
C THR C 208 11.99 2.27 19.24
N GLY C 209 12.02 3.00 18.12
CA GLY C 209 10.82 3.28 17.38
C GLY C 209 11.07 3.15 15.88
N MET C 210 9.96 3.10 15.13
CA MET C 210 9.98 2.92 13.68
C MET C 210 9.19 4.06 13.06
N HIS C 211 9.78 4.74 12.07
CA HIS C 211 9.07 5.81 11.35
C HIS C 211 9.22 5.47 9.88
N ALA C 212 8.25 4.70 9.40
CA ALA C 212 8.25 4.21 8.03
C ALA C 212 7.58 5.24 7.12
N HIS C 213 8.01 5.26 5.86
CA HIS C 213 7.22 5.91 4.84
C HIS C 213 6.81 4.86 3.81
N HIS C 214 5.65 5.10 3.20
CA HIS C 214 4.95 4.14 2.37
C HIS C 214 5.40 4.15 0.91
N ASN C 215 6.54 4.78 0.61
CA ASN C 215 6.88 5.09 -0.78
C ASN C 215 7.12 3.84 -1.62
N LEU C 216 7.41 2.71 -0.99
CA LEU C 216 7.50 1.44 -1.70
C LEU C 216 6.31 0.55 -1.38
N SER C 217 5.29 1.08 -0.71
CA SER C 217 4.14 0.35 -0.17
C SER C 217 4.54 -0.56 0.99
N LEU C 218 5.65 -0.24 1.66
CA LEU C 218 6.20 -1.07 2.72
C LEU C 218 6.01 -0.44 4.10
N GLY C 219 5.12 0.54 4.24
CA GLY C 219 4.98 1.22 5.51
C GLY C 219 4.41 0.37 6.63
N VAL C 220 3.36 -0.39 6.35
CA VAL C 220 2.85 -1.34 7.35
C VAL C 220 3.84 -2.50 7.53
N ALA C 221 4.40 -3.00 6.43
CA ALA C 221 5.27 -4.18 6.48
C ALA C 221 6.51 -3.90 7.31
N ASN C 222 7.14 -2.75 7.07
CA ASN C 222 8.36 -2.39 7.80
C ASN C 222 8.07 -2.17 9.27
N SER C 223 6.91 -1.60 9.61
CA SER C 223 6.59 -1.37 11.01
C SER C 223 6.43 -2.69 11.76
N LEU C 224 5.69 -3.64 11.17
CA LEU C 224 5.51 -4.95 11.80
C LEU C 224 6.84 -5.67 11.96
N VAL C 225 7.74 -5.52 10.99
CA VAL C 225 9.01 -6.21 11.05
C VAL C 225 9.89 -5.57 12.12
N ALA C 226 9.81 -4.24 12.24
CA ALA C 226 10.50 -3.56 13.34
C ALA C 226 10.09 -4.16 14.66
N LEU C 227 8.77 -4.32 14.87
CA LEU C 227 8.24 -5.01 16.04
C LEU C 227 8.91 -6.36 16.24
N GLU C 228 9.08 -7.13 15.17
CA GLU C 228 9.64 -8.45 15.29
C GLU C 228 11.12 -8.43 15.69
N ASN C 229 11.79 -7.32 15.48
CA ASN C 229 13.19 -7.20 15.89
C ASN C 229 13.38 -6.29 17.10
N GLY C 230 12.35 -6.17 17.94
CA GLY C 230 12.47 -5.57 19.26
C GLY C 230 11.89 -4.18 19.40
N CYS C 231 11.33 -3.61 18.34
CA CYS C 231 10.91 -2.22 18.33
C CYS C 231 9.75 -1.99 19.31
N ASP C 232 9.78 -0.84 19.98
CA ASP C 232 8.74 -0.52 20.96
C ASP C 232 7.70 0.45 20.46
N ARG C 233 8.05 1.39 19.58
CA ARG C 233 7.15 2.46 19.18
C ARG C 233 6.96 2.46 17.67
N VAL C 234 5.73 2.78 17.23
CA VAL C 234 5.42 2.79 15.82
C VAL C 234 4.78 4.13 15.47
N ASP C 235 5.37 4.83 14.52
CA ASP C 235 4.79 6.03 13.95
C ASP C 235 3.87 5.66 12.80
N ALA C 236 2.69 6.26 12.77
CA ALA C 236 1.81 6.06 11.64
C ALA C 236 0.84 7.25 11.60
N SER C 237 0.04 7.31 10.55
CA SER C 237 -0.87 8.43 10.39
C SER C 237 -2.13 7.96 9.67
N LEU C 238 -3.21 8.71 9.88
CA LEU C 238 -4.51 8.33 9.35
C LEU C 238 -4.51 8.51 7.85
N THR C 239 -4.85 7.43 7.12
CA THR C 239 -4.68 7.31 5.68
C THR C 239 -3.23 7.41 5.25
N GLY C 240 -2.30 7.38 6.20
CA GLY C 240 -0.92 7.64 5.85
C GLY C 240 -0.57 9.09 5.63
N MET C 241 -1.56 9.99 5.69
CA MET C 241 -1.37 11.44 5.67
C MET C 241 0.01 11.85 6.15
N GLY C 242 0.86 12.20 5.20
CA GLY C 242 2.25 12.43 5.51
C GLY C 242 2.96 12.78 4.23
N ALA C 243 4.29 12.93 4.35
CA ALA C 243 5.08 13.31 3.20
C ALA C 243 5.16 12.15 2.21
N GLY C 244 5.24 12.51 0.92
CA GLY C 244 5.37 11.51 -0.14
C GLY C 244 4.13 10.65 -0.28
N ALA C 245 4.33 9.34 -0.42
CA ALA C 245 3.22 8.40 -0.42
C ALA C 245 2.63 8.24 0.97
N GLY C 246 3.22 8.89 1.97
CA GLY C 246 2.67 8.97 3.29
C GLY C 246 3.43 8.10 4.28
N ASN C 247 2.97 8.17 5.52
CA ASN C 247 3.51 7.32 6.57
C ASN C 247 2.85 5.96 6.53
N ALA C 248 3.31 5.05 7.39
CA ALA C 248 2.56 3.83 7.58
C ALA C 248 1.12 4.21 7.87
N PRO C 249 0.16 3.71 7.09
CA PRO C 249 -1.25 4.05 7.36
C PRO C 249 -1.71 3.42 8.67
N LEU C 250 -2.06 4.29 9.62
CA LEU C 250 -2.32 3.86 11.00
C LEU C 250 -3.52 2.92 11.09
N GLU C 251 -4.61 3.24 10.39
CA GLU C 251 -5.76 2.34 10.45
C GLU C 251 -5.45 0.98 9.82
N VAL C 252 -4.55 0.94 8.82
CA VAL C 252 -4.20 -0.33 8.18
C VAL C 252 -3.24 -1.13 9.03
N PHE C 253 -2.26 -0.47 9.64
CA PHE C 253 -1.34 -1.13 10.54
C PHE C 253 -2.08 -1.66 11.77
N ILE C 254 -3.07 -0.91 12.28
CA ILE C 254 -3.80 -1.43 13.42
C ILE C 254 -4.65 -2.62 13.01
N ALA C 255 -5.29 -2.54 11.83
CA ALA C 255 -6.07 -3.68 11.36
C ALA C 255 -5.17 -4.90 11.18
N ALA C 256 -3.97 -4.69 10.64
CA ALA C 256 -3.05 -5.82 10.47
C ALA C 256 -2.54 -6.33 11.81
N ALA C 257 -2.30 -5.43 12.77
CA ALA C 257 -1.85 -5.88 14.08
C ALA C 257 -2.96 -6.64 14.79
N GLU C 258 -4.21 -6.18 14.65
CA GLU C 258 -5.33 -6.91 15.24
C GLU C 258 -5.33 -8.36 14.77
N ARG C 259 -5.26 -8.56 13.44
CA ARG C 259 -5.31 -9.91 12.89
C ARG C 259 -4.12 -10.77 13.36
N MET C 260 -3.00 -10.15 13.71
CA MET C 260 -1.92 -10.86 14.38
C MET C 260 -2.11 -10.97 15.89
N GLY C 261 -3.16 -10.38 16.45
CA GLY C 261 -3.38 -10.46 17.88
C GLY C 261 -2.44 -9.64 18.72
N LEU C 262 -1.93 -8.53 18.21
CA LEU C 262 -0.89 -7.78 18.90
C LEU C 262 -1.53 -6.80 19.89
N ASN C 263 -0.80 -6.51 20.98
CA ASN C 263 -1.29 -5.59 22.01
C ASN C 263 -1.04 -4.15 21.56
N HIS C 264 -1.93 -3.64 20.72
CA HIS C 264 -1.87 -2.25 20.28
C HIS C 264 -2.79 -1.33 21.06
N GLY C 265 -3.81 -1.89 21.72
CA GLY C 265 -4.67 -1.10 22.59
C GLY C 265 -5.45 -0.01 21.89
N CYS C 266 -5.71 -0.15 20.60
CA CYS C 266 -6.48 0.86 19.88
C CYS C 266 -7.84 0.32 19.47
N ASP C 267 -8.76 1.25 19.21
CA ASP C 267 -10.05 0.92 18.62
C ASP C 267 -9.89 0.87 17.10
N VAL C 268 -9.92 -0.35 16.54
CA VAL C 268 -9.70 -0.54 15.11
C VAL C 268 -10.71 0.27 14.30
N LYS C 269 -12.00 0.11 14.60
CA LYS C 269 -13.04 0.79 13.83
C LYS C 269 -12.96 2.30 13.99
N LYS C 270 -12.68 2.78 15.20
CA LYS C 270 -12.57 4.22 15.39
C LYS C 270 -11.51 4.81 14.48
N LEU C 271 -10.36 4.13 14.35
CA LEU C 271 -9.31 4.65 13.49
C LEU C 271 -9.71 4.57 12.03
N ILE C 272 -10.31 3.44 11.63
CA ILE C 272 -10.80 3.29 10.27
C ILE C 272 -11.75 4.43 9.94
N ASN C 273 -12.64 4.76 10.89
CA ASN C 273 -13.66 5.75 10.59
C ASN C 273 -13.08 7.15 10.59
N ALA C 274 -12.19 7.46 11.54
CA ALA C 274 -11.56 8.77 11.53
C ALA C 274 -10.71 8.96 10.26
N ALA C 275 -10.02 7.90 9.83
CA ALA C 275 -9.21 8.02 8.62
C ALA C 275 -10.07 8.36 7.42
N GLU C 276 -11.22 7.66 7.25
CA GLU C 276 -12.03 7.88 6.05
C GLU C 276 -12.90 9.12 6.16
N ASP C 277 -13.49 9.37 7.32
CA ASP C 277 -14.50 10.42 7.45
C ASP C 277 -13.92 11.79 7.75
N ILE C 278 -12.78 11.88 8.42
CA ILE C 278 -12.19 13.17 8.82
C ILE C 278 -10.99 13.54 7.97
N VAL C 279 -10.02 12.62 7.84
CA VAL C 279 -8.70 12.99 7.30
C VAL C 279 -8.68 12.94 5.78
N ARG C 280 -9.04 11.81 5.17
CA ARG C 280 -9.00 11.70 3.71
C ARG C 280 -9.69 12.86 2.99
N PRO C 281 -10.88 13.33 3.40
CA PRO C 281 -11.47 14.52 2.75
C PRO C 281 -10.60 15.77 2.81
N LEU C 282 -9.63 15.85 3.73
CA LEU C 282 -8.74 17.02 3.78
C LEU C 282 -7.61 16.94 2.77
N GLN C 283 -7.39 15.78 2.16
CA GLN C 283 -6.26 15.62 1.25
C GLN C 283 -6.46 16.46 -0.01
N GLU C 284 -5.37 17.05 -0.49
CA GLU C 284 -5.37 17.75 -1.76
C GLU C 284 -4.63 16.92 -2.79
N ARG C 285 -3.32 16.86 -2.72
CA ARG C 285 -2.61 15.90 -3.55
C ARG C 285 -2.72 14.51 -2.94
N PRO C 286 -3.20 13.51 -3.68
CA PRO C 286 -3.56 12.23 -3.05
C PRO C 286 -2.36 11.54 -2.42
N VAL C 287 -2.51 11.17 -1.15
CA VAL C 287 -1.43 10.51 -0.42
C VAL C 287 -1.48 9.03 -0.81
N ARG C 288 -0.74 8.70 -1.86
CA ARG C 288 -0.77 7.38 -2.45
C ARG C 288 0.60 7.10 -3.05
N VAL C 289 0.82 5.83 -3.43
CA VAL C 289 2.00 5.45 -4.17
C VAL C 289 1.70 5.66 -5.65
N ASP C 290 2.50 6.49 -6.33
CA ASP C 290 2.38 6.65 -7.77
C ASP C 290 3.76 6.98 -8.31
N ARG C 291 3.83 7.30 -9.60
CA ARG C 291 5.11 7.62 -10.24
C ARG C 291 5.99 8.53 -9.42
N GLU C 292 5.47 9.68 -9.00
CA GLU C 292 6.29 10.68 -8.31
C GLU C 292 6.63 10.28 -6.88
N THR C 293 5.68 9.71 -6.13
CA THR C 293 6.04 9.27 -4.77
C THR C 293 6.83 7.97 -4.78
N LEU C 294 6.63 7.12 -5.78
CA LEU C 294 7.51 5.96 -5.93
C LEU C 294 8.97 6.43 -6.08
N ALA C 295 9.16 7.52 -6.83
CA ALA C 295 10.50 8.06 -7.08
C ALA C 295 11.22 8.39 -5.78
N LEU C 296 10.50 8.97 -4.80
CA LEU C 296 11.09 9.19 -3.48
C LEU C 296 11.71 7.93 -2.90
N GLY C 297 11.06 6.78 -3.06
CA GLY C 297 11.56 5.57 -2.46
C GLY C 297 12.60 4.89 -3.32
N TYR C 298 12.33 4.82 -4.62
CA TYR C 298 13.28 4.24 -5.57
C TYR C 298 14.65 4.92 -5.49
N ALA C 299 14.68 6.24 -5.37
CA ALA C 299 15.93 6.98 -5.39
C ALA C 299 16.37 7.48 -4.02
N GLY C 300 15.62 7.19 -2.95
CA GLY C 300 16.03 7.58 -1.60
C GLY C 300 16.06 9.09 -1.36
N VAL C 301 14.99 9.76 -1.73
CA VAL C 301 14.83 11.21 -1.57
C VAL C 301 13.89 11.50 -0.42
N TYR C 302 14.27 12.48 0.40
CA TYR C 302 13.45 12.92 1.52
C TYR C 302 12.00 13.16 1.06
N SER C 303 11.04 12.63 1.82
CA SER C 303 9.67 12.57 1.30
C SER C 303 8.99 13.93 1.27
N SER C 304 9.41 14.88 2.11
CA SER C 304 8.78 16.19 2.08
C SER C 304 9.09 16.94 0.79
N PHE C 305 10.03 16.45 -0.02
CA PHE C 305 10.35 17.13 -1.28
C PHE C 305 9.22 17.01 -2.29
N LEU C 306 8.34 16.01 -2.11
CA LEU C 306 7.43 15.60 -3.17
C LEU C 306 6.57 16.76 -3.70
N ARG C 307 5.87 17.47 -2.81
CA ARG C 307 5.00 18.55 -3.29
C ARG C 307 5.81 19.71 -3.86
N HIS C 308 6.94 20.07 -3.22
CA HIS C 308 7.78 21.12 -3.80
C HIS C 308 8.34 20.71 -5.15
N ALA C 309 8.74 19.44 -5.29
CA ALA C 309 9.26 18.97 -6.58
C ALA C 309 8.20 19.03 -7.66
N GLU C 310 6.95 18.69 -7.32
CA GLU C 310 5.84 18.85 -8.24
C GLU C 310 5.50 20.32 -8.50
N THR C 311 5.70 21.18 -7.50
CA THR C 311 5.63 22.62 -7.74
C THR C 311 6.66 23.03 -8.78
N ALA C 312 7.90 22.58 -8.60
CA ALA C 312 8.96 22.91 -9.55
C ALA C 312 8.68 22.28 -10.90
N ALA C 313 8.28 21.01 -10.92
CA ALA C 313 7.99 20.33 -12.17
C ALA C 313 7.03 21.14 -13.03
N LYS C 314 5.97 21.66 -12.43
CA LYS C 314 5.01 22.46 -13.17
C LYS C 314 5.61 23.79 -13.58
N LYS C 315 6.10 24.56 -12.61
CA LYS C 315 6.58 25.91 -12.86
C LYS C 315 7.74 25.95 -13.87
N TYR C 316 8.58 24.92 -13.89
CA TYR C 316 9.71 24.89 -14.82
C TYR C 316 9.52 23.89 -15.96
N ASN C 317 8.32 23.33 -16.10
CA ASN C 317 7.99 22.40 -17.23
C ASN C 317 8.97 21.22 -17.31
N LEU C 318 9.08 20.44 -16.23
CA LEU C 318 9.98 19.26 -16.21
C LEU C 318 9.27 18.10 -15.49
N SER C 319 9.87 16.91 -15.52
CA SER C 319 9.29 15.73 -14.83
C SER C 319 9.72 15.72 -13.35
N ALA C 320 8.76 15.81 -12.44
CA ALA C 320 9.09 15.74 -11.00
C ALA C 320 9.84 14.45 -10.75
N PHE C 321 9.44 13.37 -11.40
CA PHE C 321 10.19 12.12 -11.26
C PHE C 321 11.68 12.34 -11.52
N ASP C 322 12.02 12.85 -12.71
CA ASP C 322 13.42 13.16 -13.01
C ASP C 322 14.02 14.14 -12.00
N ILE C 323 13.25 15.16 -11.59
CA ILE C 323 13.74 16.09 -10.57
C ILE C 323 14.10 15.34 -9.29
N LEU C 324 13.28 14.36 -8.92
CA LEU C 324 13.57 13.65 -7.67
C LEU C 324 14.73 12.67 -7.86
N VAL C 325 14.86 12.05 -9.03
CA VAL C 325 15.98 11.14 -9.25
C VAL C 325 17.29 11.91 -9.23
N GLU C 326 17.28 13.14 -9.77
CA GLU C 326 18.49 13.96 -9.77
C GLU C 326 18.82 14.46 -8.36
N LEU C 327 17.81 14.72 -7.53
CA LEU C 327 18.08 15.07 -6.14
C LEU C 327 18.67 13.88 -5.39
N GLY C 328 18.19 12.68 -5.69
CA GLY C 328 18.81 11.50 -5.11
C GLY C 328 20.24 11.30 -5.58
N LYS C 329 20.51 11.62 -6.85
CA LYS C 329 21.84 11.45 -7.42
C LYS C 329 22.84 12.42 -6.78
N ARG C 330 22.38 13.63 -6.43
CA ARG C 330 23.24 14.55 -5.69
C ARG C 330 23.24 14.31 -4.19
N ARG C 331 22.65 13.21 -3.73
CA ARG C 331 22.70 12.84 -2.30
C ARG C 331 22.15 13.94 -1.39
N MET C 332 21.08 14.62 -1.85
CA MET C 332 20.48 15.64 -1.00
C MET C 332 19.66 14.99 0.11
N ILE C 333 19.63 15.67 1.25
CA ILE C 333 18.97 15.12 2.43
C ILE C 333 17.85 16.04 2.92
N GLY C 334 17.32 15.74 4.12
CA GLY C 334 16.18 16.47 4.62
C GLY C 334 16.52 17.93 4.87
N GLY C 335 15.51 18.77 4.66
CA GLY C 335 15.64 20.21 4.88
C GLY C 335 16.27 20.97 3.74
N GLN C 336 16.65 20.29 2.65
CA GLN C 336 17.30 20.96 1.54
C GLN C 336 16.31 21.23 0.41
N GLU C 337 15.11 21.69 0.78
CA GLU C 337 14.09 22.05 -0.20
C GLU C 337 14.60 23.07 -1.22
N ASP C 338 15.50 23.99 -0.79
CA ASP C 338 16.00 25.01 -1.72
C ASP C 338 16.75 24.41 -2.90
N MET C 339 17.38 23.23 -2.70
CA MET C 339 18.00 22.57 -3.85
C MET C 339 17.00 21.97 -4.82
N ILE C 340 15.73 21.82 -4.45
CA ILE C 340 14.73 21.42 -5.43
C ILE C 340 14.67 22.44 -6.55
N VAL C 341 14.79 23.73 -6.20
CA VAL C 341 14.79 24.78 -7.22
C VAL C 341 16.14 24.83 -7.95
N ASP C 342 17.24 24.71 -7.20
CA ASP C 342 18.56 24.56 -7.80
C ASP C 342 18.56 23.50 -8.90
N VAL C 343 18.07 22.30 -8.59
CA VAL C 343 18.03 21.21 -9.55
C VAL C 343 17.08 21.53 -10.69
N ALA C 344 15.89 22.06 -10.38
CA ALA C 344 14.99 22.46 -11.47
C ALA C 344 15.67 23.49 -12.38
N LEU C 345 16.32 24.51 -11.80
CA LEU C 345 16.96 25.53 -12.62
C LEU C 345 18.04 24.92 -13.52
N ASP C 346 18.85 23.99 -12.99
CA ASP C 346 19.90 23.36 -13.79
C ASP C 346 19.33 22.57 -14.96
N MET C 347 18.27 21.79 -14.72
CA MET C 347 17.67 20.99 -15.79
C MET C 347 17.07 21.87 -16.88
N ALA C 348 16.45 22.98 -16.50
CA ALA C 348 15.86 23.89 -17.48
C ALA C 348 16.93 24.53 -18.37
N LYS C 349 18.16 24.68 -17.86
CA LYS C 349 19.26 25.16 -18.70
C LYS C 349 19.53 24.17 -19.83
N GLY C 350 19.92 22.94 -19.47
CA GLY C 350 20.14 21.88 -20.43
C GLY C 350 18.95 20.99 -20.67
N ASN D 2 57.92 53.46 -8.73
CA ASN D 2 58.25 53.19 -7.34
C ASN D 2 57.26 52.22 -6.65
N TRP D 3 57.83 51.24 -5.93
CA TRP D 3 57.12 50.12 -5.34
C TRP D 3 56.60 50.51 -3.96
N MET D 4 56.13 49.52 -3.19
CA MET D 4 55.58 49.74 -1.86
C MET D 4 56.64 50.10 -0.84
N SER D 5 56.18 50.64 0.28
CA SER D 5 56.97 50.74 1.50
C SER D 5 56.35 49.83 2.53
N ASP D 6 57.18 49.16 3.30
CA ASP D 6 56.62 48.25 4.30
C ASP D 6 56.00 49.03 5.46
N ASP D 7 54.73 49.38 5.33
CA ASP D 7 53.97 49.97 6.42
C ASP D 7 53.11 48.94 7.16
N ARG D 8 53.52 47.68 7.17
CA ARG D 8 52.61 46.63 7.56
C ARG D 8 52.28 46.73 9.04
N LEU D 9 51.02 46.47 9.38
CA LEU D 9 50.59 46.37 10.76
C LEU D 9 50.85 44.97 11.27
N SER D 10 51.50 44.88 12.42
CA SER D 10 51.73 43.61 13.08
C SER D 10 50.44 43.17 13.77
N VAL D 11 49.99 41.96 13.47
CA VAL D 11 48.75 41.42 14.02
C VAL D 11 49.05 40.15 14.79
N ALA D 12 48.14 39.82 15.70
CA ALA D 12 48.21 38.64 16.52
C ALA D 12 47.02 37.76 16.18
N ILE D 13 47.25 36.46 16.03
CA ILE D 13 46.20 35.50 15.72
C ILE D 13 46.06 34.60 16.94
N ILE D 14 44.87 34.52 17.50
CA ILE D 14 44.63 33.76 18.72
C ILE D 14 43.78 32.55 18.37
N GLY D 15 44.35 31.36 18.56
CA GLY D 15 43.72 30.13 18.09
C GLY D 15 44.66 29.50 17.08
N SER D 16 44.92 28.20 17.25
CA SER D 16 45.95 27.52 16.48
C SER D 16 45.40 26.46 15.54
N GLY D 17 44.09 26.40 15.37
CA GLY D 17 43.44 25.37 14.59
C GLY D 17 43.22 25.79 13.15
N ASN D 18 42.12 25.30 12.57
CA ASN D 18 41.78 25.59 11.18
C ASN D 18 41.81 27.08 10.90
N ILE D 19 40.98 27.83 11.63
CA ILE D 19 40.76 29.23 11.31
C ILE D 19 42.05 30.03 11.44
N GLY D 20 42.67 29.98 12.62
CA GLY D 20 43.87 30.78 12.87
C GLY D 20 45.00 30.49 11.90
N THR D 21 45.16 29.22 11.52
CA THR D 21 46.19 28.87 10.54
C THR D 21 45.84 29.40 9.16
N ASP D 22 44.57 29.28 8.77
CA ASP D 22 44.19 29.76 7.44
C ASP D 22 44.29 31.27 7.36
N LEU D 23 43.98 31.95 8.45
CA LEU D 23 44.16 33.40 8.49
C LEU D 23 45.63 33.77 8.43
N MET D 24 46.48 32.95 9.06
CA MET D 24 47.93 33.16 9.00
C MET D 24 48.45 33.03 7.58
N ILE D 25 48.16 31.89 6.94
CA ILE D 25 48.63 31.69 5.57
C ILE D 25 48.07 32.75 4.65
N LYS D 26 46.81 33.14 4.88
CA LYS D 26 46.19 34.06 3.96
C LYS D 26 46.84 35.44 4.05
N ILE D 27 47.22 35.85 5.24
CA ILE D 27 47.79 37.23 5.40
C ILE D 27 49.19 37.25 4.77
N MET D 28 49.98 36.22 5.02
CA MET D 28 51.38 36.18 4.54
C MET D 28 51.43 36.09 3.00
N ARG D 29 50.39 35.55 2.37
CA ARG D 29 50.39 35.37 0.90
C ARG D 29 49.63 36.48 0.19
N ASN D 30 48.83 37.27 0.92
CA ASN D 30 47.97 38.24 0.21
C ASN D 30 47.99 39.67 0.77
N SER D 31 48.59 39.91 1.93
CA SER D 31 48.52 41.25 2.50
C SER D 31 49.77 42.06 2.15
N LYS D 32 49.56 43.28 1.66
CA LYS D 32 50.55 44.34 1.68
C LYS D 32 50.50 45.13 2.97
N LEU D 33 49.44 45.00 3.76
CA LEU D 33 49.20 45.90 4.89
C LEU D 33 49.32 45.23 6.25
N LEU D 34 49.45 43.91 6.32
CA LEU D 34 49.46 43.22 7.60
C LEU D 34 50.61 42.23 7.64
N LYS D 35 51.24 42.14 8.81
CA LYS D 35 52.25 41.13 9.10
C LYS D 35 51.79 40.33 10.30
N VAL D 36 51.80 39.00 10.19
CA VAL D 36 51.51 38.21 11.38
C VAL D 36 52.67 38.38 12.34
N GLY D 37 52.44 39.06 13.46
CA GLY D 37 53.50 39.32 14.41
C GLY D 37 53.67 38.22 15.44
N ALA D 38 52.62 37.42 15.64
CA ALA D 38 52.61 36.40 16.67
C ALA D 38 51.35 35.57 16.52
N MET D 39 51.47 34.32 16.97
CA MET D 39 50.34 33.37 16.98
C MET D 39 50.24 32.88 18.43
N VAL D 40 49.04 32.57 18.90
CA VAL D 40 48.79 32.27 20.30
C VAL D 40 48.02 30.96 20.36
N GLY D 41 48.59 29.95 21.02
CA GLY D 41 47.92 28.70 21.27
C GLY D 41 47.81 28.39 22.75
N ILE D 42 47.30 27.19 23.02
CA ILE D 42 47.19 26.66 24.37
C ILE D 42 47.93 25.34 24.52
N ASP D 43 48.63 24.90 23.48
CA ASP D 43 49.23 23.57 23.37
C ASP D 43 50.53 23.67 22.59
N PRO D 44 51.71 23.46 23.20
CA PRO D 44 52.97 23.55 22.44
C PRO D 44 53.15 22.45 21.43
N LYS D 45 52.25 21.46 21.39
CA LYS D 45 52.27 20.42 20.38
C LYS D 45 51.54 20.81 19.10
N SER D 46 50.73 21.87 19.15
CA SER D 46 49.93 22.30 18.00
C SER D 46 50.79 22.45 16.76
N ASP D 47 50.32 21.86 15.65
CA ASP D 47 51.03 22.01 14.39
C ASP D 47 50.97 23.45 13.89
N GLY D 48 49.84 24.13 14.09
CA GLY D 48 49.76 25.54 13.76
C GLY D 48 50.92 26.32 14.35
N LEU D 49 51.22 26.07 15.61
CA LEU D 49 52.39 26.69 16.24
C LEU D 49 53.69 26.27 15.54
N ALA D 50 53.80 24.98 15.19
CA ALA D 50 54.97 24.55 14.41
C ALA D 50 55.05 25.29 13.09
N ARG D 51 53.92 25.39 12.37
CA ARG D 51 53.88 26.12 11.10
C ARG D 51 54.40 27.55 11.27
N ALA D 52 53.79 28.30 12.17
CA ALA D 52 54.18 29.69 12.40
C ALA D 52 55.69 29.82 12.62
N GLN D 53 56.26 28.93 13.47
CA GLN D 53 57.69 28.93 13.70
C GLN D 53 58.45 28.67 12.41
N ARG D 54 58.00 27.68 11.63
CA ARG D 54 58.56 27.49 10.30
C ARG D 54 58.52 28.79 9.50
N LEU D 55 57.36 29.45 9.47
CA LEU D 55 57.28 30.66 8.65
C LEU D 55 57.82 31.89 9.36
N GLY D 56 58.50 31.73 10.49
CA GLY D 56 59.19 32.83 11.11
C GLY D 56 58.33 33.70 12.01
N VAL D 57 57.27 33.14 12.57
CA VAL D 57 56.27 33.87 13.35
C VAL D 57 56.45 33.49 14.83
N PRO D 58 56.74 34.45 15.70
CA PRO D 58 56.79 34.15 17.14
C PRO D 58 55.51 33.48 17.63
N THR D 59 55.66 32.49 18.51
CA THR D 59 54.50 31.80 19.07
C THR D 59 54.54 31.80 20.60
N THR D 60 53.39 31.49 21.19
CA THR D 60 53.27 31.14 22.60
C THR D 60 52.15 30.12 22.73
N ALA D 61 52.32 29.17 23.65
CA ALA D 61 51.28 28.21 23.98
C ALA D 61 50.69 28.47 25.35
N GLU D 62 50.93 29.66 25.91
CA GLU D 62 50.45 30.03 27.23
C GLU D 62 49.23 30.94 27.16
N GLY D 63 48.46 30.87 26.07
CA GLY D 63 47.27 31.68 25.92
C GLY D 63 47.58 33.18 25.88
N VAL D 64 46.50 33.95 25.86
CA VAL D 64 46.61 35.41 25.74
C VAL D 64 47.49 35.96 26.85
N ASP D 65 47.46 35.33 28.03
CA ASP D 65 48.41 35.70 29.08
C ASP D 65 49.85 35.59 28.58
N GLY D 66 50.22 34.45 28.01
CA GLY D 66 51.56 34.29 27.46
C GLY D 66 51.85 35.24 26.31
N LEU D 67 50.80 35.74 25.64
CA LEU D 67 50.98 36.68 24.54
C LEU D 67 51.47 38.04 25.05
N LEU D 68 50.80 38.61 26.07
CA LEU D 68 51.19 39.93 26.56
C LEU D 68 52.61 39.94 27.08
N ASP D 69 53.11 38.80 27.53
CA ASP D 69 54.49 38.76 27.96
C ASP D 69 55.46 38.62 26.78
N MET D 70 54.95 38.49 25.57
CA MET D 70 55.86 38.26 24.45
C MET D 70 56.52 39.57 24.00
N PRO D 71 57.80 39.52 23.62
CA PRO D 71 58.44 40.73 23.09
C PRO D 71 57.82 41.23 21.78
N ALA D 72 57.12 40.38 21.03
CA ALA D 72 56.44 40.84 19.82
C ALA D 72 55.16 41.60 20.11
N PHE D 73 54.60 41.45 21.32
CA PHE D 73 53.30 42.05 21.59
C PHE D 73 53.35 43.57 21.58
N ARG D 74 54.51 44.17 21.80
CA ARG D 74 54.58 45.62 21.90
C ARG D 74 54.31 46.29 20.57
N ASP D 75 54.31 45.57 19.46
CA ASP D 75 53.97 46.14 18.17
C ASP D 75 52.64 45.65 17.64
N ILE D 76 51.96 44.77 18.37
CA ILE D 76 50.70 44.21 17.90
C ILE D 76 49.62 45.29 17.95
N LYS D 77 49.00 45.58 16.81
CA LYS D 77 47.93 46.57 16.74
C LYS D 77 46.55 45.95 16.55
N ILE D 78 46.45 44.74 16.01
CA ILE D 78 45.17 44.06 15.87
C ILE D 78 45.36 42.64 16.33
N ALA D 79 44.35 42.08 16.98
CA ALA D 79 44.34 40.67 17.34
C ALA D 79 43.04 40.05 16.85
N PHE D 80 43.15 38.90 16.20
CA PHE D 80 42.01 38.07 15.84
C PHE D 80 41.80 36.97 16.89
N ASP D 81 40.53 36.71 17.22
CA ASP D 81 40.16 35.63 18.14
C ASP D 81 39.49 34.51 17.36
N ALA D 82 40.20 33.38 17.21
CA ALA D 82 39.65 32.19 16.58
C ALA D 82 39.46 31.05 17.59
N THR D 83 39.11 31.39 18.82
CA THR D 83 38.96 30.38 19.87
C THR D 83 37.48 30.15 20.14
N SER D 84 36.98 30.62 21.28
CA SER D 84 35.57 30.45 21.63
C SER D 84 35.01 31.75 22.18
N ALA D 85 33.68 31.79 22.30
CA ALA D 85 32.99 32.99 22.77
C ALA D 85 33.24 33.23 24.26
N GLY D 86 33.32 32.15 25.04
CA GLY D 86 33.65 32.31 26.45
C GLY D 86 35.10 32.70 26.68
N ALA D 87 36.00 32.30 25.77
CA ALA D 87 37.37 32.77 25.83
C ALA D 87 37.48 34.21 25.36
N GLN D 88 36.71 34.60 24.34
CA GLN D 88 36.76 35.97 23.84
C GLN D 88 36.31 36.98 24.89
N ALA D 89 35.29 36.63 25.69
CA ALA D 89 34.90 37.51 26.80
C ALA D 89 36.09 37.78 27.71
N ILE D 90 36.97 36.80 27.86
CA ILE D 90 38.19 36.99 28.67
C ILE D 90 39.23 37.79 27.91
N HIS D 91 39.42 37.50 26.62
CA HIS D 91 40.52 38.07 25.83
C HIS D 91 40.30 39.55 25.55
N ASN D 92 39.06 39.92 25.22
CA ASN D 92 38.74 41.29 24.83
C ASN D 92 39.27 42.29 25.83
N GLN D 93 38.95 42.09 27.11
CA GLN D 93 39.41 43.03 28.14
C GLN D 93 40.94 43.14 28.16
N LYS D 94 41.64 42.01 28.11
CA LYS D 94 43.10 42.04 28.21
C LYS D 94 43.69 42.82 27.05
N LEU D 95 43.16 42.64 25.84
CA LEU D 95 43.71 43.34 24.68
C LEU D 95 43.25 44.80 24.61
N GLN D 96 41.98 45.07 24.97
CA GLN D 96 41.49 46.45 25.00
C GLN D 96 42.36 47.31 25.89
N ALA D 97 42.70 46.81 27.08
CA ALA D 97 43.50 47.57 28.04
C ALA D 97 44.88 47.90 27.50
N HIS D 98 45.31 47.25 26.42
CA HIS D 98 46.62 47.46 25.79
C HIS D 98 46.51 48.22 24.47
N GLY D 99 45.32 48.70 24.12
CA GLY D 99 45.14 49.38 22.86
C GLY D 99 44.97 48.50 21.64
N VAL D 100 44.89 47.18 21.81
CA VAL D 100 44.87 46.30 20.65
C VAL D 100 43.44 46.19 20.11
N ARG D 101 43.25 46.54 18.85
CA ARG D 101 41.96 46.30 18.22
C ARG D 101 41.69 44.80 18.17
N VAL D 102 40.42 44.42 18.30
CA VAL D 102 40.04 43.01 18.39
C VAL D 102 39.06 42.68 17.27
N ILE D 103 39.38 41.63 16.52
CA ILE D 103 38.48 41.11 15.50
C ILE D 103 38.06 39.72 15.94
N ASP D 104 36.80 39.60 16.35
CA ASP D 104 36.27 38.42 17.00
C ASP D 104 35.60 37.55 15.95
N LEU D 105 36.03 36.31 15.86
CA LEU D 105 35.52 35.33 14.92
C LEU D 105 34.67 34.27 15.60
N THR D 106 34.44 34.40 16.89
CA THR D 106 33.51 33.63 17.69
C THR D 106 32.13 34.29 17.58
N PRO D 107 31.08 33.75 18.17
CA PRO D 107 29.80 34.48 18.13
C PRO D 107 29.57 35.25 19.42
N ALA D 108 30.64 35.52 20.17
CA ALA D 108 30.52 36.23 21.45
C ALA D 108 29.80 37.57 21.30
N ALA D 109 29.97 38.25 20.16
CA ALA D 109 29.19 39.44 19.81
C ALA D 109 29.32 40.54 20.86
N ILE D 110 30.52 40.72 21.39
CA ILE D 110 30.77 41.85 22.27
C ILE D 110 30.71 43.14 21.47
N GLY D 111 31.54 43.22 20.43
CA GLY D 111 31.43 44.29 19.48
C GLY D 111 30.24 44.10 18.57
N PRO D 112 30.01 45.10 17.72
CA PRO D 112 28.87 45.05 16.81
C PRO D 112 29.10 44.07 15.66
N TYR D 113 27.98 43.57 15.13
CA TYR D 113 28.03 42.74 13.93
C TYR D 113 28.47 43.61 12.76
N VAL D 114 29.50 43.18 12.04
CA VAL D 114 29.89 43.87 10.81
C VAL D 114 30.08 42.86 9.68
N ILE D 115 29.29 43.04 8.64
CA ILE D 115 29.53 42.42 7.34
C ILE D 115 30.30 43.44 6.52
N PRO D 116 31.59 43.22 6.26
CA PRO D 116 32.46 44.32 5.79
C PRO D 116 31.88 45.14 4.65
N VAL D 117 31.40 44.46 3.61
CA VAL D 117 30.90 45.13 2.42
C VAL D 117 29.63 45.92 2.69
N VAL D 118 28.99 45.73 3.85
CA VAL D 118 27.74 46.40 4.19
C VAL D 118 27.96 47.55 5.17
N ASN D 119 28.53 47.26 6.35
CA ASN D 119 28.55 48.30 7.38
C ASN D 119 29.91 48.45 8.05
N PHE D 120 31.01 48.13 7.34
CA PHE D 120 32.33 48.38 7.92
C PHE D 120 32.49 49.84 8.31
N ASP D 121 32.31 50.74 7.33
CA ASP D 121 32.62 52.16 7.55
C ASP D 121 31.92 52.69 8.80
N GLN D 122 30.70 52.23 9.05
CA GLN D 122 29.99 52.57 10.28
C GLN D 122 30.74 52.13 11.53
N HIS D 123 31.61 51.13 11.44
CA HIS D 123 32.29 50.61 12.63
C HIS D 123 33.81 50.67 12.50
N VAL D 124 34.31 51.62 11.69
CA VAL D 124 35.74 51.78 11.46
C VAL D 124 36.48 51.99 12.78
N ASP D 125 35.88 52.69 13.72
CA ASP D 125 36.51 52.99 15.00
C ASP D 125 36.16 51.99 16.08
N ALA D 126 35.43 50.92 15.75
CA ALA D 126 34.97 49.99 16.78
C ALA D 126 36.16 49.24 17.35
N PRO D 127 36.39 49.27 18.66
CA PRO D 127 37.59 48.60 19.20
C PRO D 127 37.47 47.09 19.19
N ASN D 128 36.25 46.57 19.30
CA ASN D 128 36.00 45.15 19.16
C ASN D 128 34.96 44.98 18.07
N ILE D 129 35.26 44.11 17.12
CA ILE D 129 34.42 43.90 15.95
C ILE D 129 34.12 42.41 15.87
N ASN D 130 32.83 42.06 15.76
CA ASN D 130 32.38 40.67 15.65
C ASN D 130 32.03 40.36 14.20
N MET D 131 32.49 39.21 13.72
CA MET D 131 32.29 38.83 12.29
C MET D 131 31.04 37.96 12.10
N VAL D 132 30.14 37.88 13.08
CA VAL D 132 28.84 37.16 12.93
C VAL D 132 29.06 35.66 12.64
N THR D 133 28.61 35.17 11.48
CA THR D 133 28.67 33.74 11.16
C THR D 133 29.05 33.57 9.73
N CYS D 134 29.35 32.33 9.33
CA CYS D 134 29.61 32.03 7.90
C CYS D 134 28.41 32.50 7.09
N GLY D 135 27.22 32.04 7.45
CA GLY D 135 25.99 32.39 6.70
C GLY D 135 25.76 33.88 6.65
N GLY D 136 25.93 34.56 7.79
CA GLY D 136 25.80 36.02 7.79
C GLY D 136 26.75 36.68 6.82
N GLN D 137 27.99 36.23 6.79
CA GLN D 137 29.00 36.89 5.92
C GLN D 137 28.64 36.65 4.45
N ALA D 138 27.78 35.68 4.17
CA ALA D 138 27.50 35.35 2.75
C ALA D 138 26.10 35.78 2.35
N THR D 139 25.22 36.04 3.31
CA THR D 139 23.81 36.29 2.95
C THR D 139 23.41 37.73 3.19
N ILE D 140 23.81 38.31 4.32
CA ILE D 140 23.49 39.72 4.62
C ILE D 140 23.93 40.62 3.46
N PRO D 141 25.10 40.45 2.81
CA PRO D 141 25.42 41.25 1.64
C PRO D 141 24.26 41.26 0.65
N ILE D 142 23.68 40.08 0.39
CA ILE D 142 22.59 39.99 -0.62
C ILE D 142 21.31 40.63 -0.07
N VAL D 143 21.05 40.42 1.21
CA VAL D 143 19.86 41.03 1.85
C VAL D 143 20.00 42.55 1.68
N HIS D 144 21.16 43.08 2.04
CA HIS D 144 21.33 44.53 1.99
C HIS D 144 21.29 45.02 0.55
N ALA D 145 21.80 44.22 -0.38
CA ALA D 145 21.71 44.58 -1.79
C ALA D 145 20.25 44.78 -2.21
N VAL D 146 19.37 43.85 -1.82
CA VAL D 146 17.98 43.95 -2.22
C VAL D 146 17.28 45.06 -1.43
N SER D 147 17.58 45.15 -0.14
CA SER D 147 16.96 46.17 0.69
C SER D 147 17.29 47.57 0.21
N LYS D 148 18.42 47.71 -0.51
CA LYS D 148 18.76 49.00 -1.12
C LYS D 148 17.66 49.45 -2.07
N VAL D 149 17.22 48.55 -2.95
CA VAL D 149 16.19 48.90 -3.91
C VAL D 149 14.84 49.03 -3.22
N SER D 150 14.38 47.97 -2.55
CA SER D 150 13.10 48.02 -1.88
C SER D 150 13.21 47.41 -0.50
N PRO D 151 12.53 47.99 0.49
CA PRO D 151 12.69 47.51 1.87
C PRO D 151 12.26 46.06 1.99
N VAL D 152 13.13 45.24 2.58
CA VAL D 152 12.93 43.80 2.67
C VAL D 152 12.07 43.52 3.90
N HIS D 153 10.82 43.11 3.69
CA HIS D 153 9.94 42.82 4.81
C HIS D 153 10.36 41.54 5.52
N TYR D 154 10.91 40.58 4.78
CA TYR D 154 11.31 39.30 5.37
C TYR D 154 12.49 38.74 4.59
N ALA D 155 13.51 38.28 5.31
CA ALA D 155 14.70 37.69 4.70
C ALA D 155 14.96 36.35 5.36
N GLU D 156 15.24 35.33 4.55
CA GLU D 156 15.45 33.99 5.06
C GLU D 156 16.62 33.38 4.32
N ILE D 157 17.54 32.74 5.04
CA ILE D 157 18.76 32.19 4.43
C ILE D 157 18.90 30.73 4.81
N VAL D 158 19.25 29.90 3.83
CA VAL D 158 19.52 28.49 4.07
C VAL D 158 21.01 28.25 3.84
N ALA D 159 21.72 27.86 4.89
CA ALA D 159 23.16 27.57 4.84
C ALA D 159 23.35 26.06 4.70
N SER D 160 23.81 25.60 3.53
CA SER D 160 24.10 24.18 3.31
C SER D 160 25.61 23.96 3.33
N ILE D 161 26.08 23.20 4.31
CA ILE D 161 27.49 23.12 4.63
C ILE D 161 27.90 21.66 4.73
N SER D 162 29.08 21.34 4.19
CA SER D 162 29.54 19.96 4.19
C SER D 162 29.97 19.55 5.58
N SER D 163 29.47 18.39 6.04
CA SER D 163 29.67 17.97 7.43
C SER D 163 31.14 17.94 7.83
N LYS D 164 32.05 17.70 6.89
CA LYS D 164 33.47 17.66 7.24
C LYS D 164 33.98 19.03 7.65
N SER D 165 33.49 20.08 7.01
CA SER D 165 34.00 21.42 7.28
C SER D 165 33.31 22.09 8.46
N ALA D 166 32.08 21.67 8.78
CA ALA D 166 31.38 22.19 9.95
C ALA D 166 32.27 22.17 11.17
N GLY D 167 32.55 23.36 11.69
CA GLY D 167 33.43 23.52 12.82
C GLY D 167 32.82 23.02 14.11
N PRO D 168 33.67 22.62 15.06
CA PRO D 168 33.14 22.05 16.31
C PRO D 168 32.33 23.06 17.11
N GLY D 169 32.60 24.35 16.96
CA GLY D 169 31.78 25.36 17.60
C GLY D 169 30.35 25.30 17.08
N THR D 170 30.20 25.28 15.75
CA THR D 170 28.87 25.19 15.18
C THR D 170 28.16 23.93 15.62
N ARG D 171 28.87 22.79 15.63
CA ARG D 171 28.23 21.55 16.01
C ARG D 171 27.74 21.59 17.45
N ALA D 172 28.52 22.18 18.35
CA ALA D 172 28.16 22.17 19.76
C ALA D 172 27.10 23.22 20.09
N ASN D 173 27.01 24.32 19.34
CA ASN D 173 25.92 25.28 19.54
C ASN D 173 25.35 25.65 18.17
N ILE D 174 24.52 24.76 17.64
CA ILE D 174 23.94 24.98 16.31
C ILE D 174 22.76 25.96 16.38
N ASP D 175 22.04 26.03 17.51
CA ASP D 175 21.02 27.07 17.65
C ASP D 175 21.63 28.45 17.55
N GLU D 176 22.80 28.66 18.16
CA GLU D 176 23.42 29.98 18.15
C GLU D 176 23.69 30.45 16.74
N PHE D 177 24.00 29.52 15.82
CA PHE D 177 24.20 29.91 14.44
C PHE D 177 22.94 30.60 13.89
N THR D 178 21.80 29.90 13.96
CA THR D 178 20.57 30.47 13.42
C THR D 178 20.15 31.73 14.19
N GLU D 179 20.52 31.83 15.47
CA GLU D 179 20.13 32.99 16.26
C GLU D 179 21.00 34.21 15.95
N THR D 180 22.33 34.03 15.95
CA THR D 180 23.23 35.12 15.60
C THR D 180 22.88 35.68 14.22
N THR D 181 22.62 34.78 13.27
CA THR D 181 22.47 35.20 11.88
C THR D 181 21.17 35.96 11.67
N SER D 182 20.08 35.50 12.27
CA SER D 182 18.82 36.22 12.19
C SER D 182 18.97 37.63 12.76
N LYS D 183 19.55 37.73 13.96
CA LYS D 183 19.80 39.02 14.60
C LYS D 183 20.48 39.96 13.63
N ALA D 184 21.53 39.50 12.98
CA ALA D 184 22.30 40.36 12.08
C ALA D 184 21.60 40.56 10.75
N ILE D 185 20.79 39.61 10.32
CA ILE D 185 19.92 39.85 9.17
C ILE D 185 19.05 41.08 9.40
N LEU D 186 18.56 41.26 10.63
CA LEU D 186 17.81 42.47 10.99
C LEU D 186 18.73 43.69 11.02
N GLU D 187 19.69 43.69 11.95
CA GLU D 187 20.50 44.87 12.22
C GLU D 187 21.31 45.30 11.01
N VAL D 188 22.10 44.39 10.46
CA VAL D 188 23.01 44.76 9.41
C VAL D 188 22.37 44.59 8.03
N GLY D 189 21.51 43.58 7.87
CA GLY D 189 20.94 43.30 6.57
C GLY D 189 19.81 44.22 6.19
N GLY D 190 19.10 44.78 7.17
CA GLY D 190 18.02 45.72 6.92
C GLY D 190 16.63 45.11 6.82
N ALA D 191 16.45 43.85 7.19
CA ALA D 191 15.16 43.19 7.05
C ALA D 191 14.32 43.43 8.28
N ALA D 192 13.02 43.65 8.05
CA ALA D 192 12.05 43.77 9.14
C ALA D 192 11.98 42.50 9.97
N GLN D 193 11.84 41.35 9.32
CA GLN D 193 11.90 40.03 9.95
C GLN D 193 13.01 39.21 9.30
N GLY D 194 13.61 38.33 10.09
CA GLY D 194 14.75 37.55 9.63
C GLY D 194 14.70 36.11 10.10
N ARG D 195 15.30 35.23 9.29
CA ARG D 195 15.30 33.80 9.60
C ARG D 195 16.54 33.17 9.00
N ALA D 196 17.14 32.24 9.75
CA ALA D 196 18.34 31.56 9.28
C ALA D 196 18.24 30.08 9.60
N ILE D 197 18.50 29.25 8.59
CA ILE D 197 18.46 27.79 8.70
C ILE D 197 19.81 27.23 8.26
N ILE D 198 20.23 26.13 8.88
CA ILE D 198 21.53 25.51 8.61
C ILE D 198 21.37 23.99 8.45
N ILE D 199 22.01 23.44 7.43
CA ILE D 199 21.91 22.03 7.07
C ILE D 199 23.32 21.48 6.87
N LEU D 200 23.68 20.42 7.60
CA LEU D 200 24.93 19.70 7.41
C LEU D 200 24.70 18.44 6.56
N ASN D 201 25.51 18.27 5.51
CA ASN D 201 25.35 17.17 4.57
C ASN D 201 26.67 16.45 4.42
N PRO D 202 26.73 15.14 4.66
CA PRO D 202 28.01 14.43 4.59
C PRO D 202 28.30 13.81 3.22
N ALA D 203 27.67 14.32 2.16
CA ALA D 203 27.89 13.77 0.83
C ALA D 203 29.37 13.76 0.46
N GLU D 204 29.81 12.62 -0.06
CA GLU D 204 31.12 12.49 -0.70
C GLU D 204 30.99 12.53 -2.21
N PRO D 205 31.81 13.33 -2.90
CA PRO D 205 32.84 14.26 -2.40
C PRO D 205 32.22 15.44 -1.70
N PRO D 206 32.91 16.04 -0.72
CA PRO D 206 32.27 17.08 0.08
C PRO D 206 31.67 18.19 -0.77
N LEU D 207 30.47 18.60 -0.39
CA LEU D 207 29.78 19.66 -1.12
C LEU D 207 30.47 21.00 -0.89
N ILE D 208 30.54 21.80 -1.94
CA ILE D 208 30.86 23.20 -1.73
C ILE D 208 29.71 23.87 -0.98
N MET D 209 30.05 24.84 -0.13
CA MET D 209 29.02 25.58 0.60
C MET D 209 28.00 26.17 -0.36
N ARG D 210 26.74 26.10 0.06
CA ARG D 210 25.63 26.70 -0.67
C ARG D 210 24.85 27.56 0.31
N ASP D 211 24.39 28.71 -0.17
CA ASP D 211 23.62 29.64 0.64
C ASP D 211 22.49 30.14 -0.24
N THR D 212 21.26 29.87 0.17
CA THR D 212 20.09 30.36 -0.55
C THR D 212 19.50 31.51 0.25
N VAL D 213 19.20 32.61 -0.43
CA VAL D 213 18.69 33.80 0.23
C VAL D 213 17.31 34.12 -0.34
N TYR D 214 16.30 34.13 0.54
CA TYR D 214 14.92 34.49 0.19
C TYR D 214 14.63 35.90 0.73
N CYS D 215 14.22 36.80 -0.17
CA CYS D 215 13.80 38.15 0.19
C CYS D 215 12.36 38.37 -0.24
N PHE D 216 11.58 39.00 0.62
CA PHE D 216 10.17 39.29 0.31
C PHE D 216 9.94 40.80 0.36
N VAL D 217 9.61 41.38 -0.79
CA VAL D 217 9.42 42.81 -0.92
C VAL D 217 8.05 43.07 -1.55
N SER D 218 7.61 44.33 -1.47
CA SER D 218 6.32 44.72 -2.03
C SER D 218 6.29 44.43 -3.53
N ALA D 219 5.08 44.17 -4.04
CA ALA D 219 4.93 43.86 -5.47
C ALA D 219 5.48 44.97 -6.36
N GLU D 220 5.69 46.15 -5.81
CA GLU D 220 6.16 47.29 -6.60
C GLU D 220 7.60 47.10 -7.06
N ALA D 221 8.44 46.51 -6.20
CA ALA D 221 9.90 46.58 -6.31
C ALA D 221 10.39 46.38 -7.73
N ASN D 222 11.38 47.18 -8.13
CA ASN D 222 11.93 47.09 -9.48
C ASN D 222 12.77 45.83 -9.62
N ILE D 223 12.28 44.88 -10.43
CA ILE D 223 12.98 43.61 -10.61
C ILE D 223 14.38 43.81 -11.16
N ASP D 224 14.49 44.59 -12.26
CA ASP D 224 15.79 44.81 -12.89
C ASP D 224 16.76 45.48 -11.93
N ALA D 225 16.28 46.44 -11.15
CA ALA D 225 17.14 47.12 -10.19
C ALA D 225 17.65 46.16 -9.13
N ILE D 226 16.78 45.26 -8.64
CA ILE D 226 17.23 44.26 -7.67
C ILE D 226 18.33 43.40 -8.27
N THR D 227 18.11 42.90 -9.48
CA THR D 227 19.12 42.09 -10.15
C THR D 227 20.45 42.83 -10.22
N ASP D 228 20.41 44.13 -10.52
CA ASP D 228 21.64 44.90 -10.62
C ASP D 228 22.31 45.03 -9.25
N SER D 229 21.53 45.41 -8.24
CA SER D 229 22.09 45.60 -6.92
C SER D 229 22.74 44.32 -6.41
N VAL D 230 22.11 43.17 -6.70
CA VAL D 230 22.61 41.90 -6.19
C VAL D 230 23.90 41.51 -6.91
N GLU D 231 23.91 41.59 -8.25
CA GLU D 231 25.09 41.18 -9.00
C GLU D 231 26.27 42.11 -8.75
N GLN D 232 26.00 43.40 -8.59
CA GLN D 232 27.06 44.32 -8.22
C GLN D 232 27.60 43.97 -6.84
N MET D 233 26.70 43.67 -5.89
CA MET D 233 27.15 43.29 -4.55
C MET D 233 27.98 42.01 -4.58
N VAL D 234 27.66 41.09 -5.49
CA VAL D 234 28.46 39.87 -5.60
C VAL D 234 29.92 40.23 -5.83
N LYS D 235 30.19 41.05 -6.86
CA LYS D 235 31.55 41.47 -7.15
C LYS D 235 32.20 42.19 -5.97
N SER D 236 31.43 43.04 -5.27
CA SER D 236 32.00 43.70 -4.10
C SER D 236 32.47 42.68 -3.07
N VAL D 237 31.86 41.50 -3.05
CA VAL D 237 32.22 40.46 -2.10
C VAL D 237 33.35 39.57 -2.61
N GLN D 238 33.45 39.33 -3.91
CA GLN D 238 34.57 38.53 -4.38
C GLN D 238 35.89 39.25 -4.28
N GLU D 239 35.89 40.57 -4.00
CA GLU D 239 37.13 41.27 -3.70
C GLU D 239 37.88 40.64 -2.53
N TYR D 240 37.18 39.94 -1.63
CA TYR D 240 37.84 39.19 -0.57
C TYR D 240 37.34 37.77 -0.43
N VAL D 241 36.32 37.36 -1.17
CA VAL D 241 35.95 35.95 -1.24
C VAL D 241 35.90 35.57 -2.70
N PRO D 242 37.05 35.27 -3.31
CA PRO D 242 37.05 34.83 -4.73
C PRO D 242 36.06 33.74 -5.04
N GLY D 243 35.89 32.73 -4.19
CA GLY D 243 35.00 31.64 -4.49
C GLY D 243 33.52 31.98 -4.44
N TYR D 244 33.16 33.20 -4.09
CA TYR D 244 31.78 33.61 -3.83
C TYR D 244 31.10 33.95 -5.15
N ARG D 245 30.25 33.05 -5.64
CA ARG D 245 29.64 33.25 -6.95
C ARG D 245 28.16 32.85 -6.94
N LEU D 246 27.37 33.55 -7.76
CA LEU D 246 26.01 33.11 -8.01
C LEU D 246 25.99 31.75 -8.69
N LYS D 247 25.17 30.84 -8.17
CA LYS D 247 24.99 29.56 -8.84
C LYS D 247 23.88 29.60 -9.87
N GLN D 248 22.94 30.54 -9.71
CA GLN D 248 21.79 30.68 -10.57
C GLN D 248 21.47 32.16 -10.72
N LYS D 249 20.97 32.52 -11.90
CA LYS D 249 20.47 33.88 -12.08
C LYS D 249 19.45 34.18 -11.00
N VAL D 250 19.40 35.45 -10.58
CA VAL D 250 18.48 35.84 -9.51
C VAL D 250 17.05 35.57 -9.95
N GLN D 251 16.26 34.97 -9.06
CA GLN D 251 14.90 34.57 -9.35
C GLN D 251 13.91 35.45 -8.61
N PHE D 252 12.74 35.64 -9.22
CA PHE D 252 11.67 36.48 -8.70
C PHE D 252 10.34 35.79 -8.90
N GLU D 253 9.47 35.82 -7.88
CA GLU D 253 8.15 35.21 -7.95
C GLU D 253 7.10 36.20 -7.44
N LYS D 254 6.20 36.60 -8.34
CA LYS D 254 5.06 37.40 -7.92
C LYS D 254 4.20 36.57 -6.97
N ILE D 255 4.01 37.07 -5.75
CA ILE D 255 3.08 36.46 -4.80
C ILE D 255 1.76 37.19 -5.00
N VAL D 256 0.94 36.65 -5.90
CA VAL D 256 -0.28 37.31 -6.32
C VAL D 256 -1.39 37.06 -5.30
N ALA D 257 -2.43 37.87 -5.38
CA ALA D 257 -3.65 37.54 -4.66
C ALA D 257 -4.18 36.20 -5.16
N GLY D 258 -4.63 35.36 -4.23
CA GLY D 258 -4.91 33.98 -4.53
C GLY D 258 -3.80 33.02 -4.13
N ASN D 259 -2.64 33.54 -3.71
CA ASN D 259 -1.55 32.73 -3.18
C ASN D 259 -0.87 33.44 -2.01
N GLU D 260 -1.67 34.10 -1.17
CA GLU D 260 -1.15 34.79 0.01
C GLU D 260 -0.31 33.86 0.87
N GLN D 261 0.83 34.38 1.36
CA GLN D 261 1.75 33.64 2.22
C GLN D 261 1.75 34.22 3.63
N ASN D 262 1.88 33.35 4.62
CA ASN D 262 1.92 33.78 6.01
C ASN D 262 3.34 34.19 6.43
N ILE D 263 3.81 35.26 5.80
CA ILE D 263 5.10 35.86 6.19
C ILE D 263 5.04 36.24 7.66
N PRO D 264 5.99 35.80 8.50
CA PRO D 264 5.92 36.18 9.92
C PRO D 264 6.21 37.67 10.08
N GLY D 265 5.63 38.24 11.14
CA GLY D 265 5.70 39.68 11.36
C GLY D 265 4.64 40.43 10.60
N LEU D 266 4.52 40.17 9.30
CA LEU D 266 3.37 40.58 8.54
C LEU D 266 2.27 39.53 8.73
N GLY D 267 1.12 39.75 8.14
CA GLY D 267 0.07 38.75 8.14
C GLY D 267 0.17 37.86 6.92
N TRP D 268 -0.99 37.37 6.48
CA TRP D 268 -1.10 36.83 5.13
C TRP D 268 -0.86 37.95 4.13
N SER D 269 0.13 37.80 3.27
CA SER D 269 0.60 38.92 2.49
C SER D 269 0.73 38.56 1.01
N THR D 270 0.84 39.61 0.21
CA THR D 270 1.09 39.53 -1.21
C THR D 270 2.33 40.38 -1.51
N GLY D 271 3.00 40.11 -2.63
CA GLY D 271 4.19 40.88 -2.99
C GLY D 271 5.13 40.06 -3.86
N LEU D 272 6.42 40.38 -3.76
CA LEU D 272 7.46 39.75 -4.57
C LEU D 272 8.41 38.91 -3.72
N LYS D 273 8.78 37.74 -4.25
CA LYS D 273 9.71 36.80 -3.62
C LYS D 273 11.01 36.75 -4.42
N VAL D 274 12.12 37.11 -3.77
CA VAL D 274 13.43 37.14 -4.43
C VAL D 274 14.25 35.97 -3.92
N SER D 275 14.77 35.18 -4.84
CA SER D 275 15.57 34.00 -4.50
C SER D 275 16.90 34.09 -5.25
N VAL D 276 17.98 34.12 -4.49
CA VAL D 276 19.30 34.18 -5.06
C VAL D 276 20.08 32.99 -4.53
N PHE D 277 20.71 32.26 -5.43
CA PHE D 277 21.35 30.99 -5.07
C PHE D 277 22.86 31.17 -5.12
N LEU D 278 23.46 31.23 -3.95
CA LEU D 278 24.89 31.43 -3.83
C LEU D 278 25.63 30.10 -3.76
N GLU D 279 26.94 30.18 -3.98
CA GLU D 279 27.84 29.07 -3.75
C GLU D 279 29.17 29.69 -3.33
N VAL D 280 29.80 29.15 -2.30
CA VAL D 280 30.98 29.75 -1.70
C VAL D 280 32.05 28.67 -1.68
N GLU D 281 32.87 28.64 -2.73
CA GLU D 281 34.05 27.79 -2.76
C GLU D 281 35.16 28.38 -1.90
N GLY D 282 35.83 27.51 -1.14
CA GLY D 282 36.97 27.96 -0.36
C GLY D 282 38.15 28.32 -1.24
N ALA D 283 38.99 29.22 -0.71
CA ALA D 283 40.10 29.78 -1.48
C ALA D 283 41.24 28.79 -1.69
N GLY D 284 41.35 27.75 -0.87
CA GLY D 284 42.38 26.73 -1.02
C GLY D 284 43.69 27.01 -0.32
N HIS D 285 43.78 28.09 0.47
CA HIS D 285 45.07 28.52 1.01
C HIS D 285 45.62 27.52 2.02
N TYR D 286 44.79 27.06 2.95
CA TYR D 286 45.16 26.03 3.91
C TYR D 286 43.99 25.10 4.14
N LEU D 287 42.78 25.68 4.19
CA LEU D 287 41.54 24.91 4.25
C LEU D 287 41.17 24.42 2.84
N PRO D 288 40.48 23.29 2.75
CA PRO D 288 40.04 22.80 1.44
C PRO D 288 38.98 23.70 0.82
N SER D 289 38.76 23.49 -0.48
CA SER D 289 37.81 24.30 -1.23
C SER D 289 36.38 24.09 -0.73
N TYR D 290 36.07 22.91 -0.23
CA TYR D 290 34.73 22.65 0.26
C TYR D 290 34.50 23.29 1.62
N ALA D 291 35.53 23.82 2.28
CA ALA D 291 35.33 24.49 3.57
C ALA D 291 34.98 25.96 3.41
N GLY D 292 34.08 26.32 2.49
CA GLY D 292 33.74 27.72 2.29
C GLY D 292 33.22 28.39 3.56
N ASN D 293 32.60 27.62 4.46
CA ASN D 293 32.12 28.17 5.72
C ASN D 293 33.27 28.78 6.52
N LEU D 294 34.40 28.09 6.59
CA LEU D 294 35.55 28.60 7.34
C LEU D 294 36.33 29.65 6.54
N ASP D 295 36.46 29.48 5.22
CA ASP D 295 37.19 30.43 4.40
C ASP D 295 36.50 31.80 4.34
N ILE D 296 35.17 31.83 4.39
CA ILE D 296 34.53 33.14 4.31
C ILE D 296 34.75 33.90 5.60
N MET D 297 34.93 33.19 6.71
CA MET D 297 35.24 33.85 7.96
C MET D 297 36.65 34.45 7.94
N THR D 298 37.68 33.65 7.58
CA THR D 298 39.02 34.24 7.57
C THR D 298 39.12 35.36 6.56
N SER D 299 38.55 35.18 5.36
CA SER D 299 38.57 36.27 4.38
C SER D 299 37.93 37.55 4.93
N ALA D 300 36.75 37.43 5.55
CA ALA D 300 36.05 38.63 6.01
C ALA D 300 36.77 39.27 7.19
N GLY D 301 37.30 38.47 8.12
CA GLY D 301 38.13 39.05 9.17
C GLY D 301 39.36 39.75 8.61
N LEU D 302 40.00 39.12 7.62
CA LEU D 302 41.17 39.72 6.99
C LEU D 302 40.85 41.08 6.38
N THR D 303 39.73 41.17 5.63
CA THR D 303 39.44 42.43 4.96
C THR D 303 39.05 43.53 5.94
N VAL D 304 38.45 43.16 7.08
CA VAL D 304 38.19 44.13 8.12
C VAL D 304 39.50 44.64 8.71
N ALA D 305 40.44 43.74 8.97
CA ALA D 305 41.74 44.16 9.48
C ALA D 305 42.42 45.09 8.49
N GLU D 306 42.31 44.79 7.20
CA GLU D 306 43.00 45.62 6.23
C GLU D 306 42.34 46.99 6.12
N ARG D 307 41.02 47.04 6.25
CA ARG D 307 40.34 48.34 6.15
C ARG D 307 40.70 49.24 7.34
N ILE D 308 40.81 48.64 8.53
CA ILE D 308 41.39 49.35 9.66
C ILE D 308 42.76 49.89 9.30
N ALA D 309 43.59 49.03 8.70
CA ALA D 309 44.98 49.41 8.41
C ALA D 309 45.04 50.62 7.48
N GLY D 310 44.30 50.57 6.38
CA GLY D 310 44.31 51.68 5.45
C GLY D 310 43.52 52.89 5.90
N SER D 311 42.73 52.78 6.97
CA SER D 311 41.95 53.93 7.42
C SER D 311 42.84 55.00 8.05
N GLY D 312 43.88 54.60 8.77
CA GLY D 312 44.81 55.54 9.39
C GLY D 312 44.46 55.84 10.84
#